data_2HXX
# 
_entry.id   2HXX 
# 
_audit_conform.dict_name       mmcif_pdbx.dic 
_audit_conform.dict_version    5.398 
_audit_conform.dict_location   http://mmcif.pdb.org/dictionaries/ascii/mmcif_pdbx.dic 
# 
loop_
_database_2.database_id 
_database_2.database_code 
_database_2.pdbx_database_accession 
_database_2.pdbx_DOI 
PDB   2HXX         pdb_00002hxx 10.2210/pdb2hxx/pdb 
RCSB  RCSB038891   ?            ?                   
WWPDB D_1000038891 ?            ?                   
# 
loop_
_pdbx_audit_revision_history.ordinal 
_pdbx_audit_revision_history.data_content_type 
_pdbx_audit_revision_history.major_revision 
_pdbx_audit_revision_history.minor_revision 
_pdbx_audit_revision_history.revision_date 
1 'Structure model' 1 0 2006-08-22 
2 'Structure model' 1 1 2008-05-01 
3 'Structure model' 1 2 2011-07-13 
4 'Structure model' 1 3 2012-02-08 
5 'Structure model' 1 4 2017-10-18 
6 'Structure model' 1 5 2024-11-06 
# 
_pdbx_audit_revision_details.ordinal             1 
_pdbx_audit_revision_details.revision_ordinal    1 
_pdbx_audit_revision_details.data_content_type   'Structure model' 
_pdbx_audit_revision_details.provider            repository 
_pdbx_audit_revision_details.type                'Initial release' 
_pdbx_audit_revision_details.description         ? 
_pdbx_audit_revision_details.details             ? 
# 
loop_
_pdbx_audit_revision_group.ordinal 
_pdbx_audit_revision_group.revision_ordinal 
_pdbx_audit_revision_group.data_content_type 
_pdbx_audit_revision_group.group 
1  2 'Structure model' 'Version format compliance' 
2  3 'Structure model' 'Version format compliance' 
3  4 'Structure model' 'Structure summary'         
4  5 'Structure model' Advisory                    
5  5 'Structure model' 'Refinement description'    
6  6 'Structure model' Advisory                    
7  6 'Structure model' 'Data collection'           
8  6 'Structure model' 'Database references'       
9  6 'Structure model' 'Derived calculations'      
10 6 'Structure model' 'Structure summary'         
# 
loop_
_pdbx_audit_revision_category.ordinal 
_pdbx_audit_revision_category.revision_ordinal 
_pdbx_audit_revision_category.data_content_type 
_pdbx_audit_revision_category.category 
1  5 'Structure model' pdbx_unobs_or_zero_occ_atoms    
2  5 'Structure model' pdbx_unobs_or_zero_occ_residues 
3  5 'Structure model' software                        
4  6 'Structure model' chem_comp_atom                  
5  6 'Structure model' chem_comp_bond                  
6  6 'Structure model' database_2                      
7  6 'Structure model' pdbx_entry_details              
8  6 'Structure model' pdbx_modification_feature       
9  6 'Structure model' pdbx_unobs_or_zero_occ_atoms    
10 6 'Structure model' pdbx_unobs_or_zero_occ_residues 
11 6 'Structure model' struct_conn                     
12 6 'Structure model' struct_ref_seq_dif              
# 
loop_
_pdbx_audit_revision_item.ordinal 
_pdbx_audit_revision_item.revision_ordinal 
_pdbx_audit_revision_item.data_content_type 
_pdbx_audit_revision_item.item 
1 5 'Structure model' '_software.name'                      
2 6 'Structure model' '_database_2.pdbx_DOI'                
3 6 'Structure model' '_database_2.pdbx_database_accession' 
4 6 'Structure model' '_struct_conn.pdbx_leaving_atom_flag' 
5 6 'Structure model' '_struct_ref_seq_dif.details'         
# 
_pdbx_database_status.status_code                     REL 
_pdbx_database_status.entry_id                        2HXX 
_pdbx_database_status.recvd_initial_deposition_date   2006-08-04 
_pdbx_database_status.deposit_site                    RCSB 
_pdbx_database_status.process_site                    RCSB 
_pdbx_database_status.status_code_sf                  REL 
_pdbx_database_status.status_code_mr                  ? 
_pdbx_database_status.SG_entry                        ? 
_pdbx_database_status.status_code_cs                  ? 
_pdbx_database_status.methods_development_category    ? 
_pdbx_database_status.pdb_format_compatible           Y 
_pdbx_database_status.status_code_nmr_data            ? 
# 
loop_
_audit_author.name 
_audit_author.pdbx_ordinal 
'Rubini, M.'   1 
'Lepthien, S.' 2 
'Golbik, R.'   3 
'Budisa, N.'   4 
# 
_citation.id                        primary 
_citation.title                     'Aminotryptophan-containing barstar' 
_citation.journal_abbrev            BIOCHIM.BIOPHYS.ACTA 
_citation.journal_volume            1764 
_citation.page_first                1147 
_citation.page_last                 1158 
_citation.year                      2006 
_citation.journal_id_ASTM           BBACAQ 
_citation.country                   NE 
_citation.journal_id_ISSN           0006-3002 
_citation.journal_id_CSD            0113 
_citation.book_publisher            ? 
_citation.pdbx_database_id_PubMed   16782415 
_citation.pdbx_database_id_DOI      10.1016/j.bbapap.2006.04.012 
# 
loop_
_citation_author.citation_id 
_citation_author.name 
_citation_author.ordinal 
_citation_author.identifier_ORCID 
primary 'Rubini, M.'   1 ? 
primary 'Lepthien, S.' 2 ? 
primary 'Golbik, R.'   3 ? 
primary 'Budisa, N.'   4 ? 
# 
loop_
_entity.id 
_entity.type 
_entity.src_method 
_entity.pdbx_description 
_entity.formula_weight 
_entity.pdbx_number_of_molecules 
_entity.pdbx_ec 
_entity.pdbx_mutation 
_entity.pdbx_fragment 
_entity.details 
1 polymer man Barstar 10176.420 2  ? ? ? ? 
2 water   nat water   18.015    70 ? ? ? ? 
# 
_entity_name_com.entity_id   1 
_entity_name_com.name        'Ribonuclease inhibitor' 
# 
_entity_poly.entity_id                      1 
_entity_poly.type                           'polypeptide(L)' 
_entity_poly.nstd_linkage                   no 
_entity_poly.nstd_monomer                   yes 
_entity_poly.pdbx_seq_one_letter_code       
;KKAVINGEQIRSISDLHQTLKKELALAEYYGENLDAL(4IN)DALTG(4IN)VEYPLVLE(4IN)RQFEQSKQLTENGAE
SVLQVFREAKAEGADITIILS
;
_entity_poly.pdbx_seq_one_letter_code_can   
;KKAVINGEQIRSISDLHQTLKKELALAEYYGENLDALWDALTGWVEYPLVLEWRQFEQSKQLTENGAESVLQVFREAKAE
GADITIILS
;
_entity_poly.pdbx_strand_id                 A,B 
_entity_poly.pdbx_target_identifier         ? 
# 
_pdbx_entity_nonpoly.entity_id   2 
_pdbx_entity_nonpoly.name        water 
_pdbx_entity_nonpoly.comp_id     HOH 
# 
loop_
_entity_poly_seq.entity_id 
_entity_poly_seq.num 
_entity_poly_seq.mon_id 
_entity_poly_seq.hetero 
1 1  LYS n 
1 2  LYS n 
1 3  ALA n 
1 4  VAL n 
1 5  ILE n 
1 6  ASN n 
1 7  GLY n 
1 8  GLU n 
1 9  GLN n 
1 10 ILE n 
1 11 ARG n 
1 12 SER n 
1 13 ILE n 
1 14 SER n 
1 15 ASP n 
1 16 LEU n 
1 17 HIS n 
1 18 GLN n 
1 19 THR n 
1 20 LEU n 
1 21 LYS n 
1 22 LYS n 
1 23 GLU n 
1 24 LEU n 
1 25 ALA n 
1 26 LEU n 
1 27 ALA n 
1 28 GLU n 
1 29 TYR n 
1 30 TYR n 
1 31 GLY n 
1 32 GLU n 
1 33 ASN n 
1 34 LEU n 
1 35 ASP n 
1 36 ALA n 
1 37 LEU n 
1 38 4IN n 
1 39 ASP n 
1 40 ALA n 
1 41 LEU n 
1 42 THR n 
1 43 GLY n 
1 44 4IN n 
1 45 VAL n 
1 46 GLU n 
1 47 TYR n 
1 48 PRO n 
1 49 LEU n 
1 50 VAL n 
1 51 LEU n 
1 52 GLU n 
1 53 4IN n 
1 54 ARG n 
1 55 GLN n 
1 56 PHE n 
1 57 GLU n 
1 58 GLN n 
1 59 SER n 
1 60 LYS n 
1 61 GLN n 
1 62 LEU n 
1 63 THR n 
1 64 GLU n 
1 65 ASN n 
1 66 GLY n 
1 67 ALA n 
1 68 GLU n 
1 69 SER n 
1 70 VAL n 
1 71 LEU n 
1 72 GLN n 
1 73 VAL n 
1 74 PHE n 
1 75 ARG n 
1 76 GLU n 
1 77 ALA n 
1 78 LYS n 
1 79 ALA n 
1 80 GLU n 
1 81 GLY n 
1 82 ALA n 
1 83 ASP n 
1 84 ILE n 
1 85 THR n 
1 86 ILE n 
1 87 ILE n 
1 88 LEU n 
1 89 SER n 
# 
_entity_src_gen.entity_id                          1 
_entity_src_gen.pdbx_src_id                        1 
_entity_src_gen.pdbx_alt_source_flag               sample 
_entity_src_gen.pdbx_seq_type                      ? 
_entity_src_gen.pdbx_beg_seq_num                   ? 
_entity_src_gen.pdbx_end_seq_num                   ? 
_entity_src_gen.gene_src_common_name               ? 
_entity_src_gen.gene_src_genus                     Bacillus 
_entity_src_gen.pdbx_gene_src_gene                 ? 
_entity_src_gen.gene_src_species                   ? 
_entity_src_gen.gene_src_strain                    ? 
_entity_src_gen.gene_src_tissue                    ? 
_entity_src_gen.gene_src_tissue_fraction           ? 
_entity_src_gen.gene_src_details                   ? 
_entity_src_gen.pdbx_gene_src_fragment             ? 
_entity_src_gen.pdbx_gene_src_scientific_name      'Bacillus amyloliquefaciens' 
_entity_src_gen.pdbx_gene_src_ncbi_taxonomy_id     1390 
_entity_src_gen.pdbx_gene_src_variant              ? 
_entity_src_gen.pdbx_gene_src_cell_line            ? 
_entity_src_gen.pdbx_gene_src_atcc                 ? 
_entity_src_gen.pdbx_gene_src_organ                ? 
_entity_src_gen.pdbx_gene_src_organelle            ? 
_entity_src_gen.pdbx_gene_src_cell                 ? 
_entity_src_gen.pdbx_gene_src_cellular_location    ? 
_entity_src_gen.host_org_common_name               ? 
_entity_src_gen.pdbx_host_org_scientific_name      'Escherichia coli' 
_entity_src_gen.pdbx_host_org_ncbi_taxonomy_id     562 
_entity_src_gen.host_org_genus                     Escherichia 
_entity_src_gen.pdbx_host_org_gene                 ? 
_entity_src_gen.pdbx_host_org_organ                ? 
_entity_src_gen.host_org_species                   ? 
_entity_src_gen.pdbx_host_org_tissue               ? 
_entity_src_gen.pdbx_host_org_tissue_fraction      ? 
_entity_src_gen.pdbx_host_org_strain               ATCC49980 
_entity_src_gen.pdbx_host_org_variant              ? 
_entity_src_gen.pdbx_host_org_cell_line            ? 
_entity_src_gen.pdbx_host_org_atcc                 ? 
_entity_src_gen.pdbx_host_org_culture_collection   ? 
_entity_src_gen.pdbx_host_org_cell                 ? 
_entity_src_gen.pdbx_host_org_organelle            ? 
_entity_src_gen.pdbx_host_org_cellular_location    ? 
_entity_src_gen.pdbx_host_org_vector_type          plasmid 
_entity_src_gen.pdbx_host_org_vector               ? 
_entity_src_gen.host_org_details                   ? 
_entity_src_gen.expression_system_id               ? 
_entity_src_gen.plasmid_name                       pQE30-b* 
_entity_src_gen.plasmid_details                    ? 
_entity_src_gen.pdbx_description                   ? 
# 
loop_
_chem_comp.id 
_chem_comp.type 
_chem_comp.mon_nstd_flag 
_chem_comp.name 
_chem_comp.pdbx_synonyms 
_chem_comp.formula 
_chem_comp.formula_weight 
4IN 'L-peptide linking' n 4-AMINO-L-TRYPTOPHAN '2-AMINO-3-(4-AMINO-1H-INDOL-3-YL)PROPANOIC ACID' 'C11 H13 N3 O2'  219.240 
ALA 'L-peptide linking' y ALANINE              ?                                                 'C3 H7 N O2'     89.093  
ARG 'L-peptide linking' y ARGININE             ?                                                 'C6 H15 N4 O2 1' 175.209 
ASN 'L-peptide linking' y ASPARAGINE           ?                                                 'C4 H8 N2 O3'    132.118 
ASP 'L-peptide linking' y 'ASPARTIC ACID'      ?                                                 'C4 H7 N O4'     133.103 
CYS 'L-peptide linking' y CYSTEINE             ?                                                 'C3 H7 N O2 S'   121.158 
GLN 'L-peptide linking' y GLUTAMINE            ?                                                 'C5 H10 N2 O3'   146.144 
GLU 'L-peptide linking' y 'GLUTAMIC ACID'      ?                                                 'C5 H9 N O4'     147.129 
GLY 'peptide linking'   y GLYCINE              ?                                                 'C2 H5 N O2'     75.067  
HIS 'L-peptide linking' y HISTIDINE            ?                                                 'C6 H10 N3 O2 1' 156.162 
HOH non-polymer         . WATER                ?                                                 'H2 O'           18.015  
ILE 'L-peptide linking' y ISOLEUCINE           ?                                                 'C6 H13 N O2'    131.173 
LEU 'L-peptide linking' y LEUCINE              ?                                                 'C6 H13 N O2'    131.173 
LYS 'L-peptide linking' y LYSINE               ?                                                 'C6 H15 N2 O2 1' 147.195 
PHE 'L-peptide linking' y PHENYLALANINE        ?                                                 'C9 H11 N O2'    165.189 
PRO 'L-peptide linking' y PROLINE              ?                                                 'C5 H9 N O2'     115.130 
SER 'L-peptide linking' y SERINE               ?                                                 'C3 H7 N O3'     105.093 
THR 'L-peptide linking' y THREONINE            ?                                                 'C4 H9 N O3'     119.119 
TYR 'L-peptide linking' y TYROSINE             ?                                                 'C9 H11 N O3'    181.189 
VAL 'L-peptide linking' y VALINE               ?                                                 'C5 H11 N O2'    117.146 
# 
loop_
_pdbx_poly_seq_scheme.asym_id 
_pdbx_poly_seq_scheme.entity_id 
_pdbx_poly_seq_scheme.seq_id 
_pdbx_poly_seq_scheme.mon_id 
_pdbx_poly_seq_scheme.ndb_seq_num 
_pdbx_poly_seq_scheme.pdb_seq_num 
_pdbx_poly_seq_scheme.auth_seq_num 
_pdbx_poly_seq_scheme.pdb_mon_id 
_pdbx_poly_seq_scheme.auth_mon_id 
_pdbx_poly_seq_scheme.pdb_strand_id 
_pdbx_poly_seq_scheme.pdb_ins_code 
_pdbx_poly_seq_scheme.hetero 
A 1 1  LYS 1  1  1  LYS LYS A . n 
A 1 2  LYS 2  2  2  LYS LYS A . n 
A 1 3  ALA 3  3  3  ALA ALA A . n 
A 1 4  VAL 4  4  4  VAL VAL A . n 
A 1 5  ILE 5  5  5  ILE ILE A . n 
A 1 6  ASN 6  6  6  ASN ASN A . n 
A 1 7  GLY 7  7  7  GLY GLY A . n 
A 1 8  GLU 8  8  8  GLU GLU A . n 
A 1 9  GLN 9  9  9  GLN GLN A . n 
A 1 10 ILE 10 10 10 ILE ILE A . n 
A 1 11 ARG 11 11 11 ARG ARG A . n 
A 1 12 SER 12 12 12 SER SER A . n 
A 1 13 ILE 13 13 13 ILE ILE A . n 
A 1 14 SER 14 14 14 SER SER A . n 
A 1 15 ASP 15 15 15 ASP ASP A . n 
A 1 16 LEU 16 16 16 LEU LEU A . n 
A 1 17 HIS 17 17 17 HIS HIS A . n 
A 1 18 GLN 18 18 18 GLN GLN A . n 
A 1 19 THR 19 19 19 THR THR A . n 
A 1 20 LEU 20 20 20 LEU LEU A . n 
A 1 21 LYS 21 21 21 LYS LYS A . n 
A 1 22 LYS 22 22 22 LYS LYS A . n 
A 1 23 GLU 23 23 23 GLU GLU A . n 
A 1 24 LEU 24 24 24 LEU LEU A . n 
A 1 25 ALA 25 25 25 ALA ALA A . n 
A 1 26 LEU 26 26 26 LEU LEU A . n 
A 1 27 ALA 27 27 27 ALA ALA A . n 
A 1 28 GLU 28 28 28 GLU GLU A . n 
A 1 29 TYR 29 29 29 TYR TYR A . n 
A 1 30 TYR 30 30 30 TYR TYR A . n 
A 1 31 GLY 31 31 31 GLY GLY A . n 
A 1 32 GLU 32 32 32 GLU GLU A . n 
A 1 33 ASN 33 33 33 ASN ASN A . n 
A 1 34 LEU 34 34 34 LEU LEU A . n 
A 1 35 ASP 35 35 35 ASP ASP A . n 
A 1 36 ALA 36 36 36 ALA ALA A . n 
A 1 37 LEU 37 37 37 LEU LEU A . n 
A 1 38 4IN 38 38 38 4IN TRN A . n 
A 1 39 ASP 39 39 39 ASP ASP A . n 
A 1 40 ALA 40 40 40 ALA ALA A . n 
A 1 41 LEU 41 41 41 LEU LEU A . n 
A 1 42 THR 42 42 42 THR THR A . n 
A 1 43 GLY 43 43 43 GLY GLY A . n 
A 1 44 4IN 44 44 44 4IN TRN A . n 
A 1 45 VAL 45 45 45 VAL VAL A . n 
A 1 46 GLU 46 46 46 GLU GLU A . n 
A 1 47 TYR 47 47 47 TYR TYR A . n 
A 1 48 PRO 48 48 48 PRO PRO A . n 
A 1 49 LEU 49 49 49 LEU LEU A . n 
A 1 50 VAL 50 50 50 VAL VAL A . n 
A 1 51 LEU 51 51 51 LEU LEU A . n 
A 1 52 GLU 52 52 52 GLU GLU A . n 
A 1 53 4IN 53 53 53 4IN TRN A . n 
A 1 54 ARG 54 54 54 ARG ARG A . n 
A 1 55 GLN 55 55 55 GLN GLN A . n 
A 1 56 PHE 56 56 56 PHE PHE A . n 
A 1 57 GLU 57 57 57 GLU GLU A . n 
A 1 58 GLN 58 58 58 GLN GLN A . n 
A 1 59 SER 59 59 59 SER SER A . n 
A 1 60 LYS 60 60 60 LYS LYS A . n 
A 1 61 GLN 61 61 61 GLN GLN A . n 
A 1 62 LEU 62 62 62 LEU LEU A . n 
A 1 63 THR 63 63 63 THR THR A . n 
A 1 64 GLU 64 64 64 GLU GLU A . n 
A 1 65 ASN 65 65 65 ASN ASN A . n 
A 1 66 GLY 66 66 66 GLY GLY A . n 
A 1 67 ALA 67 67 67 ALA ALA A . n 
A 1 68 GLU 68 68 68 GLU GLU A . n 
A 1 69 SER 69 69 69 SER SER A . n 
A 1 70 VAL 70 70 70 VAL VAL A . n 
A 1 71 LEU 71 71 71 LEU LEU A . n 
A 1 72 GLN 72 72 72 GLN GLN A . n 
A 1 73 VAL 73 73 73 VAL VAL A . n 
A 1 74 PHE 74 74 74 PHE PHE A . n 
A 1 75 ARG 75 75 75 ARG ARG A . n 
A 1 76 GLU 76 76 76 GLU GLU A . n 
A 1 77 ALA 77 77 77 ALA ALA A . n 
A 1 78 LYS 78 78 78 LYS LYS A . n 
A 1 79 ALA 79 79 79 ALA ALA A . n 
A 1 80 GLU 80 80 80 GLU GLU A . n 
A 1 81 GLY 81 81 81 GLY GLY A . n 
A 1 82 ALA 82 82 82 ALA ALA A . n 
A 1 83 ASP 83 83 83 ASP ASP A . n 
A 1 84 ILE 84 84 84 ILE ILE A . n 
A 1 85 THR 85 85 85 THR THR A . n 
A 1 86 ILE 86 86 86 ILE ILE A . n 
A 1 87 ILE 87 87 87 ILE ILE A . n 
A 1 88 LEU 88 88 88 LEU LEU A . n 
A 1 89 SER 89 89 89 SER SER A . n 
B 1 1  LYS 1  1  1  LYS LYS B . n 
B 1 2  LYS 2  2  2  LYS LYS B . n 
B 1 3  ALA 3  3  3  ALA ALA B . n 
B 1 4  VAL 4  4  4  VAL VAL B . n 
B 1 5  ILE 5  5  5  ILE ILE B . n 
B 1 6  ASN 6  6  6  ASN ASN B . n 
B 1 7  GLY 7  7  7  GLY GLY B . n 
B 1 8  GLU 8  8  8  GLU GLU B . n 
B 1 9  GLN 9  9  9  GLN GLN B . n 
B 1 10 ILE 10 10 10 ILE ILE B . n 
B 1 11 ARG 11 11 11 ARG ARG B . n 
B 1 12 SER 12 12 12 SER SER B . n 
B 1 13 ILE 13 13 13 ILE ILE B . n 
B 1 14 SER 14 14 14 SER SER B . n 
B 1 15 ASP 15 15 15 ASP ASP B . n 
B 1 16 LEU 16 16 16 LEU LEU B . n 
B 1 17 HIS 17 17 17 HIS HIS B . n 
B 1 18 GLN 18 18 18 GLN GLN B . n 
B 1 19 THR 19 19 19 THR THR B . n 
B 1 20 LEU 20 20 20 LEU LEU B . n 
B 1 21 LYS 21 21 21 LYS LYS B . n 
B 1 22 LYS 22 22 22 LYS LYS B . n 
B 1 23 GLU 23 23 23 GLU GLU B . n 
B 1 24 LEU 24 24 24 LEU LEU B . n 
B 1 25 ALA 25 25 25 ALA ALA B . n 
B 1 26 LEU 26 26 26 LEU LEU B . n 
B 1 27 ALA 27 27 27 ALA ALA B . n 
B 1 28 GLU 28 28 28 GLU GLU B . n 
B 1 29 TYR 29 29 29 TYR TYR B . n 
B 1 30 TYR 30 30 30 TYR TYR B . n 
B 1 31 GLY 31 31 31 GLY GLY B . n 
B 1 32 GLU 32 32 32 GLU GLU B . n 
B 1 33 ASN 33 33 33 ASN ASN B . n 
B 1 34 LEU 34 34 34 LEU LEU B . n 
B 1 35 ASP 35 35 35 ASP ASP B . n 
B 1 36 ALA 36 36 36 ALA ALA B . n 
B 1 37 LEU 37 37 37 LEU LEU B . n 
B 1 38 4IN 38 38 38 4IN TRN B . n 
B 1 39 ASP 39 39 39 ASP ASP B . n 
B 1 40 ALA 40 40 40 ALA ALA B . n 
B 1 41 LEU 41 41 41 LEU LEU B . n 
B 1 42 THR 42 42 42 THR THR B . n 
B 1 43 GLY 43 43 43 GLY GLY B . n 
B 1 44 4IN 44 44 44 4IN TRN B . n 
B 1 45 VAL 45 45 45 VAL VAL B . n 
B 1 46 GLU 46 46 46 GLU GLU B . n 
B 1 47 TYR 47 47 47 TYR TYR B . n 
B 1 48 PRO 48 48 48 PRO PRO B . n 
B 1 49 LEU 49 49 49 LEU LEU B . n 
B 1 50 VAL 50 50 50 VAL VAL B . n 
B 1 51 LEU 51 51 51 LEU LEU B . n 
B 1 52 GLU 52 52 52 GLU GLU B . n 
B 1 53 4IN 53 53 53 4IN TRN B . n 
B 1 54 ARG 54 54 54 ARG ARG B . n 
B 1 55 GLN 55 55 55 GLN GLN B . n 
B 1 56 PHE 56 56 56 PHE PHE B . n 
B 1 57 GLU 57 57 57 GLU GLU B . n 
B 1 58 GLN 58 58 58 GLN GLU B . n 
B 1 59 SER 59 59 59 SER SER B . n 
B 1 60 LYS 60 60 60 LYS LYS B . n 
B 1 61 GLN 61 61 61 GLN GLN B . n 
B 1 62 LEU 62 62 62 LEU LEU B . n 
B 1 63 THR 63 63 63 THR THR B . n 
B 1 64 GLU 64 64 64 GLU GLU B . n 
B 1 65 ASN 65 65 65 ASN ASN B . n 
B 1 66 GLY 66 66 66 GLY GLY B . n 
B 1 67 ALA 67 67 67 ALA ALA B . n 
B 1 68 GLU 68 68 68 GLU GLU B . n 
B 1 69 SER 69 69 69 SER SER B . n 
B 1 70 VAL 70 70 70 VAL VAL B . n 
B 1 71 LEU 71 71 71 LEU LEU B . n 
B 1 72 GLN 72 72 72 GLN GLN B . n 
B 1 73 VAL 73 73 73 VAL VAL B . n 
B 1 74 PHE 74 74 74 PHE PHE B . n 
B 1 75 ARG 75 75 75 ARG ARG B . n 
B 1 76 GLU 76 76 76 GLU GLU B . n 
B 1 77 ALA 77 77 77 ALA ALA B . n 
B 1 78 LYS 78 78 78 LYS LYS B . n 
B 1 79 ALA 79 79 79 ALA ALA B . n 
B 1 80 GLU 80 80 80 GLU GLU B . n 
B 1 81 GLY 81 81 81 GLY GLY B . n 
B 1 82 ALA 82 82 82 ALA ALA B . n 
B 1 83 ASP 83 83 83 ASP ASP B . n 
B 1 84 ILE 84 84 84 ILE ILE B . n 
B 1 85 THR 85 85 85 THR THR B . n 
B 1 86 ILE 86 86 86 ILE ILE B . n 
B 1 87 ILE 87 87 87 ILE ILE B . n 
B 1 88 LEU 88 88 88 LEU LEU B . n 
B 1 89 SER 89 89 89 SER SER B . n 
# 
loop_
_pdbx_nonpoly_scheme.asym_id 
_pdbx_nonpoly_scheme.entity_id 
_pdbx_nonpoly_scheme.mon_id 
_pdbx_nonpoly_scheme.ndb_seq_num 
_pdbx_nonpoly_scheme.pdb_seq_num 
_pdbx_nonpoly_scheme.auth_seq_num 
_pdbx_nonpoly_scheme.pdb_mon_id 
_pdbx_nonpoly_scheme.auth_mon_id 
_pdbx_nonpoly_scheme.pdb_strand_id 
_pdbx_nonpoly_scheme.pdb_ins_code 
C 2 HOH 1  90  1  HOH WAT A . 
C 2 HOH 2  91  3  HOH WAT A . 
C 2 HOH 3  92  4  HOH WAT A . 
C 2 HOH 4  93  5  HOH WAT A . 
C 2 HOH 5  94  7  HOH WAT A . 
C 2 HOH 6  95  8  HOH WAT A . 
C 2 HOH 7  96  10 HOH WAT A . 
C 2 HOH 8  97  11 HOH WAT A . 
C 2 HOH 9  98  12 HOH WAT A . 
C 2 HOH 10 99  13 HOH WAT A . 
C 2 HOH 11 100 14 HOH WAT A . 
C 2 HOH 12 101 17 HOH WAT A . 
C 2 HOH 13 102 19 HOH WAT A . 
C 2 HOH 14 103 21 HOH WAT A . 
C 2 HOH 15 104 22 HOH WAT A . 
C 2 HOH 16 105 23 HOH WAT A . 
C 2 HOH 17 106 24 HOH WAT A . 
C 2 HOH 18 107 25 HOH WAT A . 
C 2 HOH 19 108 26 HOH WAT A . 
C 2 HOH 20 109 29 HOH WAT A . 
C 2 HOH 21 110 31 HOH WAT A . 
C 2 HOH 22 111 33 HOH WAT A . 
C 2 HOH 23 112 34 HOH WAT A . 
C 2 HOH 24 113 36 HOH WAT A . 
C 2 HOH 25 114 38 HOH WAT A . 
C 2 HOH 26 115 40 HOH WAT A . 
C 2 HOH 27 116 42 HOH WAT A . 
C 2 HOH 28 117 43 HOH WAT A . 
C 2 HOH 29 118 45 HOH WAT A . 
C 2 HOH 30 119 47 HOH WAT A . 
C 2 HOH 31 120 48 HOH WAT A . 
C 2 HOH 32 121 49 HOH WAT A . 
C 2 HOH 33 122 50 HOH WAT A . 
C 2 HOH 34 123 53 HOH WAT A . 
C 2 HOH 35 124 54 HOH WAT A . 
C 2 HOH 36 125 57 HOH WAT A . 
C 2 HOH 37 126 59 HOH WAT A . 
C 2 HOH 38 127 60 HOH WAT A . 
C 2 HOH 39 128 61 HOH WAT A . 
C 2 HOH 40 129 62 HOH WAT A . 
C 2 HOH 41 130 63 HOH WAT A . 
C 2 HOH 42 131 64 HOH WAT A . 
C 2 HOH 43 132 65 HOH WAT A . 
C 2 HOH 44 133 66 HOH WAT A . 
C 2 HOH 45 134 68 HOH WAT A . 
C 2 HOH 46 135 69 HOH WAT A . 
D 2 HOH 1  90  2  HOH WAT B . 
D 2 HOH 2  91  6  HOH WAT B . 
D 2 HOH 3  92  9  HOH WAT B . 
D 2 HOH 4  93  15 HOH WAT B . 
D 2 HOH 5  94  16 HOH WAT B . 
D 2 HOH 6  95  18 HOH WAT B . 
D 2 HOH 7  96  20 HOH WAT B . 
D 2 HOH 8  97  27 HOH WAT B . 
D 2 HOH 9  98  28 HOH WAT B . 
D 2 HOH 10 99  30 HOH WAT B . 
D 2 HOH 11 100 32 HOH WAT B . 
D 2 HOH 12 101 35 HOH WAT B . 
D 2 HOH 13 102 37 HOH WAT B . 
D 2 HOH 14 103 39 HOH WAT B . 
D 2 HOH 15 104 41 HOH WAT B . 
D 2 HOH 16 105 44 HOH WAT B . 
D 2 HOH 17 106 46 HOH WAT B . 
D 2 HOH 18 107 51 HOH WAT B . 
D 2 HOH 19 108 52 HOH WAT B . 
D 2 HOH 20 109 55 HOH WAT B . 
D 2 HOH 21 110 56 HOH WAT B . 
D 2 HOH 22 111 58 HOH WAT B . 
D 2 HOH 23 112 67 HOH WAT B . 
D 2 HOH 24 113 70 HOH WAT B . 
# 
loop_
_pdbx_unobs_or_zero_occ_atoms.id 
_pdbx_unobs_or_zero_occ_atoms.PDB_model_num 
_pdbx_unobs_or_zero_occ_atoms.polymer_flag 
_pdbx_unobs_or_zero_occ_atoms.occupancy_flag 
_pdbx_unobs_or_zero_occ_atoms.auth_asym_id 
_pdbx_unobs_or_zero_occ_atoms.auth_comp_id 
_pdbx_unobs_or_zero_occ_atoms.auth_seq_id 
_pdbx_unobs_or_zero_occ_atoms.PDB_ins_code 
_pdbx_unobs_or_zero_occ_atoms.auth_atom_id 
_pdbx_unobs_or_zero_occ_atoms.label_alt_id 
_pdbx_unobs_or_zero_occ_atoms.label_asym_id 
_pdbx_unobs_or_zero_occ_atoms.label_comp_id 
_pdbx_unobs_or_zero_occ_atoms.label_seq_id 
_pdbx_unobs_or_zero_occ_atoms.label_atom_id 
1  1 Y 0 A LYS 22 ? CD  ? A LYS 22 CD  
2  1 Y 0 A LYS 22 ? CE  ? A LYS 22 CE  
3  1 Y 0 A LYS 22 ? NZ  ? A LYS 22 NZ  
4  1 Y 0 A GLU 46 ? CG  ? A GLU 46 CG  
5  1 Y 0 A GLU 46 ? CD  ? A GLU 46 CD  
6  1 Y 0 A GLU 46 ? OE1 ? A GLU 46 OE1 
7  1 Y 0 A GLU 46 ? OE2 ? A GLU 46 OE2 
8  1 Y 0 A LYS 60 ? CE  ? A LYS 60 CE  
9  1 Y 0 A LYS 60 ? NZ  ? A LYS 60 NZ  
10 1 Y 0 A GLN 61 ? CD  ? A GLN 61 CD  
11 1 Y 0 A GLN 61 ? OE1 ? A GLN 61 OE1 
12 1 Y 0 A GLN 61 ? NE2 ? A GLN 61 NE2 
13 1 Y 0 A LEU 62 ? CD1 ? A LEU 62 CD1 
14 1 Y 0 B GLU 8  ? CG  ? B GLU 8  CG  
15 1 Y 0 B GLU 8  ? CD  ? B GLU 8  CD  
16 1 Y 0 B GLU 8  ? OE1 ? B GLU 8  OE1 
17 1 Y 0 B GLU 8  ? OE2 ? B GLU 8  OE2 
18 1 Y 0 B ARG 11 ? CD  ? B ARG 11 CD  
19 1 Y 0 B ARG 11 ? NE  ? B ARG 11 NE  
20 1 Y 0 B ARG 11 ? CZ  ? B ARG 11 CZ  
21 1 Y 0 B ARG 11 ? NH1 ? B ARG 11 NH1 
22 1 Y 0 B ARG 11 ? NH2 ? B ARG 11 NH2 
23 1 Y 0 B GLU 46 ? CB  ? B GLU 46 CB  
24 1 Y 0 B GLU 46 ? CG  ? B GLU 46 CG  
25 1 Y 0 B GLU 46 ? CD  ? B GLU 46 CD  
26 1 Y 0 B GLU 46 ? OE1 ? B GLU 46 OE1 
27 1 Y 0 B GLU 46 ? OE2 ? B GLU 46 OE2 
28 1 Y 0 B GLN 55 ? OE1 ? B GLN 55 OE1 
29 1 Y 0 B GLN 55 ? NE2 ? B GLN 55 NE2 
30 1 Y 0 B GLU 57 ? CB  ? B GLU 57 CB  
31 1 Y 0 B GLU 57 ? CG  ? B GLU 57 CG  
32 1 Y 0 B GLU 57 ? CD  ? B GLU 57 CD  
33 1 Y 0 B GLU 57 ? OE1 ? B GLU 57 OE1 
34 1 Y 0 B GLU 57 ? OE2 ? B GLU 57 OE2 
35 1 Y 0 B GLU 64 ? CG  ? B GLU 64 CG  
36 1 Y 0 B GLU 64 ? CD  ? B GLU 64 CD  
37 1 Y 0 B GLU 64 ? OE1 ? B GLU 64 OE1 
38 1 Y 0 B GLU 64 ? OE2 ? B GLU 64 OE2 
39 1 Y 0 B ASN 65 ? OD1 ? B ASN 65 OD1 
40 1 Y 0 B ASN 65 ? ND2 ? B ASN 65 ND2 
41 1 Y 0 B GLN 72 ? CG  ? B GLN 72 CG  
42 1 Y 0 B GLN 72 ? CD  ? B GLN 72 CD  
43 1 Y 0 B GLN 72 ? OE1 ? B GLN 72 OE1 
44 1 Y 0 B GLN 72 ? NE2 ? B GLN 72 NE2 
45 1 Y 0 B GLU 80 ? OE1 ? B GLU 80 OE1 
# 
loop_
_software.name 
_software.classification 
_software.version 
_software.citation_id 
_software.pdbx_ordinal 
CNS    refinement        1.1       ? 1 
MAR345 'data collection' 345DTB    ? 2 
MOSFLM 'data reduction'  .         ? 3 
CCP4   'data scaling'    '(SCALA)' ? 4 
AMoRE  phasing           .         ? 5 
# 
_cell.entry_id           2HXX 
_cell.length_a           85.160 
_cell.length_b           46.850 
_cell.length_c           51.060 
_cell.angle_alpha        90.00 
_cell.angle_beta         121.34 
_cell.angle_gamma        90.00 
_cell.Z_PDB              8 
_cell.pdbx_unique_axis   ? 
_cell.length_a_esd       ? 
_cell.length_b_esd       ? 
_cell.length_c_esd       ? 
_cell.angle_alpha_esd    ? 
_cell.angle_beta_esd     ? 
_cell.angle_gamma_esd    ? 
# 
_symmetry.entry_id                         2HXX 
_symmetry.space_group_name_H-M             'C 1 2 1' 
_symmetry.pdbx_full_space_group_name_H-M   ? 
_symmetry.cell_setting                     ? 
_symmetry.Int_Tables_number                5 
_symmetry.space_group_name_Hall            ? 
# 
_exptl.entry_id          2HXX 
_exptl.method            'X-RAY DIFFRACTION' 
_exptl.crystals_number   1 
# 
_exptl_crystal.id                    1 
_exptl_crystal.density_meas          ? 
_exptl_crystal.density_Matthews      2.12 
_exptl_crystal.density_percent_sol   41.93 
_exptl_crystal.description           ? 
_exptl_crystal.F_000                 ? 
_exptl_crystal.preparation           ? 
# 
_exptl_crystal_grow.crystal_id      1 
_exptl_crystal_grow.method          'VAPOR DIFFUSION, SITTING DROP' 
_exptl_crystal_grow.temp            277 
_exptl_crystal_grow.temp_details    ? 
_exptl_crystal_grow.pH              8.0 
_exptl_crystal_grow.pdbx_details    
'2.4 M Ammonium sulfate, 50 mM Tris/Hcl, pH 8.0, VAPOR DIFFUSION, SITTING DROP, temperature 277K' 
_exptl_crystal_grow.pdbx_pH_range   . 
# 
_diffrn.id                     1 
_diffrn.ambient_temp           100 
_diffrn.ambient_temp_details   ? 
_diffrn.crystal_id             1 
# 
_diffrn_detector.diffrn_id              1 
_diffrn_detector.detector               CCD 
_diffrn_detector.type                   'MAR CCD 165 mm' 
_diffrn_detector.pdbx_collection_date   2004-01-19 
_diffrn_detector.details                mirrors 
# 
_diffrn_radiation.diffrn_id                        1 
_diffrn_radiation.wavelength_id                    1 
_diffrn_radiation.pdbx_monochromatic_or_laue_m_l   M 
_diffrn_radiation.monochromator                    'Si 111 CHANNEL' 
_diffrn_radiation.pdbx_diffrn_protocol             'SINGLE WAVELENGTH' 
_diffrn_radiation.pdbx_scattering_type             x-ray 
# 
_diffrn_radiation_wavelength.id           1 
_diffrn_radiation_wavelength.wavelength   1.05 
_diffrn_radiation_wavelength.wt           1.0 
# 
_diffrn_source.diffrn_id                   1 
_diffrn_source.source                      SYNCHROTRON 
_diffrn_source.type                        'MPG/DESY, HAMBURG BEAMLINE BW6' 
_diffrn_source.pdbx_synchrotron_site       'MPG/DESY, HAMBURG' 
_diffrn_source.pdbx_synchrotron_beamline   BW6 
_diffrn_source.pdbx_wavelength             ? 
_diffrn_source.pdbx_wavelength_list        1.05 
# 
_reflns.entry_id                     2HXX 
_reflns.observed_criterion_sigma_I   1.0 
_reflns.observed_criterion_sigma_F   1.0 
_reflns.d_resolution_low             20.0 
_reflns.d_resolution_high            1.97 
_reflns.number_obs                   11770 
_reflns.number_all                   32530 
_reflns.percent_possible_obs         95.9 
_reflns.pdbx_Rmerge_I_obs            0.079 
_reflns.pdbx_Rsym_value              0.048 
_reflns.pdbx_netI_over_sigmaI        19.01 
_reflns.B_iso_Wilson_estimate        18.9 
_reflns.pdbx_redundancy              ? 
_reflns.R_free_details               ? 
_reflns.limit_h_max                  ? 
_reflns.limit_h_min                  ? 
_reflns.limit_k_max                  ? 
_reflns.limit_k_min                  ? 
_reflns.limit_l_max                  ? 
_reflns.limit_l_min                  ? 
_reflns.observed_criterion_F_max     ? 
_reflns.observed_criterion_F_min     ? 
_reflns.pdbx_chi_squared             ? 
_reflns.pdbx_scaling_rejects         ? 
_reflns.pdbx_ordinal                 1 
_reflns.pdbx_diffrn_id               1 
# 
_reflns_shell.d_res_high             1.97 
_reflns_shell.d_res_low              2.0 
_reflns_shell.percent_possible_all   88.4 
_reflns_shell.Rmerge_I_obs           ? 
_reflns_shell.pdbx_Rsym_value        ? 
_reflns_shell.meanI_over_sigI_obs    ? 
_reflns_shell.pdbx_redundancy        ? 
_reflns_shell.percent_possible_obs   ? 
_reflns_shell.number_unique_all      ? 
_reflns_shell.number_measured_all    ? 
_reflns_shell.number_measured_obs    ? 
_reflns_shell.number_unique_obs      ? 
_reflns_shell.pdbx_chi_squared       ? 
_reflns_shell.pdbx_ordinal           1 
_reflns_shell.pdbx_diffrn_id         1 
# 
_refine.entry_id                                 2HXX 
_refine.ls_number_reflns_obs                     11128 
_refine.ls_number_reflns_all                     11768 
_refine.pdbx_ls_sigma_I                          ? 
_refine.pdbx_ls_sigma_F                          2.0 
_refine.pdbx_data_cutoff_high_absF               1181841.90 
_refine.pdbx_data_cutoff_low_absF                0.000000 
_refine.pdbx_data_cutoff_high_rms_absF           ? 
_refine.ls_d_res_low                             17.14 
_refine.ls_d_res_high                            2.00 
_refine.ls_percent_reflns_obs                    94.8 
_refine.ls_R_factor_obs                          0.251 
_refine.ls_R_factor_all                          ? 
_refine.ls_R_factor_R_work                       0.251 
_refine.ls_R_factor_R_free                       0.29 
_refine.ls_R_factor_R_free_error                 0.012 
_refine.ls_R_factor_R_free_error_details         ? 
_refine.ls_percent_reflns_R_free                 5.1 
_refine.ls_number_reflns_R_free                  564 
_refine.ls_number_parameters                     ? 
_refine.ls_number_restraints                     ? 
_refine.occupancy_min                            ? 
_refine.occupancy_max                            ? 
_refine.correlation_coeff_Fo_to_Fc               ? 
_refine.correlation_coeff_Fo_to_Fc_free          ? 
_refine.B_iso_mean                               36.9 
_refine.aniso_B[1][1]                            -11.60 
_refine.aniso_B[2][2]                            -7.01 
_refine.aniso_B[3][3]                            18.61 
_refine.aniso_B[1][2]                            0.00 
_refine.aniso_B[1][3]                            -5.11 
_refine.aniso_B[2][3]                            0.00 
_refine.solvent_model_details                    'FLAT MODEL' 
_refine.solvent_model_param_ksol                 0.322794 
_refine.solvent_model_param_bsol                 59.9412 
_refine.pdbx_solvent_vdw_probe_radii             ? 
_refine.pdbx_solvent_ion_probe_radii             ? 
_refine.pdbx_solvent_shrinkage_radii             ? 
_refine.pdbx_ls_cross_valid_method               THROUGHOUT 
_refine.details                                  ? 
_refine.pdbx_starting_model                      ? 
_refine.pdbx_method_to_determine_struct          'MOLECULAR REPLACEMENT' 
_refine.pdbx_isotropic_thermal_model             RESTRAINED 
_refine.pdbx_stereochemistry_target_values       'Engh & Huber' 
_refine.pdbx_stereochem_target_val_spec_case     ? 
_refine.pdbx_R_Free_selection_details            RANDOM 
_refine.pdbx_overall_ESU_R                       ? 
_refine.pdbx_overall_ESU_R_Free                  ? 
_refine.overall_SU_ML                            ? 
_refine.overall_SU_B                             ? 
_refine.ls_redundancy_reflns_obs                 ? 
_refine.B_iso_min                                ? 
_refine.B_iso_max                                ? 
_refine.overall_SU_R_Cruickshank_DPI             ? 
_refine.overall_SU_R_free                        ? 
_refine.ls_wR_factor_R_free                      ? 
_refine.ls_wR_factor_R_work                      ? 
_refine.overall_FOM_free_R_set                   ? 
_refine.overall_FOM_work_R_set                   ? 
_refine.pdbx_refine_id                           'X-RAY DIFFRACTION' 
_refine.pdbx_diffrn_id                           1 
_refine.pdbx_overall_phase_error                 ? 
_refine.pdbx_TLS_residual_ADP_flag               ? 
_refine.pdbx_overall_SU_R_free_Cruickshank_DPI   ? 
_refine.pdbx_overall_SU_R_Blow_DPI               ? 
_refine.pdbx_overall_SU_R_free_Blow_DPI          ? 
# 
_refine_analyze.entry_id                        2HXX 
_refine_analyze.Luzzati_coordinate_error_obs    0.30 
_refine_analyze.Luzzati_sigma_a_obs             0.49 
_refine_analyze.Luzzati_d_res_low_obs           5.00 
_refine_analyze.Luzzati_coordinate_error_free   0.39 
_refine_analyze.Luzzati_sigma_a_free            0.53 
_refine_analyze.Luzzati_d_res_low_free          ? 
_refine_analyze.number_disordered_residues      ? 
_refine_analyze.occupancy_sum_hydrogen          ? 
_refine_analyze.occupancy_sum_non_hydrogen      ? 
_refine_analyze.pdbx_Luzzati_d_res_high_obs     ? 
_refine_analyze.pdbx_refine_id                  'X-RAY DIFFRACTION' 
# 
_refine_hist.pdbx_refine_id                   'X-RAY DIFFRACTION' 
_refine_hist.cycle_id                         LAST 
_refine_hist.pdbx_number_atoms_protein        1438 
_refine_hist.pdbx_number_atoms_nucleic_acid   0 
_refine_hist.pdbx_number_atoms_ligand         0 
_refine_hist.number_atoms_solvent             70 
_refine_hist.number_atoms_total               1508 
_refine_hist.d_res_high                       2.00 
_refine_hist.d_res_low                        17.14 
# 
loop_
_refine_ls_restr.type 
_refine_ls_restr.dev_ideal 
_refine_ls_restr.dev_ideal_target 
_refine_ls_restr.weight 
_refine_ls_restr.number 
_refine_ls_restr.pdbx_refine_id 
_refine_ls_restr.pdbx_restraint_function 
c_bond_d           0.017 ?    ? ? 'X-RAY DIFFRACTION' ? 
c_angle_deg        1.6   ?    ? ? 'X-RAY DIFFRACTION' ? 
c_dihedral_angle_d 20.9  ?    ? ? 'X-RAY DIFFRACTION' ? 
c_improper_angle_d 0.90  ?    ? ? 'X-RAY DIFFRACTION' ? 
c_mcbond_it        2.12  1.50 ? ? 'X-RAY DIFFRACTION' ? 
c_mcangle_it       3.23  2.00 ? ? 'X-RAY DIFFRACTION' ? 
c_scbond_it        2.14  2.00 ? ? 'X-RAY DIFFRACTION' ? 
c_scangle_it       3.13  2.50 ? ? 'X-RAY DIFFRACTION' ? 
# 
_refine_ls_shell.pdbx_total_number_of_bins_used   6 
_refine_ls_shell.d_res_high                       2.00 
_refine_ls_shell.d_res_low                        2.13 
_refine_ls_shell.number_reflns_R_work             1706 
_refine_ls_shell.R_factor_R_work                  0.399 
_refine_ls_shell.percent_reflns_obs               91.6 
_refine_ls_shell.R_factor_R_free                  0.425 
_refine_ls_shell.R_factor_R_free_error            0.048 
_refine_ls_shell.percent_reflns_R_free            4.5 
_refine_ls_shell.number_reflns_R_free             80 
_refine_ls_shell.number_reflns_all                ? 
_refine_ls_shell.R_factor_all                     ? 
_refine_ls_shell.number_reflns_obs                1706 
_refine_ls_shell.redundancy_reflns_obs            ? 
_refine_ls_shell.pdbx_refine_id                   'X-RAY DIFFRACTION' 
# 
loop_
_pdbx_xplor_file.serial_no 
_pdbx_xplor_file.param_file 
_pdbx_xplor_file.topol_file 
_pdbx_xplor_file.pdbx_refine_id 
1 protein_rep.param protein.top 'X-RAY DIFFRACTION' 
2 water_rep.param   water.top   'X-RAY DIFFRACTION' 
3 ion.param         ion.top     'X-RAY DIFFRACTION' 
4 trn_mod.par       trn.top     'X-RAY DIFFRACTION' 
# 
_struct.entry_id                  2HXX 
_struct.title                     'Aminotryptophan Barstar' 
_struct.pdbx_model_details        ? 
_struct.pdbx_CASP_flag            ? 
_struct.pdbx_model_type_details   ? 
# 
_struct_keywords.entry_id        2HXX 
_struct_keywords.pdbx_keywords   'HYDROLASE INHIBITOR' 
_struct_keywords.text            'Aminotryptophan, Barstar, Genetic code, Protein folding, Stability, HYDROLASE INHIBITOR' 
# 
loop_
_struct_asym.id 
_struct_asym.pdbx_blank_PDB_chainid_flag 
_struct_asym.pdbx_modified 
_struct_asym.entity_id 
_struct_asym.details 
A N N 1 ? 
B N N 1 ? 
C N N 2 ? 
D N N 2 ? 
# 
_struct_ref.id                         1 
_struct_ref.db_name                    UNP 
_struct_ref.db_code                    BARS_BACAM 
_struct_ref.pdbx_db_accession          P11540 
_struct_ref.entity_id                  1 
_struct_ref.pdbx_seq_one_letter_code   
;KKAVINGEQIRSISDLHQTLKKELALPEYYGENLDALWDCLTGWVEYPLVLEWRQFEQSKQLTENGAESVLQVFREAKAE
GCDITIILS
;
_struct_ref.pdbx_align_begin           2 
_struct_ref.pdbx_db_isoform            ? 
# 
loop_
_struct_ref_seq.align_id 
_struct_ref_seq.ref_id 
_struct_ref_seq.pdbx_PDB_id_code 
_struct_ref_seq.pdbx_strand_id 
_struct_ref_seq.seq_align_beg 
_struct_ref_seq.pdbx_seq_align_beg_ins_code 
_struct_ref_seq.seq_align_end 
_struct_ref_seq.pdbx_seq_align_end_ins_code 
_struct_ref_seq.pdbx_db_accession 
_struct_ref_seq.db_align_beg 
_struct_ref_seq.pdbx_db_align_beg_ins_code 
_struct_ref_seq.db_align_end 
_struct_ref_seq.pdbx_db_align_end_ins_code 
_struct_ref_seq.pdbx_auth_seq_align_beg 
_struct_ref_seq.pdbx_auth_seq_align_end 
1 1 2HXX A 1 ? 89 ? P11540 2 ? 90 ? 1 89 
2 1 2HXX B 1 ? 89 ? P11540 2 ? 90 ? 1 89 
# 
loop_
_struct_ref_seq_dif.align_id 
_struct_ref_seq_dif.pdbx_pdb_id_code 
_struct_ref_seq_dif.mon_id 
_struct_ref_seq_dif.pdbx_pdb_strand_id 
_struct_ref_seq_dif.seq_num 
_struct_ref_seq_dif.pdbx_pdb_ins_code 
_struct_ref_seq_dif.pdbx_seq_db_name 
_struct_ref_seq_dif.pdbx_seq_db_accession_code 
_struct_ref_seq_dif.db_mon_id 
_struct_ref_seq_dif.pdbx_seq_db_seq_num 
_struct_ref_seq_dif.details 
_struct_ref_seq_dif.pdbx_auth_seq_num 
_struct_ref_seq_dif.pdbx_ordinal 
1 2HXX ALA A 27 ? UNP P11540 PRO 28 'engineered mutation' 27 1 
1 2HXX ALA A 40 ? UNP P11540 CYS 41 'engineered mutation' 40 2 
1 2HXX ALA A 82 ? UNP P11540 CYS 83 'engineered mutation' 82 3 
2 2HXX ALA B 27 ? UNP P11540 PRO 28 'engineered mutation' 27 4 
2 2HXX ALA B 40 ? UNP P11540 CYS 41 'engineered mutation' 40 5 
2 2HXX ALA B 82 ? UNP P11540 CYS 83 'engineered mutation' 82 6 
# 
loop_
_pdbx_struct_assembly.id 
_pdbx_struct_assembly.details 
_pdbx_struct_assembly.method_details 
_pdbx_struct_assembly.oligomeric_details 
_pdbx_struct_assembly.oligomeric_count 
1 author_defined_assembly ? monomeric 1 
2 author_defined_assembly ? monomeric 1 
# 
loop_
_pdbx_struct_assembly_gen.assembly_id 
_pdbx_struct_assembly_gen.oper_expression 
_pdbx_struct_assembly_gen.asym_id_list 
1 1 A,C 
2 1 B,D 
# 
_pdbx_struct_oper_list.id                   1 
_pdbx_struct_oper_list.type                 'identity operation' 
_pdbx_struct_oper_list.name                 1_555 
_pdbx_struct_oper_list.symmetry_operation   x,y,z 
_pdbx_struct_oper_list.matrix[1][1]         1.0000000000 
_pdbx_struct_oper_list.matrix[1][2]         0.0000000000 
_pdbx_struct_oper_list.matrix[1][3]         0.0000000000 
_pdbx_struct_oper_list.vector[1]            0.0000000000 
_pdbx_struct_oper_list.matrix[2][1]         0.0000000000 
_pdbx_struct_oper_list.matrix[2][2]         1.0000000000 
_pdbx_struct_oper_list.matrix[2][3]         0.0000000000 
_pdbx_struct_oper_list.vector[2]            0.0000000000 
_pdbx_struct_oper_list.matrix[3][1]         0.0000000000 
_pdbx_struct_oper_list.matrix[3][2]         0.0000000000 
_pdbx_struct_oper_list.matrix[3][3]         1.0000000000 
_pdbx_struct_oper_list.vector[3]            0.0000000000 
# 
loop_
_struct_biol.id 
_struct_biol.pdbx_parent_biol_id 
_struct_biol.details 
1 ? ? 
2 ? ? 
# 
loop_
_struct_conf.conf_type_id 
_struct_conf.id 
_struct_conf.pdbx_PDB_helix_id 
_struct_conf.beg_label_comp_id 
_struct_conf.beg_label_asym_id 
_struct_conf.beg_label_seq_id 
_struct_conf.pdbx_beg_PDB_ins_code 
_struct_conf.end_label_comp_id 
_struct_conf.end_label_asym_id 
_struct_conf.end_label_seq_id 
_struct_conf.pdbx_end_PDB_ins_code 
_struct_conf.beg_auth_comp_id 
_struct_conf.beg_auth_asym_id 
_struct_conf.beg_auth_seq_id 
_struct_conf.end_auth_comp_id 
_struct_conf.end_auth_asym_id 
_struct_conf.end_auth_seq_id 
_struct_conf.pdbx_PDB_helix_class 
_struct_conf.details 
_struct_conf.pdbx_PDB_helix_length 
HELX_P HELX_P1 1 GLU A 8  ? ILE A 10 ? GLU A 8  ILE A 10 5 ? 3  
HELX_P HELX_P2 2 SER A 12 ? LEU A 24 ? SER A 12 LEU A 24 1 ? 13 
HELX_P HELX_P3 3 ASN A 33 ? 4IN A 44 ? ASN A 33 4IN A 44 1 ? 12 
HELX_P HELX_P4 4 GLN A 55 ? LEU A 62 ? GLN A 55 LEU A 62 1 ? 8  
HELX_P HELX_P5 5 ASN A 65 ? GLU A 80 ? ASN A 65 GLU A 80 1 ? 16 
HELX_P HELX_P6 6 GLU B 8  ? ILE B 10 ? GLU B 8  ILE B 10 5 ? 3  
HELX_P HELX_P7 7 SER B 12 ? ALA B 25 ? SER B 12 ALA B 25 1 ? 14 
HELX_P HELX_P8 8 ASN B 33 ? 4IN B 44 ? ASN B 33 4IN B 44 1 ? 12 
HELX_P HELX_P9 9 ALA B 67 ? GLU B 80 ? ALA B 67 GLU B 80 1 ? 14 
# 
_struct_conf_type.id          HELX_P 
_struct_conf_type.criteria    ? 
_struct_conf_type.reference   ? 
# 
loop_
_struct_conn.id 
_struct_conn.conn_type_id 
_struct_conn.pdbx_leaving_atom_flag 
_struct_conn.pdbx_PDB_id 
_struct_conn.ptnr1_label_asym_id 
_struct_conn.ptnr1_label_comp_id 
_struct_conn.ptnr1_label_seq_id 
_struct_conn.ptnr1_label_atom_id 
_struct_conn.pdbx_ptnr1_label_alt_id 
_struct_conn.pdbx_ptnr1_PDB_ins_code 
_struct_conn.pdbx_ptnr1_standard_comp_id 
_struct_conn.ptnr1_symmetry 
_struct_conn.ptnr2_label_asym_id 
_struct_conn.ptnr2_label_comp_id 
_struct_conn.ptnr2_label_seq_id 
_struct_conn.ptnr2_label_atom_id 
_struct_conn.pdbx_ptnr2_label_alt_id 
_struct_conn.pdbx_ptnr2_PDB_ins_code 
_struct_conn.ptnr1_auth_asym_id 
_struct_conn.ptnr1_auth_comp_id 
_struct_conn.ptnr1_auth_seq_id 
_struct_conn.ptnr2_auth_asym_id 
_struct_conn.ptnr2_auth_comp_id 
_struct_conn.ptnr2_auth_seq_id 
_struct_conn.ptnr2_symmetry 
_struct_conn.pdbx_ptnr3_label_atom_id 
_struct_conn.pdbx_ptnr3_label_seq_id 
_struct_conn.pdbx_ptnr3_label_comp_id 
_struct_conn.pdbx_ptnr3_label_asym_id 
_struct_conn.pdbx_ptnr3_label_alt_id 
_struct_conn.pdbx_ptnr3_PDB_ins_code 
_struct_conn.details 
_struct_conn.pdbx_dist_value 
_struct_conn.pdbx_value_order 
_struct_conn.pdbx_role 
covale1  covale both ? A LEU 37 C ? ? ? 1_555 A 4IN 38 N ? ? A LEU 37 A 4IN 38 1_555 ? ? ? ? ? ? ? 1.330 ? ? 
covale2  covale both ? A 4IN 38 C ? ? ? 1_555 A ASP 39 N ? ? A 4IN 38 A ASP 39 1_555 ? ? ? ? ? ? ? 1.332 ? ? 
covale3  covale both ? A GLY 43 C ? ? ? 1_555 A 4IN 44 N ? ? A GLY 43 A 4IN 44 1_555 ? ? ? ? ? ? ? 1.330 ? ? 
covale4  covale both ? A 4IN 44 C ? ? ? 1_555 A VAL 45 N ? ? A 4IN 44 A VAL 45 1_555 ? ? ? ? ? ? ? 1.329 ? ? 
covale5  covale both ? A GLU 52 C ? ? ? 1_555 A 4IN 53 N ? ? A GLU 52 A 4IN 53 1_555 ? ? ? ? ? ? ? 1.315 ? ? 
covale6  covale both ? A 4IN 53 C ? ? ? 1_555 A ARG 54 N ? ? A 4IN 53 A ARG 54 1_555 ? ? ? ? ? ? ? 1.323 ? ? 
covale7  covale both ? B LEU 37 C ? ? ? 1_555 B 4IN 38 N ? ? B LEU 37 B 4IN 38 1_555 ? ? ? ? ? ? ? 1.323 ? ? 
covale8  covale both ? B 4IN 38 C ? ? ? 1_555 B ASP 39 N ? ? B 4IN 38 B ASP 39 1_555 ? ? ? ? ? ? ? 1.329 ? ? 
covale9  covale both ? B GLY 43 C ? ? ? 1_555 B 4IN 44 N ? ? B GLY 43 B 4IN 44 1_555 ? ? ? ? ? ? ? 1.332 ? ? 
covale10 covale both ? B 4IN 44 C ? ? ? 1_555 B VAL 45 N ? ? B 4IN 44 B VAL 45 1_555 ? ? ? ? ? ? ? 1.333 ? ? 
covale11 covale both ? B GLU 52 C ? ? ? 1_555 B 4IN 53 N ? ? B GLU 52 B 4IN 53 1_555 ? ? ? ? ? ? ? 1.330 ? ? 
covale12 covale both ? B 4IN 53 C ? ? ? 1_555 B ARG 54 N ? ? B 4IN 53 B ARG 54 1_555 ? ? ? ? ? ? ? 1.327 ? ? 
# 
_struct_conn_type.id          covale 
_struct_conn_type.criteria    ? 
_struct_conn_type.reference   ? 
# 
loop_
_pdbx_modification_feature.ordinal 
_pdbx_modification_feature.label_comp_id 
_pdbx_modification_feature.label_asym_id 
_pdbx_modification_feature.label_seq_id 
_pdbx_modification_feature.label_alt_id 
_pdbx_modification_feature.modified_residue_label_comp_id 
_pdbx_modification_feature.modified_residue_label_asym_id 
_pdbx_modification_feature.modified_residue_label_seq_id 
_pdbx_modification_feature.modified_residue_label_alt_id 
_pdbx_modification_feature.auth_comp_id 
_pdbx_modification_feature.auth_asym_id 
_pdbx_modification_feature.auth_seq_id 
_pdbx_modification_feature.PDB_ins_code 
_pdbx_modification_feature.symmetry 
_pdbx_modification_feature.modified_residue_auth_comp_id 
_pdbx_modification_feature.modified_residue_auth_asym_id 
_pdbx_modification_feature.modified_residue_auth_seq_id 
_pdbx_modification_feature.modified_residue_PDB_ins_code 
_pdbx_modification_feature.modified_residue_symmetry 
_pdbx_modification_feature.comp_id_linking_atom 
_pdbx_modification_feature.modified_residue_id_linking_atom 
_pdbx_modification_feature.modified_residue_id 
_pdbx_modification_feature.ref_pcm_id 
_pdbx_modification_feature.ref_comp_id 
_pdbx_modification_feature.type 
_pdbx_modification_feature.category 
1 4IN A 38 ? . . . . 4IN A 38 ? 1_555 . . . . . . . TRP 1 4IN Amination 'Named protein modification' 
2 4IN A 44 ? . . . . 4IN A 44 ? 1_555 . . . . . . . TRP 1 4IN Amination 'Named protein modification' 
3 4IN A 53 ? . . . . 4IN A 53 ? 1_555 . . . . . . . TRP 1 4IN Amination 'Named protein modification' 
4 4IN B 38 ? . . . . 4IN B 38 ? 1_555 . . . . . . . TRP 1 4IN Amination 'Named protein modification' 
5 4IN B 44 ? . . . . 4IN B 44 ? 1_555 . . . . . . . TRP 1 4IN Amination 'Named protein modification' 
6 4IN B 53 ? . . . . 4IN B 53 ? 1_555 . . . . . . . TRP 1 4IN Amination 'Named protein modification' 
# 
loop_
_struct_mon_prot_cis.pdbx_id 
_struct_mon_prot_cis.label_comp_id 
_struct_mon_prot_cis.label_seq_id 
_struct_mon_prot_cis.label_asym_id 
_struct_mon_prot_cis.label_alt_id 
_struct_mon_prot_cis.pdbx_PDB_ins_code 
_struct_mon_prot_cis.auth_comp_id 
_struct_mon_prot_cis.auth_seq_id 
_struct_mon_prot_cis.auth_asym_id 
_struct_mon_prot_cis.pdbx_label_comp_id_2 
_struct_mon_prot_cis.pdbx_label_seq_id_2 
_struct_mon_prot_cis.pdbx_label_asym_id_2 
_struct_mon_prot_cis.pdbx_PDB_ins_code_2 
_struct_mon_prot_cis.pdbx_auth_comp_id_2 
_struct_mon_prot_cis.pdbx_auth_seq_id_2 
_struct_mon_prot_cis.pdbx_auth_asym_id_2 
_struct_mon_prot_cis.pdbx_PDB_model_num 
_struct_mon_prot_cis.pdbx_omega_angle 
1 TYR 47 A . ? TYR 47 A PRO 48 A ? PRO 48 A 1 0.34  
2 TYR 47 B . ? TYR 47 B PRO 48 B ? PRO 48 B 1 -0.11 
# 
_struct_sheet.id               A 
_struct_sheet.type             ? 
_struct_sheet.number_strands   6 
_struct_sheet.details          ? 
# 
loop_
_struct_sheet_order.sheet_id 
_struct_sheet_order.range_id_1 
_struct_sheet_order.range_id_2 
_struct_sheet_order.offset 
_struct_sheet_order.sense 
A 1 2 ? parallel      
A 2 3 ? parallel      
A 3 4 ? anti-parallel 
A 4 5 ? parallel      
A 5 6 ? parallel      
# 
loop_
_struct_sheet_range.sheet_id 
_struct_sheet_range.id 
_struct_sheet_range.beg_label_comp_id 
_struct_sheet_range.beg_label_asym_id 
_struct_sheet_range.beg_label_seq_id 
_struct_sheet_range.pdbx_beg_PDB_ins_code 
_struct_sheet_range.end_label_comp_id 
_struct_sheet_range.end_label_asym_id 
_struct_sheet_range.end_label_seq_id 
_struct_sheet_range.pdbx_end_PDB_ins_code 
_struct_sheet_range.beg_auth_comp_id 
_struct_sheet_range.beg_auth_asym_id 
_struct_sheet_range.beg_auth_seq_id 
_struct_sheet_range.end_auth_comp_id 
_struct_sheet_range.end_auth_asym_id 
_struct_sheet_range.end_auth_seq_id 
A 1 LYS A 2  ? ASN A 6  ? LYS A 2  ASN A 6  
A 2 LEU A 49 ? ARG A 54 ? LEU A 49 ARG A 54 
A 3 ILE A 84 ? SER A 89 ? ILE A 84 SER A 89 
A 4 ILE B 84 ? SER B 89 ? ILE B 84 SER B 89 
A 5 LEU B 49 ? ARG B 54 ? LEU B 49 ARG B 54 
A 6 LYS B 2  ? ASN B 6  ? LYS B 2  ASN B 6  
# 
loop_
_pdbx_struct_sheet_hbond.sheet_id 
_pdbx_struct_sheet_hbond.range_id_1 
_pdbx_struct_sheet_hbond.range_id_2 
_pdbx_struct_sheet_hbond.range_1_label_atom_id 
_pdbx_struct_sheet_hbond.range_1_label_comp_id 
_pdbx_struct_sheet_hbond.range_1_label_asym_id 
_pdbx_struct_sheet_hbond.range_1_label_seq_id 
_pdbx_struct_sheet_hbond.range_1_PDB_ins_code 
_pdbx_struct_sheet_hbond.range_1_auth_atom_id 
_pdbx_struct_sheet_hbond.range_1_auth_comp_id 
_pdbx_struct_sheet_hbond.range_1_auth_asym_id 
_pdbx_struct_sheet_hbond.range_1_auth_seq_id 
_pdbx_struct_sheet_hbond.range_2_label_atom_id 
_pdbx_struct_sheet_hbond.range_2_label_comp_id 
_pdbx_struct_sheet_hbond.range_2_label_asym_id 
_pdbx_struct_sheet_hbond.range_2_label_seq_id 
_pdbx_struct_sheet_hbond.range_2_PDB_ins_code 
_pdbx_struct_sheet_hbond.range_2_auth_atom_id 
_pdbx_struct_sheet_hbond.range_2_auth_comp_id 
_pdbx_struct_sheet_hbond.range_2_auth_asym_id 
_pdbx_struct_sheet_hbond.range_2_auth_seq_id 
A 1 2 N ALA A 3  ? N ALA A 3  O VAL A 50 ? O VAL A 50 
A 2 3 N 4IN A 53 ? N 4IN A 53 O ILE A 87 ? O ILE A 87 
A 3 4 N LEU A 88 ? N LEU A 88 O ILE B 86 ? O ILE B 86 
A 4 5 O ILE B 87 ? O ILE B 87 N LEU B 51 ? N LEU B 51 
A 5 6 O GLU B 52 ? O GLU B 52 N ILE B 5  ? N ILE B 5  
# 
_pdbx_entry_details.entry_id                   2HXX 
_pdbx_entry_details.compound_details           ? 
_pdbx_entry_details.source_details             ? 
_pdbx_entry_details.nonpolymer_details         ? 
_pdbx_entry_details.sequence_details           ? 
_pdbx_entry_details.has_ligand_of_interest     ? 
_pdbx_entry_details.has_protein_modification   Y 
# 
loop_
_pdbx_validate_torsion.id 
_pdbx_validate_torsion.PDB_model_num 
_pdbx_validate_torsion.auth_comp_id 
_pdbx_validate_torsion.auth_asym_id 
_pdbx_validate_torsion.auth_seq_id 
_pdbx_validate_torsion.PDB_ins_code 
_pdbx_validate_torsion.label_alt_id 
_pdbx_validate_torsion.phi 
_pdbx_validate_torsion.psi 
1  1 4IN A 44 ? ? -156.14 -63.06  
2  1 GLU B 8  ? ? -61.73  14.08   
3  1 GLN B 9  ? ? -159.00 31.13   
4  1 4IN B 44 ? ? -162.37 -60.20  
5  1 GLU B 57 ? ? -163.85 -87.29  
6  1 GLN B 58 ? ? 27.36   -175.22 
7  1 SER B 59 ? ? 40.44   -83.63  
8  1 LYS B 60 ? ? -108.53 64.72   
9  1 GLN B 61 ? ? -55.27  -4.18   
10 1 LEU B 62 ? ? -74.14  26.54   
11 1 THR B 63 ? ? 81.85   78.33   
12 1 GLU B 64 ? ? -60.74  82.01   
13 1 ASN B 65 ? ? -24.76  133.40  
14 1 ALA B 67 ? ? 169.46  -35.08  
# 
loop_
_pdbx_struct_mod_residue.id 
_pdbx_struct_mod_residue.label_asym_id 
_pdbx_struct_mod_residue.label_comp_id 
_pdbx_struct_mod_residue.label_seq_id 
_pdbx_struct_mod_residue.auth_asym_id 
_pdbx_struct_mod_residue.auth_comp_id 
_pdbx_struct_mod_residue.auth_seq_id 
_pdbx_struct_mod_residue.PDB_ins_code 
_pdbx_struct_mod_residue.parent_comp_id 
_pdbx_struct_mod_residue.details 
1 A 4IN 38 A 4IN 38 ? TRP 4-AMINO-L-TRYPTOPHAN 
2 A 4IN 44 A 4IN 44 ? TRP 4-AMINO-L-TRYPTOPHAN 
3 A 4IN 53 A 4IN 53 ? TRP 4-AMINO-L-TRYPTOPHAN 
4 B 4IN 38 B 4IN 38 ? TRP 4-AMINO-L-TRYPTOPHAN 
5 B 4IN 44 B 4IN 44 ? TRP 4-AMINO-L-TRYPTOPHAN 
6 B 4IN 53 B 4IN 53 ? TRP 4-AMINO-L-TRYPTOPHAN 
# 
loop_
_pdbx_unobs_or_zero_occ_residues.id 
_pdbx_unobs_or_zero_occ_residues.PDB_model_num 
_pdbx_unobs_or_zero_occ_residues.polymer_flag 
_pdbx_unobs_or_zero_occ_residues.occupancy_flag 
_pdbx_unobs_or_zero_occ_residues.auth_asym_id 
_pdbx_unobs_or_zero_occ_residues.auth_comp_id 
_pdbx_unobs_or_zero_occ_residues.auth_seq_id 
_pdbx_unobs_or_zero_occ_residues.PDB_ins_code 
_pdbx_unobs_or_zero_occ_residues.label_asym_id 
_pdbx_unobs_or_zero_occ_residues.label_comp_id 
_pdbx_unobs_or_zero_occ_residues.label_seq_id 
1 1 Y 0 B GLN 58 ? B GLN 58 
2 1 Y 0 B SER 59 ? B SER 59 
3 1 Y 0 B LYS 60 ? B LYS 60 
4 1 Y 0 B GLN 61 ? B GLN 61 
5 1 Y 0 B LEU 62 ? B LEU 62 
6 1 Y 0 B THR 63 ? B THR 63 
# 
loop_
_chem_comp_atom.comp_id 
_chem_comp_atom.atom_id 
_chem_comp_atom.type_symbol 
_chem_comp_atom.pdbx_aromatic_flag 
_chem_comp_atom.pdbx_stereo_config 
_chem_comp_atom.pdbx_ordinal 
4IN N    N N N 1   
4IN CA   C N S 2   
4IN CB   C N N 3   
4IN CG   C Y N 4   
4IN CD1  C Y N 5   
4IN NE1  N Y N 6   
4IN CE2  C Y N 7   
4IN CZ2  C Y N 8   
4IN CH2  C Y N 9   
4IN CZ3  C Y N 10  
4IN CE3  C Y N 11  
4IN N16  N N N 12  
4IN CD2  C Y N 13  
4IN C    C N N 14  
4IN OXT  O N N 15  
4IN O    O N N 16  
4IN H    H N N 17  
4IN H2   H N N 18  
4IN HA   H N N 19  
4IN HB2  H N N 20  
4IN HB3  H N N 21  
4IN HD1  H N N 22  
4IN HE1  H N N 23  
4IN HZ2  H N N 24  
4IN HH2  H N N 25  
4IN HZ3  H N N 26  
4IN H161 H N N 27  
4IN H162 H N N 28  
4IN HXT  H N N 29  
ALA N    N N N 30  
ALA CA   C N S 31  
ALA C    C N N 32  
ALA O    O N N 33  
ALA CB   C N N 34  
ALA OXT  O N N 35  
ALA H    H N N 36  
ALA H2   H N N 37  
ALA HA   H N N 38  
ALA HB1  H N N 39  
ALA HB2  H N N 40  
ALA HB3  H N N 41  
ALA HXT  H N N 42  
ARG N    N N N 43  
ARG CA   C N S 44  
ARG C    C N N 45  
ARG O    O N N 46  
ARG CB   C N N 47  
ARG CG   C N N 48  
ARG CD   C N N 49  
ARG NE   N N N 50  
ARG CZ   C N N 51  
ARG NH1  N N N 52  
ARG NH2  N N N 53  
ARG OXT  O N N 54  
ARG H    H N N 55  
ARG H2   H N N 56  
ARG HA   H N N 57  
ARG HB2  H N N 58  
ARG HB3  H N N 59  
ARG HG2  H N N 60  
ARG HG3  H N N 61  
ARG HD2  H N N 62  
ARG HD3  H N N 63  
ARG HE   H N N 64  
ARG HH11 H N N 65  
ARG HH12 H N N 66  
ARG HH21 H N N 67  
ARG HH22 H N N 68  
ARG HXT  H N N 69  
ASN N    N N N 70  
ASN CA   C N S 71  
ASN C    C N N 72  
ASN O    O N N 73  
ASN CB   C N N 74  
ASN CG   C N N 75  
ASN OD1  O N N 76  
ASN ND2  N N N 77  
ASN OXT  O N N 78  
ASN H    H N N 79  
ASN H2   H N N 80  
ASN HA   H N N 81  
ASN HB2  H N N 82  
ASN HB3  H N N 83  
ASN HD21 H N N 84  
ASN HD22 H N N 85  
ASN HXT  H N N 86  
ASP N    N N N 87  
ASP CA   C N S 88  
ASP C    C N N 89  
ASP O    O N N 90  
ASP CB   C N N 91  
ASP CG   C N N 92  
ASP OD1  O N N 93  
ASP OD2  O N N 94  
ASP OXT  O N N 95  
ASP H    H N N 96  
ASP H2   H N N 97  
ASP HA   H N N 98  
ASP HB2  H N N 99  
ASP HB3  H N N 100 
ASP HD2  H N N 101 
ASP HXT  H N N 102 
CYS N    N N N 103 
CYS CA   C N R 104 
CYS C    C N N 105 
CYS O    O N N 106 
CYS CB   C N N 107 
CYS SG   S N N 108 
CYS OXT  O N N 109 
CYS H    H N N 110 
CYS H2   H N N 111 
CYS HA   H N N 112 
CYS HB2  H N N 113 
CYS HB3  H N N 114 
CYS HG   H N N 115 
CYS HXT  H N N 116 
GLN N    N N N 117 
GLN CA   C N S 118 
GLN C    C N N 119 
GLN O    O N N 120 
GLN CB   C N N 121 
GLN CG   C N N 122 
GLN CD   C N N 123 
GLN OE1  O N N 124 
GLN NE2  N N N 125 
GLN OXT  O N N 126 
GLN H    H N N 127 
GLN H2   H N N 128 
GLN HA   H N N 129 
GLN HB2  H N N 130 
GLN HB3  H N N 131 
GLN HG2  H N N 132 
GLN HG3  H N N 133 
GLN HE21 H N N 134 
GLN HE22 H N N 135 
GLN HXT  H N N 136 
GLU N    N N N 137 
GLU CA   C N S 138 
GLU C    C N N 139 
GLU O    O N N 140 
GLU CB   C N N 141 
GLU CG   C N N 142 
GLU CD   C N N 143 
GLU OE1  O N N 144 
GLU OE2  O N N 145 
GLU OXT  O N N 146 
GLU H    H N N 147 
GLU H2   H N N 148 
GLU HA   H N N 149 
GLU HB2  H N N 150 
GLU HB3  H N N 151 
GLU HG2  H N N 152 
GLU HG3  H N N 153 
GLU HE2  H N N 154 
GLU HXT  H N N 155 
GLY N    N N N 156 
GLY CA   C N N 157 
GLY C    C N N 158 
GLY O    O N N 159 
GLY OXT  O N N 160 
GLY H    H N N 161 
GLY H2   H N N 162 
GLY HA2  H N N 163 
GLY HA3  H N N 164 
GLY HXT  H N N 165 
HIS N    N N N 166 
HIS CA   C N S 167 
HIS C    C N N 168 
HIS O    O N N 169 
HIS CB   C N N 170 
HIS CG   C Y N 171 
HIS ND1  N Y N 172 
HIS CD2  C Y N 173 
HIS CE1  C Y N 174 
HIS NE2  N Y N 175 
HIS OXT  O N N 176 
HIS H    H N N 177 
HIS H2   H N N 178 
HIS HA   H N N 179 
HIS HB2  H N N 180 
HIS HB3  H N N 181 
HIS HD1  H N N 182 
HIS HD2  H N N 183 
HIS HE1  H N N 184 
HIS HE2  H N N 185 
HIS HXT  H N N 186 
HOH O    O N N 187 
HOH H1   H N N 188 
HOH H2   H N N 189 
ILE N    N N N 190 
ILE CA   C N S 191 
ILE C    C N N 192 
ILE O    O N N 193 
ILE CB   C N S 194 
ILE CG1  C N N 195 
ILE CG2  C N N 196 
ILE CD1  C N N 197 
ILE OXT  O N N 198 
ILE H    H N N 199 
ILE H2   H N N 200 
ILE HA   H N N 201 
ILE HB   H N N 202 
ILE HG12 H N N 203 
ILE HG13 H N N 204 
ILE HG21 H N N 205 
ILE HG22 H N N 206 
ILE HG23 H N N 207 
ILE HD11 H N N 208 
ILE HD12 H N N 209 
ILE HD13 H N N 210 
ILE HXT  H N N 211 
LEU N    N N N 212 
LEU CA   C N S 213 
LEU C    C N N 214 
LEU O    O N N 215 
LEU CB   C N N 216 
LEU CG   C N N 217 
LEU CD1  C N N 218 
LEU CD2  C N N 219 
LEU OXT  O N N 220 
LEU H    H N N 221 
LEU H2   H N N 222 
LEU HA   H N N 223 
LEU HB2  H N N 224 
LEU HB3  H N N 225 
LEU HG   H N N 226 
LEU HD11 H N N 227 
LEU HD12 H N N 228 
LEU HD13 H N N 229 
LEU HD21 H N N 230 
LEU HD22 H N N 231 
LEU HD23 H N N 232 
LEU HXT  H N N 233 
LYS N    N N N 234 
LYS CA   C N S 235 
LYS C    C N N 236 
LYS O    O N N 237 
LYS CB   C N N 238 
LYS CG   C N N 239 
LYS CD   C N N 240 
LYS CE   C N N 241 
LYS NZ   N N N 242 
LYS OXT  O N N 243 
LYS H    H N N 244 
LYS H2   H N N 245 
LYS HA   H N N 246 
LYS HB2  H N N 247 
LYS HB3  H N N 248 
LYS HG2  H N N 249 
LYS HG3  H N N 250 
LYS HD2  H N N 251 
LYS HD3  H N N 252 
LYS HE2  H N N 253 
LYS HE3  H N N 254 
LYS HZ1  H N N 255 
LYS HZ2  H N N 256 
LYS HZ3  H N N 257 
LYS HXT  H N N 258 
PHE N    N N N 259 
PHE CA   C N S 260 
PHE C    C N N 261 
PHE O    O N N 262 
PHE CB   C N N 263 
PHE CG   C Y N 264 
PHE CD1  C Y N 265 
PHE CD2  C Y N 266 
PHE CE1  C Y N 267 
PHE CE2  C Y N 268 
PHE CZ   C Y N 269 
PHE OXT  O N N 270 
PHE H    H N N 271 
PHE H2   H N N 272 
PHE HA   H N N 273 
PHE HB2  H N N 274 
PHE HB3  H N N 275 
PHE HD1  H N N 276 
PHE HD2  H N N 277 
PHE HE1  H N N 278 
PHE HE2  H N N 279 
PHE HZ   H N N 280 
PHE HXT  H N N 281 
PRO N    N N N 282 
PRO CA   C N S 283 
PRO C    C N N 284 
PRO O    O N N 285 
PRO CB   C N N 286 
PRO CG   C N N 287 
PRO CD   C N N 288 
PRO OXT  O N N 289 
PRO H    H N N 290 
PRO HA   H N N 291 
PRO HB2  H N N 292 
PRO HB3  H N N 293 
PRO HG2  H N N 294 
PRO HG3  H N N 295 
PRO HD2  H N N 296 
PRO HD3  H N N 297 
PRO HXT  H N N 298 
SER N    N N N 299 
SER CA   C N S 300 
SER C    C N N 301 
SER O    O N N 302 
SER CB   C N N 303 
SER OG   O N N 304 
SER OXT  O N N 305 
SER H    H N N 306 
SER H2   H N N 307 
SER HA   H N N 308 
SER HB2  H N N 309 
SER HB3  H N N 310 
SER HG   H N N 311 
SER HXT  H N N 312 
THR N    N N N 313 
THR CA   C N S 314 
THR C    C N N 315 
THR O    O N N 316 
THR CB   C N R 317 
THR OG1  O N N 318 
THR CG2  C N N 319 
THR OXT  O N N 320 
THR H    H N N 321 
THR H2   H N N 322 
THR HA   H N N 323 
THR HB   H N N 324 
THR HG1  H N N 325 
THR HG21 H N N 326 
THR HG22 H N N 327 
THR HG23 H N N 328 
THR HXT  H N N 329 
TYR N    N N N 330 
TYR CA   C N S 331 
TYR C    C N N 332 
TYR O    O N N 333 
TYR CB   C N N 334 
TYR CG   C Y N 335 
TYR CD1  C Y N 336 
TYR CD2  C Y N 337 
TYR CE1  C Y N 338 
TYR CE2  C Y N 339 
TYR CZ   C Y N 340 
TYR OH   O N N 341 
TYR OXT  O N N 342 
TYR H    H N N 343 
TYR H2   H N N 344 
TYR HA   H N N 345 
TYR HB2  H N N 346 
TYR HB3  H N N 347 
TYR HD1  H N N 348 
TYR HD2  H N N 349 
TYR HE1  H N N 350 
TYR HE2  H N N 351 
TYR HH   H N N 352 
TYR HXT  H N N 353 
VAL N    N N N 354 
VAL CA   C N S 355 
VAL C    C N N 356 
VAL O    O N N 357 
VAL CB   C N N 358 
VAL CG1  C N N 359 
VAL CG2  C N N 360 
VAL OXT  O N N 361 
VAL H    H N N 362 
VAL H2   H N N 363 
VAL HA   H N N 364 
VAL HB   H N N 365 
VAL HG11 H N N 366 
VAL HG12 H N N 367 
VAL HG13 H N N 368 
VAL HG21 H N N 369 
VAL HG22 H N N 370 
VAL HG23 H N N 371 
VAL HXT  H N N 372 
# 
loop_
_chem_comp_bond.comp_id 
_chem_comp_bond.atom_id_1 
_chem_comp_bond.atom_id_2 
_chem_comp_bond.value_order 
_chem_comp_bond.pdbx_aromatic_flag 
_chem_comp_bond.pdbx_stereo_config 
_chem_comp_bond.pdbx_ordinal 
4IN N   CA   sing N N 1   
4IN N   H    sing N N 2   
4IN N   H2   sing N N 3   
4IN CA  CB   sing N N 4   
4IN CA  C    sing N N 5   
4IN CA  HA   sing N N 6   
4IN CB  CG   sing N N 7   
4IN CB  HB2  sing N N 8   
4IN CB  HB3  sing N N 9   
4IN CG  CD1  doub Y N 10  
4IN CG  CD2  sing Y N 11  
4IN CD1 NE1  sing Y N 12  
4IN CD1 HD1  sing N N 13  
4IN NE1 CE2  sing Y N 14  
4IN NE1 HE1  sing N N 15  
4IN CE2 CZ2  doub Y N 16  
4IN CE2 CD2  sing Y N 17  
4IN CZ2 CH2  sing Y N 18  
4IN CZ2 HZ2  sing N N 19  
4IN CH2 CZ3  doub Y N 20  
4IN CH2 HH2  sing N N 21  
4IN CZ3 CE3  sing Y N 22  
4IN CZ3 HZ3  sing N N 23  
4IN CE3 N16  sing N N 24  
4IN CE3 CD2  doub Y N 25  
4IN N16 H161 sing N N 26  
4IN N16 H162 sing N N 27  
4IN C   OXT  sing N N 28  
4IN C   O    doub N N 29  
4IN OXT HXT  sing N N 30  
ALA N   CA   sing N N 31  
ALA N   H    sing N N 32  
ALA N   H2   sing N N 33  
ALA CA  C    sing N N 34  
ALA CA  CB   sing N N 35  
ALA CA  HA   sing N N 36  
ALA C   O    doub N N 37  
ALA C   OXT  sing N N 38  
ALA CB  HB1  sing N N 39  
ALA CB  HB2  sing N N 40  
ALA CB  HB3  sing N N 41  
ALA OXT HXT  sing N N 42  
ARG N   CA   sing N N 43  
ARG N   H    sing N N 44  
ARG N   H2   sing N N 45  
ARG CA  C    sing N N 46  
ARG CA  CB   sing N N 47  
ARG CA  HA   sing N N 48  
ARG C   O    doub N N 49  
ARG C   OXT  sing N N 50  
ARG CB  CG   sing N N 51  
ARG CB  HB2  sing N N 52  
ARG CB  HB3  sing N N 53  
ARG CG  CD   sing N N 54  
ARG CG  HG2  sing N N 55  
ARG CG  HG3  sing N N 56  
ARG CD  NE   sing N N 57  
ARG CD  HD2  sing N N 58  
ARG CD  HD3  sing N N 59  
ARG NE  CZ   sing N N 60  
ARG NE  HE   sing N N 61  
ARG CZ  NH1  sing N N 62  
ARG CZ  NH2  doub N N 63  
ARG NH1 HH11 sing N N 64  
ARG NH1 HH12 sing N N 65  
ARG NH2 HH21 sing N N 66  
ARG NH2 HH22 sing N N 67  
ARG OXT HXT  sing N N 68  
ASN N   CA   sing N N 69  
ASN N   H    sing N N 70  
ASN N   H2   sing N N 71  
ASN CA  C    sing N N 72  
ASN CA  CB   sing N N 73  
ASN CA  HA   sing N N 74  
ASN C   O    doub N N 75  
ASN C   OXT  sing N N 76  
ASN CB  CG   sing N N 77  
ASN CB  HB2  sing N N 78  
ASN CB  HB3  sing N N 79  
ASN CG  OD1  doub N N 80  
ASN CG  ND2  sing N N 81  
ASN ND2 HD21 sing N N 82  
ASN ND2 HD22 sing N N 83  
ASN OXT HXT  sing N N 84  
ASP N   CA   sing N N 85  
ASP N   H    sing N N 86  
ASP N   H2   sing N N 87  
ASP CA  C    sing N N 88  
ASP CA  CB   sing N N 89  
ASP CA  HA   sing N N 90  
ASP C   O    doub N N 91  
ASP C   OXT  sing N N 92  
ASP CB  CG   sing N N 93  
ASP CB  HB2  sing N N 94  
ASP CB  HB3  sing N N 95  
ASP CG  OD1  doub N N 96  
ASP CG  OD2  sing N N 97  
ASP OD2 HD2  sing N N 98  
ASP OXT HXT  sing N N 99  
CYS N   CA   sing N N 100 
CYS N   H    sing N N 101 
CYS N   H2   sing N N 102 
CYS CA  C    sing N N 103 
CYS CA  CB   sing N N 104 
CYS CA  HA   sing N N 105 
CYS C   O    doub N N 106 
CYS C   OXT  sing N N 107 
CYS CB  SG   sing N N 108 
CYS CB  HB2  sing N N 109 
CYS CB  HB3  sing N N 110 
CYS SG  HG   sing N N 111 
CYS OXT HXT  sing N N 112 
GLN N   CA   sing N N 113 
GLN N   H    sing N N 114 
GLN N   H2   sing N N 115 
GLN CA  C    sing N N 116 
GLN CA  CB   sing N N 117 
GLN CA  HA   sing N N 118 
GLN C   O    doub N N 119 
GLN C   OXT  sing N N 120 
GLN CB  CG   sing N N 121 
GLN CB  HB2  sing N N 122 
GLN CB  HB3  sing N N 123 
GLN CG  CD   sing N N 124 
GLN CG  HG2  sing N N 125 
GLN CG  HG3  sing N N 126 
GLN CD  OE1  doub N N 127 
GLN CD  NE2  sing N N 128 
GLN NE2 HE21 sing N N 129 
GLN NE2 HE22 sing N N 130 
GLN OXT HXT  sing N N 131 
GLU N   CA   sing N N 132 
GLU N   H    sing N N 133 
GLU N   H2   sing N N 134 
GLU CA  C    sing N N 135 
GLU CA  CB   sing N N 136 
GLU CA  HA   sing N N 137 
GLU C   O    doub N N 138 
GLU C   OXT  sing N N 139 
GLU CB  CG   sing N N 140 
GLU CB  HB2  sing N N 141 
GLU CB  HB3  sing N N 142 
GLU CG  CD   sing N N 143 
GLU CG  HG2  sing N N 144 
GLU CG  HG3  sing N N 145 
GLU CD  OE1  doub N N 146 
GLU CD  OE2  sing N N 147 
GLU OE2 HE2  sing N N 148 
GLU OXT HXT  sing N N 149 
GLY N   CA   sing N N 150 
GLY N   H    sing N N 151 
GLY N   H2   sing N N 152 
GLY CA  C    sing N N 153 
GLY CA  HA2  sing N N 154 
GLY CA  HA3  sing N N 155 
GLY C   O    doub N N 156 
GLY C   OXT  sing N N 157 
GLY OXT HXT  sing N N 158 
HIS N   CA   sing N N 159 
HIS N   H    sing N N 160 
HIS N   H2   sing N N 161 
HIS CA  C    sing N N 162 
HIS CA  CB   sing N N 163 
HIS CA  HA   sing N N 164 
HIS C   O    doub N N 165 
HIS C   OXT  sing N N 166 
HIS CB  CG   sing N N 167 
HIS CB  HB2  sing N N 168 
HIS CB  HB3  sing N N 169 
HIS CG  ND1  sing Y N 170 
HIS CG  CD2  doub Y N 171 
HIS ND1 CE1  doub Y N 172 
HIS ND1 HD1  sing N N 173 
HIS CD2 NE2  sing Y N 174 
HIS CD2 HD2  sing N N 175 
HIS CE1 NE2  sing Y N 176 
HIS CE1 HE1  sing N N 177 
HIS NE2 HE2  sing N N 178 
HIS OXT HXT  sing N N 179 
HOH O   H1   sing N N 180 
HOH O   H2   sing N N 181 
ILE N   CA   sing N N 182 
ILE N   H    sing N N 183 
ILE N   H2   sing N N 184 
ILE CA  C    sing N N 185 
ILE CA  CB   sing N N 186 
ILE CA  HA   sing N N 187 
ILE C   O    doub N N 188 
ILE C   OXT  sing N N 189 
ILE CB  CG1  sing N N 190 
ILE CB  CG2  sing N N 191 
ILE CB  HB   sing N N 192 
ILE CG1 CD1  sing N N 193 
ILE CG1 HG12 sing N N 194 
ILE CG1 HG13 sing N N 195 
ILE CG2 HG21 sing N N 196 
ILE CG2 HG22 sing N N 197 
ILE CG2 HG23 sing N N 198 
ILE CD1 HD11 sing N N 199 
ILE CD1 HD12 sing N N 200 
ILE CD1 HD13 sing N N 201 
ILE OXT HXT  sing N N 202 
LEU N   CA   sing N N 203 
LEU N   H    sing N N 204 
LEU N   H2   sing N N 205 
LEU CA  C    sing N N 206 
LEU CA  CB   sing N N 207 
LEU CA  HA   sing N N 208 
LEU C   O    doub N N 209 
LEU C   OXT  sing N N 210 
LEU CB  CG   sing N N 211 
LEU CB  HB2  sing N N 212 
LEU CB  HB3  sing N N 213 
LEU CG  CD1  sing N N 214 
LEU CG  CD2  sing N N 215 
LEU CG  HG   sing N N 216 
LEU CD1 HD11 sing N N 217 
LEU CD1 HD12 sing N N 218 
LEU CD1 HD13 sing N N 219 
LEU CD2 HD21 sing N N 220 
LEU CD2 HD22 sing N N 221 
LEU CD2 HD23 sing N N 222 
LEU OXT HXT  sing N N 223 
LYS N   CA   sing N N 224 
LYS N   H    sing N N 225 
LYS N   H2   sing N N 226 
LYS CA  C    sing N N 227 
LYS CA  CB   sing N N 228 
LYS CA  HA   sing N N 229 
LYS C   O    doub N N 230 
LYS C   OXT  sing N N 231 
LYS CB  CG   sing N N 232 
LYS CB  HB2  sing N N 233 
LYS CB  HB3  sing N N 234 
LYS CG  CD   sing N N 235 
LYS CG  HG2  sing N N 236 
LYS CG  HG3  sing N N 237 
LYS CD  CE   sing N N 238 
LYS CD  HD2  sing N N 239 
LYS CD  HD3  sing N N 240 
LYS CE  NZ   sing N N 241 
LYS CE  HE2  sing N N 242 
LYS CE  HE3  sing N N 243 
LYS NZ  HZ1  sing N N 244 
LYS NZ  HZ2  sing N N 245 
LYS NZ  HZ3  sing N N 246 
LYS OXT HXT  sing N N 247 
PHE N   CA   sing N N 248 
PHE N   H    sing N N 249 
PHE N   H2   sing N N 250 
PHE CA  C    sing N N 251 
PHE CA  CB   sing N N 252 
PHE CA  HA   sing N N 253 
PHE C   O    doub N N 254 
PHE C   OXT  sing N N 255 
PHE CB  CG   sing N N 256 
PHE CB  HB2  sing N N 257 
PHE CB  HB3  sing N N 258 
PHE CG  CD1  doub Y N 259 
PHE CG  CD2  sing Y N 260 
PHE CD1 CE1  sing Y N 261 
PHE CD1 HD1  sing N N 262 
PHE CD2 CE2  doub Y N 263 
PHE CD2 HD2  sing N N 264 
PHE CE1 CZ   doub Y N 265 
PHE CE1 HE1  sing N N 266 
PHE CE2 CZ   sing Y N 267 
PHE CE2 HE2  sing N N 268 
PHE CZ  HZ   sing N N 269 
PHE OXT HXT  sing N N 270 
PRO N   CA   sing N N 271 
PRO N   CD   sing N N 272 
PRO N   H    sing N N 273 
PRO CA  C    sing N N 274 
PRO CA  CB   sing N N 275 
PRO CA  HA   sing N N 276 
PRO C   O    doub N N 277 
PRO C   OXT  sing N N 278 
PRO CB  CG   sing N N 279 
PRO CB  HB2  sing N N 280 
PRO CB  HB3  sing N N 281 
PRO CG  CD   sing N N 282 
PRO CG  HG2  sing N N 283 
PRO CG  HG3  sing N N 284 
PRO CD  HD2  sing N N 285 
PRO CD  HD3  sing N N 286 
PRO OXT HXT  sing N N 287 
SER N   CA   sing N N 288 
SER N   H    sing N N 289 
SER N   H2   sing N N 290 
SER CA  C    sing N N 291 
SER CA  CB   sing N N 292 
SER CA  HA   sing N N 293 
SER C   O    doub N N 294 
SER C   OXT  sing N N 295 
SER CB  OG   sing N N 296 
SER CB  HB2  sing N N 297 
SER CB  HB3  sing N N 298 
SER OG  HG   sing N N 299 
SER OXT HXT  sing N N 300 
THR N   CA   sing N N 301 
THR N   H    sing N N 302 
THR N   H2   sing N N 303 
THR CA  C    sing N N 304 
THR CA  CB   sing N N 305 
THR CA  HA   sing N N 306 
THR C   O    doub N N 307 
THR C   OXT  sing N N 308 
THR CB  OG1  sing N N 309 
THR CB  CG2  sing N N 310 
THR CB  HB   sing N N 311 
THR OG1 HG1  sing N N 312 
THR CG2 HG21 sing N N 313 
THR CG2 HG22 sing N N 314 
THR CG2 HG23 sing N N 315 
THR OXT HXT  sing N N 316 
TYR N   CA   sing N N 317 
TYR N   H    sing N N 318 
TYR N   H2   sing N N 319 
TYR CA  C    sing N N 320 
TYR CA  CB   sing N N 321 
TYR CA  HA   sing N N 322 
TYR C   O    doub N N 323 
TYR C   OXT  sing N N 324 
TYR CB  CG   sing N N 325 
TYR CB  HB2  sing N N 326 
TYR CB  HB3  sing N N 327 
TYR CG  CD1  doub Y N 328 
TYR CG  CD2  sing Y N 329 
TYR CD1 CE1  sing Y N 330 
TYR CD1 HD1  sing N N 331 
TYR CD2 CE2  doub Y N 332 
TYR CD2 HD2  sing N N 333 
TYR CE1 CZ   doub Y N 334 
TYR CE1 HE1  sing N N 335 
TYR CE2 CZ   sing Y N 336 
TYR CE2 HE2  sing N N 337 
TYR CZ  OH   sing N N 338 
TYR OH  HH   sing N N 339 
TYR OXT HXT  sing N N 340 
VAL N   CA   sing N N 341 
VAL N   H    sing N N 342 
VAL N   H2   sing N N 343 
VAL CA  C    sing N N 344 
VAL CA  CB   sing N N 345 
VAL CA  HA   sing N N 346 
VAL C   O    doub N N 347 
VAL C   OXT  sing N N 348 
VAL CB  CG1  sing N N 349 
VAL CB  CG2  sing N N 350 
VAL CB  HB   sing N N 351 
VAL CG1 HG11 sing N N 352 
VAL CG1 HG12 sing N N 353 
VAL CG1 HG13 sing N N 354 
VAL CG2 HG21 sing N N 355 
VAL CG2 HG22 sing N N 356 
VAL CG2 HG23 sing N N 357 
VAL OXT HXT  sing N N 358 
# 
_atom_sites.entry_id                    2HXX 
_atom_sites.fract_transf_matrix[1][1]   0.00451730 
_atom_sites.fract_transf_matrix[1][2]   -0.01216016 
_atom_sites.fract_transf_matrix[1][3]   0.00455624 
_atom_sites.fract_transf_matrix[2][1]   0.01997642 
_atom_sites.fract_transf_matrix[2][2]   0.00549888 
_atom_sites.fract_transf_matrix[2][3]   -0.00512972 
_atom_sites.fract_transf_matrix[3][1]   0.00640916 
_atom_sites.fract_transf_matrix[3][2]   -0.00292764 
_atom_sites.fract_transf_matrix[3][3]   0.02182055 
_atom_sites.fract_transf_vector[1]      0.498491 
_atom_sites.fract_transf_vector[2]      0.220110 
_atom_sites.fract_transf_vector[3]      0.252073 
# 
loop_
_atom_type.symbol 
C 
N 
O 
# 
loop_
_atom_site.group_PDB 
_atom_site.id 
_atom_site.type_symbol 
_atom_site.label_atom_id 
_atom_site.label_alt_id 
_atom_site.label_comp_id 
_atom_site.label_asym_id 
_atom_site.label_entity_id 
_atom_site.label_seq_id 
_atom_site.pdbx_PDB_ins_code 
_atom_site.Cartn_x 
_atom_site.Cartn_y 
_atom_site.Cartn_z 
_atom_site.occupancy 
_atom_site.B_iso_or_equiv 
_atom_site.pdbx_formal_charge 
_atom_site.auth_seq_id 
_atom_site.auth_comp_id 
_atom_site.auth_asym_id 
_atom_site.auth_atom_id 
_atom_site.pdbx_PDB_model_num 
ATOM   1    N N   . LYS A 1 1  ? -11.435 11.886  7.849   1.00 48.51 ? 1   LYS A N   1 
ATOM   2    C CA  . LYS A 1 1  ? -10.020 11.959  8.319   1.00 46.47 ? 1   LYS A CA  1 
ATOM   3    C C   . LYS A 1 1  ? -9.452  10.555  8.474   1.00 44.45 ? 1   LYS A C   1 
ATOM   4    O O   . LYS A 1 1  ? -8.398  10.262  7.924   1.00 46.46 ? 1   LYS A O   1 
ATOM   5    C CB  . LYS A 1 1  ? -9.922  12.703  9.657   1.00 47.30 ? 1   LYS A CB  1 
ATOM   6    C CG  . LYS A 1 1  ? -8.630  13.514  9.833   1.00 49.44 ? 1   LYS A CG  1 
ATOM   7    C CD  . LYS A 1 1  ? -7.355  12.677  9.702   1.00 49.23 ? 1   LYS A CD  1 
ATOM   8    C CE  . LYS A 1 1  ? -6.099  13.561  9.791   1.00 49.89 ? 1   LYS A CE  1 
ATOM   9    N NZ  . LYS A 1 1  ? -4.806  12.849  9.499   1.00 45.72 ? 1   LYS A NZ  1 
ATOM   10   N N   . LYS A 1 2  ? -10.154 9.688   9.202   1.00 40.37 ? 2   LYS A N   1 
ATOM   11   C CA  . LYS A 1 2  ? -9.691  8.312   9.410   1.00 39.45 ? 2   LYS A CA  1 
ATOM   12   C C   . LYS A 1 2  ? -10.733 7.229   9.110   1.00 35.75 ? 2   LYS A C   1 
ATOM   13   O O   . LYS A 1 2  ? -11.711 7.082   9.847   1.00 36.07 ? 2   LYS A O   1 
ATOM   14   C CB  . LYS A 1 2  ? -9.215  8.137   10.849  1.00 40.82 ? 2   LYS A CB  1 
ATOM   15   C CG  . LYS A 1 2  ? -8.874  6.706   11.221  1.00 43.92 ? 2   LYS A CG  1 
ATOM   16   C CD  . LYS A 1 2  ? -7.643  6.217   10.485  1.00 46.31 ? 2   LYS A CD  1 
ATOM   17   C CE  . LYS A 1 2  ? -7.207  4.860   10.998  1.00 47.31 ? 2   LYS A CE  1 
ATOM   18   N NZ  . LYS A 1 2  ? -6.975  4.887   12.462  1.00 47.88 ? 2   LYS A NZ  1 
ATOM   19   N N   . ALA A 1 3  ? -10.522 6.471   8.035   1.00 31.97 ? 3   ALA A N   1 
ATOM   20   C CA  . ALA A 1 3  ? -11.435 5.393   7.667   1.00 26.38 ? 3   ALA A CA  1 
ATOM   21   C C   . ALA A 1 3  ? -10.776 4.011   7.906   1.00 26.03 ? 3   ALA A C   1 
ATOM   22   O O   . ALA A 1 3  ? -9.598  3.789   7.588   1.00 23.98 ? 3   ALA A O   1 
ATOM   23   C CB  . ALA A 1 3  ? -11.868 5.548   6.196   1.00 28.93 ? 3   ALA A CB  1 
ATOM   24   N N   . VAL A 1 4  ? -11.549 3.094   8.474   1.00 22.98 ? 4   VAL A N   1 
ATOM   25   C CA  . VAL A 1 4  ? -11.062 1.767   8.806   1.00 21.98 ? 4   VAL A CA  1 
ATOM   26   C C   . VAL A 1 4  ? -11.835 0.651   8.141   1.00 17.78 ? 4   VAL A C   1 
ATOM   27   O O   . VAL A 1 4  ? -13.051 0.651   8.123   1.00 17.58 ? 4   VAL A O   1 
ATOM   28   C CB  . VAL A 1 4  ? -11.137 1.521   10.341  1.00 21.75 ? 4   VAL A CB  1 
ATOM   29   C CG1 . VAL A 1 4  ? -10.669 0.110   10.669  1.00 19.84 ? 4   VAL A CG1 1 
ATOM   30   C CG2 . VAL A 1 4  ? -10.274 2.553   11.074  1.00 22.23 ? 4   VAL A CG2 1 
ATOM   31   N N   . ILE A 1 5  ? -11.111 -0.310  7.605   1.00 21.59 ? 5   ILE A N   1 
ATOM   32   C CA  . ILE A 1 5  ? -11.734 -1.465  6.987   1.00 21.13 ? 5   ILE A CA  1 
ATOM   33   C C   . ILE A 1 5  ? -11.246 -2.698  7.716   1.00 19.50 ? 5   ILE A C   1 
ATOM   34   O O   . ILE A 1 5  ? -10.055 -2.911  7.798   1.00 20.14 ? 5   ILE A O   1 
ATOM   35   C CB  . ILE A 1 5  ? -11.307 -1.619  5.489   1.00 26.42 ? 5   ILE A CB  1 
ATOM   36   C CG1 . ILE A 1 5  ? -11.813 -0.434  4.659   1.00 26.02 ? 5   ILE A CG1 1 
ATOM   37   C CG2 . ILE A 1 5  ? -11.822 -2.962  4.932   1.00 23.38 ? 5   ILE A CG2 1 
ATOM   38   C CD1 . ILE A 1 5  ? -11.325 -0.493  3.213   1.00 30.78 ? 5   ILE A CD1 1 
ATOM   39   N N   . ASN A 1 6  ? -12.160 -3.503  8.255   1.00 25.28 ? 6   ASN A N   1 
ATOM   40   C CA  . ASN A 1 6  ? -11.798 -4.780  8.902   1.00 22.60 ? 6   ASN A CA  1 
ATOM   41   C C   . ASN A 1 6  ? -11.954 -5.862  7.821   1.00 23.53 ? 6   ASN A C   1 
ATOM   42   O O   . ASN A 1 6  ? -12.995 -6.513  7.717   1.00 24.16 ? 6   ASN A O   1 
ATOM   43   C CB  . ASN A 1 6  ? -12.742 -5.067  10.065  1.00 24.59 ? 6   ASN A CB  1 
ATOM   44   C CG  . ASN A 1 6  ? -12.612 -4.030  11.194  1.00 28.02 ? 6   ASN A CG  1 
ATOM   45   O OD1 . ASN A 1 6  ? -13.536 -3.253  11.449  1.00 30.67 ? 6   ASN A OD1 1 
ATOM   46   N ND2 . ASN A 1 6  ? -11.459 -4.013  11.860  1.00 28.01 ? 6   ASN A ND2 1 
ATOM   47   N N   . GLY A 1 7  ? -10.909 -6.058  7.021   1.00 23.68 ? 7   GLY A N   1 
ATOM   48   C CA  . GLY A 1 7  ? -10.980 -7.009  5.914   1.00 25.41 ? 7   GLY A CA  1 
ATOM   49   C C   . GLY A 1 7  ? -11.527 -8.385  6.202   1.00 29.03 ? 7   GLY A C   1 
ATOM   50   O O   . GLY A 1 7  ? -12.038 -9.058  5.308   1.00 26.93 ? 7   GLY A O   1 
ATOM   51   N N   . GLU A 1 8  ? -11.393 -8.811  7.456   1.00 31.52 ? 8   GLU A N   1 
ATOM   52   C CA  . GLU A 1 8  ? -11.876 -10.112 7.912   1.00 31.56 ? 8   GLU A CA  1 
ATOM   53   C C   . GLU A 1 8  ? -13.388 -10.166 7.791   1.00 29.69 ? 8   GLU A C   1 
ATOM   54   O O   . GLU A 1 8  ? -13.962 -11.231 7.595   1.00 31.42 ? 8   GLU A O   1 
ATOM   55   C CB  . GLU A 1 8  ? -11.506 -10.316 9.385   1.00 35.30 ? 8   GLU A CB  1 
ATOM   56   C CG  . GLU A 1 8  ? -11.756 -9.054  10.216  1.00 40.06 ? 8   GLU A CG  1 
ATOM   57   C CD  . GLU A 1 8  ? -12.124 -9.374  11.632  1.00 43.42 ? 8   GLU A CD  1 
ATOM   58   O OE1 . GLU A 1 8  ? -12.634 -8.481  12.353  1.00 45.02 ? 8   GLU A OE1 1 
ATOM   59   O OE2 . GLU A 1 8  ? -11.896 -10.538 12.026  1.00 49.60 ? 8   GLU A OE2 1 
ATOM   60   N N   . GLN A 1 9  ? -14.031 -9.014  7.919   1.00 26.41 ? 9   GLN A N   1 
ATOM   61   C CA  . GLN A 1 9  ? -15.489 -8.946  7.844   1.00 28.71 ? 9   GLN A CA  1 
ATOM   62   C C   . GLN A 1 9  ? -16.038 -8.763  6.425   1.00 25.98 ? 9   GLN A C   1 
ATOM   63   O O   . GLN A 1 9  ? -17.250 -8.741  6.237   1.00 22.54 ? 9   GLN A O   1 
ATOM   64   C CB  . GLN A 1 9  ? -16.007 -7.779  8.681   1.00 27.60 ? 9   GLN A CB  1 
ATOM   65   C CG  . GLN A 1 9  ? -15.255 -7.534  9.927   1.00 33.09 ? 9   GLN A CG  1 
ATOM   66   C CD  . GLN A 1 9  ? -15.939 -8.104  11.124  1.00 37.59 ? 9   GLN A CD  1 
ATOM   67   O OE1 . GLN A 1 9  ? -15.851 -9.303  11.392  1.00 39.14 ? 9   GLN A OE1 1 
ATOM   68   N NE2 . GLN A 1 9  ? -16.642 -7.243  11.866  1.00 40.34 ? 9   GLN A NE2 1 
ATOM   69   N N   . ILE A 1 10 ? -15.148 -8.596  5.446   1.00 28.51 ? 10  ILE A N   1 
ATOM   70   C CA  . ILE A 1 10 ? -15.555 -8.382  4.057   1.00 24.81 ? 10  ILE A CA  1 
ATOM   71   C C   . ILE A 1 10 ? -15.992 -9.677  3.403   1.00 24.61 ? 10  ILE A C   1 
ATOM   72   O O   . ILE A 1 10 ? -15.338 -10.685 3.537   1.00 23.65 ? 10  ILE A O   1 
ATOM   73   C CB  . ILE A 1 10 ? -14.400 -7.764  3.237   1.00 23.80 ? 10  ILE A CB  1 
ATOM   74   C CG1 . ILE A 1 10 ? -14.023 -6.379  3.815   1.00 22.84 ? 10  ILE A CG1 1 
ATOM   75   C CG2 . ILE A 1 10 ? -14.781 -7.708  1.727   1.00 21.83 ? 10  ILE A CG2 1 
ATOM   76   C CD1 . ILE A 1 10 ? -15.174 -5.291  3.845   1.00 21.61 ? 10  ILE A CD1 1 
ATOM   77   N N   . ARG A 1 11 ? -17.112 -9.646  2.692   1.00 27.57 ? 11  ARG A N   1 
ATOM   78   C CA  . ARG A 1 11 ? -17.595 -10.843 2.006   1.00 27.56 ? 11  ARG A CA  1 
ATOM   79   C C   . ARG A 1 11 ? -17.755 -10.665 0.486   1.00 29.12 ? 11  ARG A C   1 
ATOM   80   O O   . ARG A 1 11 ? -18.042 -11.636 -0.224  1.00 32.22 ? 11  ARG A O   1 
ATOM   81   C CB  . ARG A 1 11 ? -18.927 -11.307 2.628   1.00 27.61 ? 11  ARG A CB  1 
ATOM   82   C CG  . ARG A 1 11 ? -18.826 -11.735 4.112   1.00 25.30 ? 11  ARG A CG  1 
ATOM   83   C CD  . ARG A 1 11 ? -18.083 -13.055 4.242   1.00 26.95 ? 11  ARG A CD  1 
ATOM   84   N NE  . ARG A 1 11 ? -17.946 -13.500 5.620   1.00 28.36 ? 11  ARG A NE  1 
ATOM   85   C CZ  . ARG A 1 11 ? -16.980 -13.107 6.447   1.00 29.50 ? 11  ARG A CZ  1 
ATOM   86   N NH1 . ARG A 1 11 ? -16.047 -12.261 6.027   1.00 28.54 ? 11  ARG A NH1 1 
ATOM   87   N NH2 . ARG A 1 11 ? -16.970 -13.535 7.708   1.00 25.74 ? 11  ARG A NH2 1 
ATOM   88   N N   . SER A 1 12 ? -17.580 -9.438  -0.008  1.00 27.01 ? 12  SER A N   1 
ATOM   89   C CA  . SER A 1 12 ? -17.702 -9.156  -1.447  1.00 26.65 ? 12  SER A CA  1 
ATOM   90   C C   . SER A 1 12 ? -17.280 -7.732  -1.793  1.00 27.54 ? 12  SER A C   1 
ATOM   91   O O   . SER A 1 12 ? -17.020 -6.901  -0.901  1.00 25.75 ? 12  SER A O   1 
ATOM   92   C CB  . SER A 1 12 ? -19.146 -9.365  -1.912  1.00 24.46 ? 12  SER A CB  1 
ATOM   93   O OG  . SER A 1 12 ? -19.992 -8.337  -1.428  1.00 25.78 ? 12  SER A OG  1 
ATOM   94   N N   . ILE A 1 13 ? -17.240 -7.431  -3.090  1.00 27.35 ? 13  ILE A N   1 
ATOM   95   C CA  . ILE A 1 13 ? -16.849 -6.097  -3.535  1.00 26.83 ? 13  ILE A CA  1 
ATOM   96   C C   . ILE A 1 13 ? -17.828 -5.030  -3.037  1.00 25.73 ? 13  ILE A C   1 
ATOM   97   O O   . ILE A 1 13 ? -17.409 -3.962  -2.562  1.00 26.34 ? 13  ILE A O   1 
ATOM   98   C CB  . ILE A 1 13 ? -16.732 -6.035  -5.087  1.00 30.10 ? 13  ILE A CB  1 
ATOM   99   C CG1 . ILE A 1 13 ? -16.042 -4.750  -5.499  1.00 30.70 ? 13  ILE A CG1 1 
ATOM   100  C CG2 . ILE A 1 13 ? -18.110 -6.030  -5.740  1.00 35.47 ? 13  ILE A CG2 1 
ATOM   101  C CD1 . ILE A 1 13 ? -14.642 -4.629  -4.968  1.00 35.61 ? 13  ILE A CD1 1 
ATOM   102  N N   . SER A 1 14 ? -19.131 -5.298  -3.121  1.00 25.34 ? 14  SER A N   1 
ATOM   103  C CA  . SER A 1 14 ? -20.093 -4.310  -2.637  1.00 27.53 ? 14  SER A CA  1 
ATOM   104  C C   . SER A 1 14 ? -19.941 -4.021  -1.123  1.00 27.78 ? 14  SER A C   1 
ATOM   105  O O   . SER A 1 14 ? -20.143 -2.886  -0.676  1.00 30.22 ? 14  SER A O   1 
ATOM   106  C CB  . SER A 1 14 ? -21.514 -4.739  -2.973  1.00 27.90 ? 14  SER A CB  1 
ATOM   107  O OG  . SER A 1 14 ? -21.775 -6.068  -2.575  1.00 36.34 ? 14  SER A OG  1 
ATOM   108  N N   . ASP A 1 15 ? -19.562 -5.037  -0.348  1.00 29.71 ? 15  ASP A N   1 
ATOM   109  C CA  . ASP A 1 15 ? -19.344 -4.890  1.101   1.00 31.09 ? 15  ASP A CA  1 
ATOM   110  C C   . ASP A 1 15 ? -18.307 -3.822  1.299   1.00 29.98 ? 15  ASP A C   1 
ATOM   111  O O   . ASP A 1 15 ? -18.397 -2.997  2.202   1.00 30.86 ? 15  ASP A O   1 
ATOM   112  C CB  . ASP A 1 15 ? -18.746 -6.170  1.695   1.00 36.01 ? 15  ASP A CB  1 
ATOM   113  C CG  . ASP A 1 15 ? -19.766 -7.075  2.318   1.00 38.37 ? 15  ASP A CG  1 
ATOM   114  O OD1 . ASP A 1 15 ? -20.943 -7.054  1.899   1.00 41.72 ? 15  ASP A OD1 1 
ATOM   115  O OD2 . ASP A 1 15 ? -19.357 -7.834  3.228   1.00 40.54 ? 15  ASP A OD2 1 
ATOM   116  N N   . LEU A 1 16 ? -17.270 -3.894  0.468   1.00 29.17 ? 16  LEU A N   1 
ATOM   117  C CA  . LEU A 1 16 ? -16.179 -2.935  0.531   1.00 26.73 ? 16  LEU A CA  1 
ATOM   118  C C   . LEU A 1 16 ? -16.677 -1.549  0.242   1.00 24.14 ? 16  LEU A C   1 
ATOM   119  O O   . LEU A 1 16 ? -16.330 -0.607  0.937   1.00 24.20 ? 16  LEU A O   1 
ATOM   120  C CB  . LEU A 1 16 ? -15.115 -3.271  -0.501  1.00 27.84 ? 16  LEU A CB  1 
ATOM   121  C CG  . LEU A 1 16 ? -13.784 -3.763  -0.006  1.00 28.70 ? 16  LEU A CG  1 
ATOM   122  C CD1 . LEU A 1 16 ? -12.891 -3.955  -1.224  1.00 26.11 ? 16  LEU A CD1 1 
ATOM   123  C CD2 . LEU A 1 16 ? -13.202 -2.771  1.030   1.00 26.38 ? 16  LEU A CD2 1 
ATOM   124  N N   . HIS A 1 17 ? -17.479 -1.416  -0.812  1.00 24.03 ? 17  HIS A N   1 
ATOM   125  C CA  . HIS A 1 17 ? -18.002 -0.094  -1.181  1.00 22.45 ? 17  HIS A CA  1 
ATOM   126  C C   . HIS A 1 17 ? -18.918 0.457   -0.095  1.00 19.91 ? 17  HIS A C   1 
ATOM   127  O O   . HIS A 1 17 ? -18.873 1.636   0.218   1.00 21.92 ? 17  HIS A O   1 
ATOM   128  C CB  . HIS A 1 17 ? -18.780 -0.156  -2.517  1.00 23.17 ? 17  HIS A CB  1 
ATOM   129  C CG  . HIS A 1 17 ? -17.900 -0.184  -3.733  1.00 21.22 ? 17  HIS A CG  1 
ATOM   130  N ND1 . HIS A 1 17 ? -17.145 0.897   -4.129  1.00 19.92 ? 17  HIS A ND1 1 
ATOM   131  C CD2 . HIS A 1 17 ? -17.585 -1.195  -4.583  1.00 22.64 ? 17  HIS A CD2 1 
ATOM   132  C CE1 . HIS A 1 17 ? -16.394 0.556   -5.161  1.00 22.79 ? 17  HIS A CE1 1 
ATOM   133  N NE2 . HIS A 1 17 ? -16.641 -0.708  -5.455  1.00 22.67 ? 17  HIS A NE2 1 
ATOM   134  N N   . GLN A 1 18 ? -19.762 -0.396  0.468   1.00 20.25 ? 18  GLN A N   1 
ATOM   135  C CA  . GLN A 1 18 ? -20.682 0.068   1.486   1.00 25.50 ? 18  GLN A CA  1 
ATOM   136  C C   . GLN A 1 18 ? -19.940 0.401   2.807   1.00 25.29 ? 18  GLN A C   1 
ATOM   137  O O   . GLN A 1 18 ? -20.358 1.283   3.545   1.00 27.94 ? 18  GLN A O   1 
ATOM   138  C CB  . GLN A 1 18 ? -21.781 -0.972  1.685   1.00 27.01 ? 18  GLN A CB  1 
ATOM   139  C CG  . GLN A 1 18 ? -22.659 -1.124  0.448   1.00 33.94 ? 18  GLN A CG  1 
ATOM   140  C CD  . GLN A 1 18 ? -23.343 -2.483  0.353   1.00 36.69 ? 18  GLN A CD  1 
ATOM   141  O OE1 . GLN A 1 18 ? -24.000 -2.791  -0.643  1.00 40.93 ? 18  GLN A OE1 1 
ATOM   142  N NE2 . GLN A 1 18 ? -23.191 -3.298  1.383   1.00 37.75 ? 18  GLN A NE2 1 
ATOM   143  N N   . THR A 1 19 ? -18.830 -0.283  3.069   1.00 25.23 ? 19  THR A N   1 
ATOM   144  C CA  . THR A 1 19 ? -18.059 -0.008  4.273   1.00 23.63 ? 19  THR A CA  1 
ATOM   145  C C   . THR A 1 19 ? -17.439 1.354   4.046   1.00 24.18 ? 19  THR A C   1 
ATOM   146  O O   . THR A 1 19 ? -17.473 2.214   4.926   1.00 22.25 ? 19  THR A O   1 
ATOM   147  C CB  . THR A 1 19 ? -16.920 -1.087  4.535   1.00 22.86 ? 19  THR A CB  1 
ATOM   148  O OG1 . THR A 1 19 ? -17.506 -2.364  4.789   1.00 21.00 ? 19  THR A OG1 1 
ATOM   149  C CG2 . THR A 1 19 ? -16.073 -0.711  5.758   1.00 23.35 ? 19  THR A CG2 1 
ATOM   150  N N   . LEU A 1 20 ? -16.863 1.544   2.854   1.00 21.65 ? 20  LEU A N   1 
ATOM   151  C CA  . LEU A 1 20 ? -16.240 2.816   2.470   1.00 20.65 ? 20  LEU A CA  1 
ATOM   152  C C   . LEU A 1 20 ? -17.253 3.951   2.524   1.00 20.80 ? 20  LEU A C   1 
ATOM   153  O O   . LEU A 1 20 ? -16.928 5.075   2.952   1.00 21.76 ? 20  LEU A O   1 
ATOM   154  C CB  . LEU A 1 20 ? -15.660 2.712   1.046   1.00 20.91 ? 20  LEU A CB  1 
ATOM   155  C CG  . LEU A 1 20 ? -14.491 1.723   0.927   1.00 24.38 ? 20  LEU A CG  1 
ATOM   156  C CD1 . LEU A 1 20 ? -14.128 1.534   -0.573  1.00 26.02 ? 20  LEU A CD1 1 
ATOM   157  C CD2 . LEU A 1 20 ? -13.296 2.224   1.734   1.00 23.22 ? 20  LEU A CD2 1 
ATOM   158  N N   . LYS A 1 21 ? -18.479 3.646   2.100   1.00 20.03 ? 21  LYS A N   1 
ATOM   159  C CA  . LYS A 1 21 ? -19.555 4.615   2.096   1.00 22.89 ? 21  LYS A CA  1 
ATOM   160  C C   . LYS A 1 21 ? -19.746 5.136   3.537   1.00 23.07 ? 21  LYS A C   1 
ATOM   161  O O   . LYS A 1 21 ? -19.852 6.326   3.768   1.00 25.17 ? 21  LYS A O   1 
ATOM   162  C CB  . LYS A 1 21 ? -20.848 3.957   1.584   1.00 22.76 ? 21  LYS A CB  1 
ATOM   163  C CG  . LYS A 1 21 ? -22.056 4.891   1.588   1.00 23.89 ? 21  LYS A CG  1 
ATOM   164  C CD  . LYS A 1 21 ? -23.350 4.217   1.120   1.00 24.58 ? 21  LYS A CD  1 
ATOM   165  C CE  . LYS A 1 21 ? -24.448 5.276   0.884   1.00 23.68 ? 21  LYS A CE  1 
ATOM   166  N NZ  . LYS A 1 21 ? -25.776 4.672   0.553   1.00 22.16 ? 21  LYS A NZ  1 
ATOM   167  N N   . LYS A 1 22 ? -19.755 4.218   4.488   1.00 26.20 ? 22  LYS A N   1 
ATOM   168  C CA  . LYS A 1 22 ? -19.943 4.552   5.902   1.00 29.44 ? 22  LYS A CA  1 
ATOM   169  C C   . LYS A 1 22 ? -18.704 5.216   6.508   1.00 27.38 ? 22  LYS A C   1 
ATOM   170  O O   . LYS A 1 22 ? -18.797 6.290   7.077   1.00 31.98 ? 22  LYS A O   1 
ATOM   171  C CB  . LYS A 1 22 ? -20.318 3.285   6.693   1.00 27.96 ? 22  LYS A CB  1 
ATOM   172  C CG  . LYS A 1 22 ? -20.809 3.550   8.119   1.00 30.46 ? 22  LYS A CG  1 
ATOM   173  C CD  . LYS A 1 22 ? -22.075 4.392   8.125   0.00 29.69 ? 22  LYS A CD  1 
ATOM   174  C CE  . LYS A 1 22 ? -22.565 4.641   9.541   0.00 29.93 ? 22  LYS A CE  1 
ATOM   175  N NZ  . LYS A 1 22 ? -21.550 5.360   10.359  0.00 29.75 ? 22  LYS A NZ  1 
ATOM   176  N N   . GLU A 1 23 ? -17.541 4.594   6.349   1.00 29.62 ? 23  GLU A N   1 
ATOM   177  C CA  . GLU A 1 23 ? -16.292 5.128   6.883   1.00 30.85 ? 23  GLU A CA  1 
ATOM   178  C C   . GLU A 1 23 ? -15.814 6.452   6.306   1.00 33.50 ? 23  GLU A C   1 
ATOM   179  O O   . GLU A 1 23 ? -15.119 7.212   6.993   1.00 34.15 ? 23  GLU A O   1 
ATOM   180  C CB  . GLU A 1 23 ? -15.165 4.105   6.736   1.00 30.87 ? 23  GLU A CB  1 
ATOM   181  C CG  . GLU A 1 23 ? -15.292 2.899   7.646   1.00 33.93 ? 23  GLU A CG  1 
ATOM   182  C CD  . GLU A 1 23 ? -15.260 3.270   9.143   1.00 35.91 ? 23  GLU A CD  1 
ATOM   183  O OE1 . GLU A 1 23 ? -14.210 3.755   9.637   1.00 30.78 ? 23  GLU A OE1 1 
ATOM   184  O OE2 . GLU A 1 23 ? -16.303 3.072   9.810   1.00 37.94 ? 23  GLU A OE2 1 
ATOM   185  N N   . LEU A 1 24 ? -16.152 6.747   5.053   1.00 31.69 ? 24  LEU A N   1 
ATOM   186  C CA  . LEU A 1 24 ? -15.688 8.013   4.481   1.00 30.90 ? 24  LEU A CA  1 
ATOM   187  C C   . LEU A 1 24 ? -16.795 9.026   4.433   1.00 27.50 ? 24  LEU A C   1 
ATOM   188  O O   . LEU A 1 24 ? -16.602 10.127  3.920   1.00 27.58 ? 24  LEU A O   1 
ATOM   189  C CB  . LEU A 1 24 ? -15.163 7.814   3.071   1.00 31.00 ? 24  LEU A CB  1 
ATOM   190  C CG  . LEU A 1 24 ? -14.014 6.844   2.939   1.00 34.05 ? 24  LEU A CG  1 
ATOM   191  C CD1 . LEU A 1 24 ? -13.872 6.477   1.487   1.00 33.94 ? 24  LEU A CD1 1 
ATOM   192  C CD2 . LEU A 1 24 ? -12.726 7.487   3.523   1.00 34.35 ? 24  LEU A CD2 1 
ATOM   193  N N   . ALA A 1 25 ? -17.953 8.654   4.966   1.00 25.31 ? 25  ALA A N   1 
ATOM   194  C CA  . ALA A 1 25 ? -19.112 9.556   4.948   1.00 24.92 ? 25  ALA A CA  1 
ATOM   195  C C   . ALA A 1 25 ? -19.408 9.910   3.470   1.00 21.71 ? 25  ALA A C   1 
ATOM   196  O O   . ALA A 1 25 ? -19.493 11.073  3.121   1.00 22.18 ? 25  ALA A O   1 
ATOM   197  C CB  . ALA A 1 25 ? -18.792 10.847  5.759   1.00 21.31 ? 25  ALA A CB  1 
ATOM   198  N N   . LEU A 1 26 ? -19.546 8.903   2.607   1.00 22.83 ? 26  LEU A N   1 
ATOM   199  C CA  . LEU A 1 26 ? -19.784 9.186   1.189   1.00 23.05 ? 26  LEU A CA  1 
ATOM   200  C C   . LEU A 1 26 ? -21.213 9.667   0.967   1.00 24.88 ? 26  LEU A C   1 
ATOM   201  O O   . LEU A 1 26 ? -22.025 9.617   1.885   1.00 29.70 ? 26  LEU A O   1 
ATOM   202  C CB  . LEU A 1 26 ? -19.469 7.941   0.329   1.00 19.57 ? 26  LEU A CB  1 
ATOM   203  C CG  . LEU A 1 26 ? -18.000 7.518   0.396   1.00 18.73 ? 26  LEU A CG  1 
ATOM   204  C CD1 . LEU A 1 26 ? -17.737 6.454   -0.689  1.00 20.57 ? 26  LEU A CD1 1 
ATOM   205  C CD2 . LEU A 1 26 ? -17.088 8.724   0.214   1.00 17.08 ? 26  LEU A CD2 1 
ATOM   206  N N   . ALA A 1 27 ? -21.513 10.137  -0.241  1.00 22.38 ? 27  ALA A N   1 
ATOM   207  C CA  . ALA A 1 27 ? -22.841 10.632  -0.567  1.00 21.42 ? 27  ALA A CA  1 
ATOM   208  C C   . ALA A 1 27 ? -23.871 9.533   -0.443  1.00 22.29 ? 27  ALA A C   1 
ATOM   209  O O   . ALA A 1 27 ? -23.603 8.369   -0.775  1.00 25.37 ? 27  ALA A O   1 
ATOM   210  C CB  . ALA A 1 27 ? -22.854 11.195  -1.984  1.00 21.10 ? 27  ALA A CB  1 
ATOM   211  N N   . GLU A 1 28 ? -25.060 9.928   -0.004  1.00 23.29 ? 28  GLU A N   1 
ATOM   212  C CA  . GLU A 1 28 ? -26.184 9.033   0.199   1.00 25.96 ? 28  GLU A CA  1 
ATOM   213  C C   . GLU A 1 28 ? -26.491 8.133   -0.989  1.00 26.23 ? 28  GLU A C   1 
ATOM   214  O O   . GLU A 1 28 ? -26.902 6.995   -0.813  1.00 29.06 ? 28  GLU A O   1 
ATOM   215  C CB  . GLU A 1 28 ? -27.427 9.854   0.575   1.00 31.46 ? 28  GLU A CB  1 
ATOM   216  C CG  . GLU A 1 28 ? -28.748 9.065   0.563   1.00 36.77 ? 28  GLU A CG  1 
ATOM   217  C CD  . GLU A 1 28 ? -28.697 7.796   1.418   1.00 41.69 ? 28  GLU A CD  1 
ATOM   218  O OE1 . GLU A 1 28 ? -28.292 7.882   2.604   1.00 41.72 ? 28  GLU A OE1 1 
ATOM   219  O OE2 . GLU A 1 28 ? -29.063 6.709   0.895   1.00 43.71 ? 28  GLU A OE2 1 
ATOM   220  N N   . TYR A 1 29 ? -26.275 8.636   -2.194  1.00 25.22 ? 29  TYR A N   1 
ATOM   221  C CA  . TYR A 1 29 ? -26.539 7.877   -3.406  1.00 25.31 ? 29  TYR A CA  1 
ATOM   222  C C   . TYR A 1 29 ? -25.271 7.420   -4.089  1.00 26.77 ? 29  TYR A C   1 
ATOM   223  O O   . TYR A 1 29 ? -25.270 7.122   -5.288  1.00 26.37 ? 29  TYR A O   1 
ATOM   224  C CB  . TYR A 1 29 ? -27.372 8.722   -4.368  1.00 24.81 ? 29  TYR A CB  1 
ATOM   225  C CG  . TYR A 1 29 ? -28.688 9.111   -3.763  1.00 25.11 ? 29  TYR A CG  1 
ATOM   226  C CD1 . TYR A 1 29 ? -29.837 8.333   -3.958  1.00 26.26 ? 29  TYR A CD1 1 
ATOM   227  C CD2 . TYR A 1 29 ? -28.781 10.248  -2.957  1.00 24.47 ? 29  TYR A CD2 1 
ATOM   228  C CE1 . TYR A 1 29 ? -31.053 8.691   -3.357  1.00 26.31 ? 29  TYR A CE1 1 
ATOM   229  C CE2 . TYR A 1 29 ? -29.970 10.600  -2.364  1.00 26.61 ? 29  TYR A CE2 1 
ATOM   230  C CZ  . TYR A 1 29 ? -31.096 9.840   -2.558  1.00 26.63 ? 29  TYR A CZ  1 
ATOM   231  O OH  . TYR A 1 29 ? -32.249 10.262  -1.943  1.00 30.58 ? 29  TYR A OH  1 
ATOM   232  N N   . TYR A 1 30 ? -24.185 7.379   -3.324  1.00 24.18 ? 30  TYR A N   1 
ATOM   233  C CA  . TYR A 1 30 ? -22.902 6.914   -3.841  1.00 21.16 ? 30  TYR A CA  1 
ATOM   234  C C   . TYR A 1 30 ? -23.113 5.654   -4.697  1.00 18.57 ? 30  TYR A C   1 
ATOM   235  O O   . TYR A 1 30 ? -23.844 4.744   -4.304  1.00 19.02 ? 30  TYR A O   1 
ATOM   236  C CB  . TYR A 1 30 ? -21.987 6.615   -2.664  1.00 19.36 ? 30  TYR A CB  1 
ATOM   237  C CG  . TYR A 1 30 ? -20.760 5.824   -3.001  1.00 21.52 ? 30  TYR A CG  1 
ATOM   238  C CD1 . TYR A 1 30 ? -19.702 6.407   -3.730  1.00 19.09 ? 30  TYR A CD1 1 
ATOM   239  C CD2 . TYR A 1 30 ? -20.625 4.507   -2.567  1.00 19.00 ? 30  TYR A CD2 1 
ATOM   240  C CE1 . TYR A 1 30 ? -18.565 5.694   -4.004  1.00 18.88 ? 30  TYR A CE1 1 
ATOM   241  C CE2 . TYR A 1 30 ? -19.475 3.795   -2.836  1.00 20.73 ? 30  TYR A CE2 1 
ATOM   242  C CZ  . TYR A 1 30 ? -18.449 4.395   -3.557  1.00 22.11 ? 30  TYR A CZ  1 
ATOM   243  O OH  . TYR A 1 30 ? -17.303 3.675   -3.834  1.00 24.98 ? 30  TYR A OH  1 
ATOM   244  N N   . GLY A 1 31 ? -22.442 5.593   -5.841  1.00 22.15 ? 31  GLY A N   1 
ATOM   245  C CA  . GLY A 1 31 ? -22.615 4.471   -6.772  1.00 22.92 ? 31  GLY A CA  1 
ATOM   246  C C   . GLY A 1 31 ? -22.076 3.068   -6.495  1.00 26.52 ? 31  GLY A C   1 
ATOM   247  O O   . GLY A 1 31 ? -22.475 2.113   -7.162  1.00 24.31 ? 31  GLY A O   1 
ATOM   248  N N   . GLU A 1 32 ? -21.167 2.926   -5.535  1.00 23.88 ? 32  GLU A N   1 
ATOM   249  C CA  . GLU A 1 32 ? -20.628 1.612   -5.210  1.00 23.96 ? 32  GLU A CA  1 
ATOM   250  C C   . GLU A 1 32 ? -19.983 0.874   -6.394  1.00 23.76 ? 32  GLU A C   1 
ATOM   251  O O   . GLU A 1 32 ? -20.249 -0.298  -6.669  1.00 24.56 ? 32  GLU A O   1 
ATOM   252  C CB  . GLU A 1 32 ? -21.731 0.769   -4.571  1.00 25.01 ? 32  GLU A CB  1 
ATOM   253  C CG  . GLU A 1 32 ? -22.474 1.519   -3.474  1.00 25.36 ? 32  GLU A CG  1 
ATOM   254  C CD  . GLU A 1 32 ? -23.459 0.667   -2.704  1.00 29.36 ? 32  GLU A CD  1 
ATOM   255  O OE1 . GLU A 1 32 ? -24.040 1.185   -1.719  1.00 28.96 ? 32  GLU A OE1 1 
ATOM   256  O OE2 . GLU A 1 32 ? -23.652 -0.521  -3.071  1.00 29.86 ? 32  GLU A OE2 1 
ATOM   257  N N   . ASN A 1 33 ? -19.144 1.586   -7.116  1.00 23.85 ? 33  ASN A N   1 
ATOM   258  C CA  . ASN A 1 33 ? -18.418 0.990   -8.207  1.00 24.16 ? 33  ASN A CA  1 
ATOM   259  C C   . ASN A 1 33 ? -17.149 1.780   -8.315  1.00 22.02 ? 33  ASN A C   1 
ATOM   260  O O   . ASN A 1 33 ? -17.054 2.879   -7.759  1.00 22.73 ? 33  ASN A O   1 
ATOM   261  C CB  . ASN A 1 33 ? -19.220 0.988   -9.535  1.00 24.68 ? 33  ASN A CB  1 
ATOM   262  C CG  . ASN A 1 33 ? -19.684 2.374   -9.984  1.00 24.18 ? 33  ASN A CG  1 
ATOM   263  O OD1 . ASN A 1 33 ? -18.914 3.336   -10.053 1.00 27.74 ? 33  ASN A OD1 1 
ATOM   264  N ND2 . ASN A 1 33 ? -20.954 2.465   -10.317 1.00 25.28 ? 33  ASN A ND2 1 
ATOM   265  N N   . LEU A 1 34 ? -16.173 1.202   -8.993  1.00 23.23 ? 34  LEU A N   1 
ATOM   266  C CA  . LEU A 1 34 ? -14.863 1.815   -9.175  1.00 24.02 ? 34  LEU A CA  1 
ATOM   267  C C   . LEU A 1 34 ? -14.894 3.244   -9.681  1.00 27.36 ? 34  LEU A C   1 
ATOM   268  O O   . LEU A 1 34 ? -14.101 4.085   -9.222  1.00 25.73 ? 34  LEU A O   1 
ATOM   269  C CB  . LEU A 1 34 ? -14.003 0.933   -10.082 1.00 25.20 ? 34  LEU A CB  1 
ATOM   270  C CG  . LEU A 1 34 ? -13.065 -0.157  -9.496  1.00 28.93 ? 34  LEU A CG  1 
ATOM   271  C CD1 . LEU A 1 34 ? -13.100 -0.158  -7.946  1.00 24.45 ? 34  LEU A CD1 1 
ATOM   272  C CD2 . LEU A 1 34 ? -13.428 -1.528  -10.048 1.00 25.84 ? 34  LEU A CD2 1 
ATOM   273  N N   . ASP A 1 35 ? -15.812 3.551   -10.607 1.00 31.14 ? 35  ASP A N   1 
ATOM   274  C CA  . ASP A 1 35 ? -15.908 4.924   -11.131 1.00 29.46 ? 35  ASP A CA  1 
ATOM   275  C C   . ASP A 1 35 ? -16.472 5.891   -10.076 1.00 25.45 ? 35  ASP A C   1 
ATOM   276  O O   . ASP A 1 35 ? -15.970 7.004   -9.920  1.00 25.67 ? 35  ASP A O   1 
ATOM   277  C CB  . ASP A 1 35 ? -16.774 4.980   -12.400 1.00 32.35 ? 35  ASP A CB  1 
ATOM   278  C CG  . ASP A 1 35 ? -16.158 4.225   -13.578 1.00 38.56 ? 35  ASP A CG  1 
ATOM   279  O OD1 . ASP A 1 35 ? -14.957 4.454   -13.891 1.00 38.88 ? 35  ASP A OD1 1 
ATOM   280  O OD2 . ASP A 1 35 ? -16.884 3.411   -14.205 1.00 40.36 ? 35  ASP A OD2 1 
ATOM   281  N N   . ALA A 1 36 ? -17.524 5.483   -9.374  1.00 22.57 ? 36  ALA A N   1 
ATOM   282  C CA  . ALA A 1 36 ? -18.082 6.338   -8.325  1.00 21.87 ? 36  ALA A CA  1 
ATOM   283  C C   . ALA A 1 36 ? -17.014 6.582   -7.257  1.00 20.24 ? 36  ALA A C   1 
ATOM   284  O O   . ALA A 1 36 ? -16.952 7.664   -6.674  1.00 23.24 ? 36  ALA A O   1 
ATOM   285  C CB  . ALA A 1 36 ? -19.311 5.685   -7.692  1.00 19.19 ? 36  ALA A CB  1 
ATOM   286  N N   . LEU A 1 37 ? -16.169 5.581   -7.013  1.00 20.97 ? 37  LEU A N   1 
ATOM   287  C CA  . LEU A 1 37 ? -15.127 5.723   -6.005  1.00 22.39 ? 37  LEU A CA  1 
ATOM   288  C C   . LEU A 1 37 ? -14.135 6.814   -6.454  1.00 24.75 ? 37  LEU A C   1 
ATOM   289  O O   . LEU A 1 37 ? -13.745 7.684   -5.666  1.00 23.03 ? 37  LEU A O   1 
ATOM   290  C CB  . LEU A 1 37 ? -14.412 4.381   -5.762  1.00 18.55 ? 37  LEU A CB  1 
ATOM   291  C CG  . LEU A 1 37 ? -13.291 4.523   -4.720  1.00 17.52 ? 37  LEU A CG  1 
ATOM   292  C CD1 . LEU A 1 37 ? -13.832 5.274   -3.516  1.00 14.89 ? 37  LEU A CD1 1 
ATOM   293  C CD2 . LEU A 1 37 ? -12.785 3.160   -4.313  1.00 15.43 ? 37  LEU A CD2 1 
HETATM 294  N N   . 4IN A 1 38 ? -13.712 6.767   -7.714  1.00 25.07 ? 38  4IN A N   1 
HETATM 295  C CA  . 4IN A 1 38 ? -12.845 7.839   -8.196  1.00 26.85 ? 38  4IN A CA  1 
HETATM 296  C CB  . 4IN A 1 38 ? -12.362 7.552   -9.711  1.00 26.78 ? 38  4IN A CB  1 
HETATM 297  C CG  . 4IN A 1 38 ? -11.554 8.722   -10.212 1.00 29.09 ? 38  4IN A CG  1 
HETATM 298  C CD1 . 4IN A 1 38 ? -12.055 9.656   -10.987 1.00 31.25 ? 38  4IN A CD1 1 
HETATM 299  N NE1 . 4IN A 1 38 ? -11.167 10.550  -11.269 1.00 31.43 ? 38  4IN A NE1 1 
HETATM 300  C CE2 . 4IN A 1 38 ? -10.006 10.315  -10.729 1.00 30.33 ? 38  4IN A CE2 1 
HETATM 301  C CZ2 . 4IN A 1 38 ? -8.763  11.117  -10.836 1.00 31.34 ? 38  4IN A CZ2 1 
HETATM 302  C CH2 . 4IN A 1 38 ? -7.581  10.612  -10.100 1.00 32.45 ? 38  4IN A CH2 1 
HETATM 303  C CZ3 . 4IN A 1 38 ? -7.639  9.392   -9.323  1.00 30.00 ? 38  4IN A CZ3 1 
HETATM 304  C CE3 . 4IN A 1 38 ? -8.873  8.601   -9.232  1.00 30.29 ? 38  4IN A CE3 1 
HETATM 305  N N16 . 4IN A 1 38 ? -8.906  7.421   -8.491  1.00 27.52 ? 38  4IN A N16 1 
HETATM 306  C CD2 . 4IN A 1 38 ? -10.083 9.117   -9.972  1.00 29.75 ? 38  4IN A CD2 1 
HETATM 307  C C   . 4IN A 1 38 ? -13.518 9.217   -8.069  1.00 24.71 ? 38  4IN A C   1 
HETATM 308  O O   . 4IN A 1 38 ? -12.909 10.184  -7.584  1.00 22.63 ? 38  4IN A O   1 
ATOM   309  N N   . ASP A 1 39 ? -14.779 9.308   -8.491  1.00 25.10 ? 39  ASP A N   1 
ATOM   310  C CA  . ASP A 1 39 ? -15.485 10.586  -8.413  1.00 23.98 ? 39  ASP A CA  1 
ATOM   311  C C   . ASP A 1 39 ? -15.647 11.103  -6.981  1.00 26.27 ? 39  ASP A C   1 
ATOM   312  O O   . ASP A 1 39 ? -15.583 12.329  -6.762  1.00 23.48 ? 39  ASP A O   1 
ATOM   313  C CB  . ASP A 1 39 ? -16.847 10.503  -9.104  1.00 27.95 ? 39  ASP A CB  1 
ATOM   314  C CG  . ASP A 1 39 ? -16.724 10.270  -10.618 1.00 31.41 ? 39  ASP A CG  1 
ATOM   315  O OD1 . ASP A 1 39 ? -15.793 10.822  -11.244 1.00 33.48 ? 39  ASP A OD1 1 
ATOM   316  O OD2 . ASP A 1 39 ? -17.554 9.534   -11.181 1.00 34.17 ? 39  ASP A OD2 1 
ATOM   317  N N   . ALA A 1 40 ? -15.840 10.197  -6.011  1.00 23.42 ? 40  ALA A N   1 
ATOM   318  C CA  . ALA A 1 40 ? -16.010 10.624  -4.607  1.00 22.15 ? 40  ALA A CA  1 
ATOM   319  C C   . ALA A 1 40 ? -14.682 11.136  -4.055  1.00 23.15 ? 40  ALA A C   1 
ATOM   320  O O   . ALA A 1 40 ? -14.649 12.047  -3.242  1.00 28.16 ? 40  ALA A O   1 
ATOM   321  C CB  . ALA A 1 40 ? -16.542 9.454   -3.744  1.00 22.78 ? 40  ALA A CB  1 
ATOM   322  N N   . LEU A 1 41 ? -13.585 10.553  -4.523  1.00 27.38 ? 41  LEU A N   1 
ATOM   323  C CA  . LEU A 1 41 ? -12.232 10.939  -4.105  1.00 26.34 ? 41  LEU A CA  1 
ATOM   324  C C   . LEU A 1 41 ? -11.911 12.333  -4.667  1.00 28.95 ? 41  LEU A C   1 
ATOM   325  O O   . LEU A 1 41 ? -11.405 13.199  -3.968  1.00 25.86 ? 41  LEU A O   1 
ATOM   326  C CB  . LEU A 1 41 ? -11.222 9.890   -4.617  1.00 26.16 ? 41  LEU A CB  1 
ATOM   327  C CG  . LEU A 1 41 ? -10.530 8.845   -3.700  1.00 29.26 ? 41  LEU A CG  1 
ATOM   328  C CD1 . LEU A 1 41 ? -11.360 8.568   -2.442  1.00 28.18 ? 41  LEU A CD1 1 
ATOM   329  C CD2 . LEU A 1 41 ? -10.230 7.556   -4.474  1.00 26.38 ? 41  LEU A CD2 1 
ATOM   330  N N   . THR A 1 42 ? -12.249 12.566  -5.929  1.00 30.73 ? 42  THR A N   1 
ATOM   331  C CA  . THR A 1 42 ? -11.947 13.859  -6.525  1.00 33.31 ? 42  THR A CA  1 
ATOM   332  C C   . THR A 1 42 ? -12.913 14.957  -6.166  1.00 34.86 ? 42  THR A C   1 
ATOM   333  O O   . THR A 1 42 ? -12.543 16.125  -6.212  1.00 39.76 ? 42  THR A O   1 
ATOM   334  C CB  . THR A 1 42 ? -11.912 13.787  -8.052  1.00 33.93 ? 42  THR A CB  1 
ATOM   335  O OG1 . THR A 1 42 ? -13.204 13.418  -8.541  1.00 34.75 ? 42  THR A OG1 1 
ATOM   336  C CG2 . THR A 1 42 ? -10.908 12.759  -8.509  1.00 34.82 ? 42  THR A CG2 1 
ATOM   337  N N   . GLY A 1 43 ? -14.145 14.619  -5.792  1.00 33.97 ? 43  GLY A N   1 
ATOM   338  C CA  . GLY A 1 43 ? -15.075 15.691  -5.491  1.00 30.97 ? 43  GLY A CA  1 
ATOM   339  C C   . GLY A 1 43 ? -16.051 15.503  -4.353  1.00 33.60 ? 43  GLY A C   1 
ATOM   340  O O   . GLY A 1 43 ? -17.210 15.901  -4.477  1.00 35.09 ? 43  GLY A O   1 
HETATM 341  N N   . 4IN A 1 44 ? -15.608 14.915  -3.245  1.00 31.59 ? 44  4IN A N   1 
HETATM 342  C CA  . 4IN A 1 44 ? -16.488 14.712  -2.108  1.00 31.30 ? 44  4IN A CA  1 
HETATM 343  C CB  . 4IN A 1 44 ? -17.363 13.422  -2.312  1.00 31.90 ? 44  4IN A CB  1 
HETATM 344  C CG  . 4IN A 1 44 ? -18.312 13.243  -1.124  1.00 33.12 ? 44  4IN A CG  1 
HETATM 345  C CD1 . 4IN A 1 44 ? -18.096 12.562  0.059   1.00 32.74 ? 44  4IN A CD1 1 
HETATM 346  N NE1 . 4IN A 1 44 ? -19.132 12.643  0.823   1.00 31.22 ? 44  4IN A NE1 1 
HETATM 347  C CE2 . 4IN A 1 44 ? -20.120 13.360  0.253   1.00 32.85 ? 44  4IN A CE2 1 
HETATM 348  C CZ2 . 4IN A 1 44 ? -21.458 13.696  0.772   1.00 33.47 ? 44  4IN A CZ2 1 
HETATM 349  C CH2 . 4IN A 1 44 ? -22.336 14.501  -0.087  1.00 33.28 ? 44  4IN A CH2 1 
HETATM 350  C CZ3 . 4IN A 1 44 ? -21.883 14.947  -1.407  1.00 34.00 ? 44  4IN A CZ3 1 
HETATM 351  C CE3 . 4IN A 1 44 ? -20.522 14.591  -1.897  1.00 33.94 ? 44  4IN A CE3 1 
HETATM 352  N N16 . 4IN A 1 44 ? -20.050 14.993  -3.136  1.00 33.49 ? 44  4IN A N16 1 
HETATM 353  C CD2 . 4IN A 1 44 ? -19.687 13.803  -1.040  1.00 33.09 ? 44  4IN A CD2 1 
HETATM 354  C C   . 4IN A 1 44 ? -15.658 14.592  -0.844  1.00 32.84 ? 44  4IN A C   1 
HETATM 355  O O   . 4IN A 1 44 ? -15.760 15.416  0.053   1.00 30.08 ? 44  4IN A O   1 
ATOM   356  N N   . VAL A 1 45 ? -14.825 13.558  -0.786  1.00 33.75 ? 45  VAL A N   1 
ATOM   357  C CA  . VAL A 1 45 ? -13.982 13.321  0.383   1.00 35.75 ? 45  VAL A CA  1 
ATOM   358  C C   . VAL A 1 45 ? -13.116 14.532  0.717   1.00 37.69 ? 45  VAL A C   1 
ATOM   359  O O   . VAL A 1 45 ? -12.689 15.274  -0.169  1.00 38.68 ? 45  VAL A O   1 
ATOM   360  C CB  . VAL A 1 45 ? -13.038 12.131  0.161   1.00 32.76 ? 45  VAL A CB  1 
ATOM   361  C CG1 . VAL A 1 45 ? -12.111 11.978  1.352   1.00 35.08 ? 45  VAL A CG1 1 
ATOM   362  C CG2 . VAL A 1 45 ? -13.843 10.871  -0.068  1.00 31.85 ? 45  VAL A CG2 1 
ATOM   363  N N   . GLU A 1 46 ? -12.869 14.706  2.008   1.00 40.30 ? 46  GLU A N   1 
ATOM   364  C CA  . GLU A 1 46 ? -12.026 15.774  2.537   1.00 40.97 ? 46  GLU A CA  1 
ATOM   365  C C   . GLU A 1 46 ? -10.667 15.151  2.895   1.00 39.27 ? 46  GLU A C   1 
ATOM   366  O O   . GLU A 1 46 ? -10.596 14.059  3.457   1.00 38.52 ? 46  GLU A O   1 
ATOM   367  C CB  . GLU A 1 46 ? -12.652 16.353  3.808   1.00 42.70 ? 46  GLU A CB  1 
ATOM   368  C CG  . GLU A 1 46 ? -14.071 16.866  3.632   0.00 42.43 ? 46  GLU A CG  1 
ATOM   369  C CD  . GLU A 1 46 ? -14.679 17.360  4.932   0.00 42.66 ? 46  GLU A CD  1 
ATOM   370  O OE1 . GLU A 1 46 ? -15.847 17.802  4.914   0.00 42.68 ? 46  GLU A OE1 1 
ATOM   371  O OE2 . GLU A 1 46 ? -13.989 17.306  5.973   0.00 42.68 ? 46  GLU A OE2 1 
ATOM   372  N N   . TYR A 1 47 ? -9.602  15.853  2.553   1.00 39.82 ? 47  TYR A N   1 
ATOM   373  C CA  . TYR A 1 47 ? -8.239  15.422  2.846   1.00 39.28 ? 47  TYR A CA  1 
ATOM   374  C C   . TYR A 1 47 ? -7.733  16.302  3.979   1.00 39.46 ? 47  TYR A C   1 
ATOM   375  O O   . TYR A 1 47 ? -8.189  17.430  4.126   1.00 41.86 ? 47  TYR A O   1 
ATOM   376  C CB  . TYR A 1 47 ? -7.389  15.615  1.600   1.00 37.08 ? 47  TYR A CB  1 
ATOM   377  C CG  . TYR A 1 47 ? -7.845  14.699  0.510   1.00 38.02 ? 47  TYR A CG  1 
ATOM   378  C CD1 . TYR A 1 47 ? -7.723  13.321  0.667   1.00 35.65 ? 47  TYR A CD1 1 
ATOM   379  C CD2 . TYR A 1 47 ? -8.472  15.185  -0.641  1.00 36.08 ? 47  TYR A CD2 1 
ATOM   380  C CE1 . TYR A 1 47 ? -8.202  12.454  -0.275  1.00 35.21 ? 47  TYR A CE1 1 
ATOM   381  C CE2 . TYR A 1 47 ? -8.962  14.304  -1.595  1.00 36.33 ? 47  TYR A CE2 1 
ATOM   382  C CZ  . TYR A 1 47 ? -8.820  12.933  -1.392  1.00 33.27 ? 47  TYR A CZ  1 
ATOM   383  O OH  . TYR A 1 47 ? -9.323  12.013  -2.263  1.00 32.96 ? 47  TYR A OH  1 
ATOM   384  N N   . PRO A 1 48 ? -6.782  15.819  4.794   1.00 38.73 ? 48  PRO A N   1 
ATOM   385  C CA  . PRO A 1 48 ? -6.022  14.567  4.902   1.00 37.81 ? 48  PRO A CA  1 
ATOM   386  C C   . PRO A 1 48 ? -6.856  13.317  5.177   1.00 36.02 ? 48  PRO A C   1 
ATOM   387  O O   . PRO A 1 48 ? -7.740  13.324  6.036   1.00 37.30 ? 48  PRO A O   1 
ATOM   388  C CB  . PRO A 1 48 ? -5.075  14.834  6.072   1.00 38.88 ? 48  PRO A CB  1 
ATOM   389  C CG  . PRO A 1 48 ? -5.001  16.322  6.142   1.00 40.08 ? 48  PRO A CG  1 
ATOM   390  C CD  . PRO A 1 48 ? -6.394  16.739  5.873   1.00 38.80 ? 48  PRO A CD  1 
ATOM   391  N N   . LEU A 1 49 ? -6.543  12.239  4.465   1.00 32.10 ? 49  LEU A N   1 
ATOM   392  C CA  . LEU A 1 49 ? -7.251  10.988  4.642   1.00 29.00 ? 49  LEU A CA  1 
ATOM   393  C C   . LEU A 1 49 ? -6.352  9.823   5.012   1.00 28.10 ? 49  LEU A C   1 
ATOM   394  O O   . LEU A 1 49 ? -5.364  9.542   4.332   1.00 26.68 ? 49  LEU A O   1 
ATOM   395  C CB  . LEU A 1 49 ? -8.023  10.610  3.372   1.00 29.20 ? 49  LEU A CB  1 
ATOM   396  C CG  . LEU A 1 49 ? -8.545  9.157   3.384   1.00 31.80 ? 49  LEU A CG  1 
ATOM   397  C CD1 . LEU A 1 49 ? -9.591  9.014   4.513   1.00 33.03 ? 49  LEU A CD1 1 
ATOM   398  C CD2 . LEU A 1 49 ? -9.174  8.778   2.037   1.00 30.88 ? 49  LEU A CD2 1 
ATOM   399  N N   . VAL A 1 50 ? -6.695  9.139   6.099   1.00 24.35 ? 50  VAL A N   1 
ATOM   400  C CA  . VAL A 1 50 ? -5.943  7.960   6.468   1.00 22.48 ? 50  VAL A CA  1 
ATOM   401  C C   . VAL A 1 50 ? -6.938  6.822   6.307   1.00 22.54 ? 50  VAL A C   1 
ATOM   402  O O   . VAL A 1 50 ? -8.052  6.892   6.819   1.00 24.55 ? 50  VAL A O   1 
ATOM   403  C CB  . VAL A 1 50 ? -5.448  7.975   7.933   1.00 23.94 ? 50  VAL A CB  1 
ATOM   404  C CG1 . VAL A 1 50 ? -4.675  6.700   8.200   1.00 21.73 ? 50  VAL A CG1 1 
ATOM   405  C CG2 . VAL A 1 50 ? -4.598  9.190   8.197   1.00 23.66 ? 50  VAL A CG2 1 
ATOM   406  N N   . LEU A 1 51 ? -6.534  5.791   5.576   1.00 22.05 ? 51  LEU A N   1 
ATOM   407  C CA  . LEU A 1 51 ? -7.355  4.616   5.329   1.00 22.03 ? 51  LEU A CA  1 
ATOM   408  C C   . LEU A 1 51 ? -6.564  3.453   5.870   1.00 21.26 ? 51  LEU A C   1 
ATOM   409  O O   . LEU A 1 51 ? -5.514  3.112   5.328   1.00 20.40 ? 51  LEU A O   1 
ATOM   410  C CB  . LEU A 1 51 ? -7.584  4.404   3.810   1.00 20.68 ? 51  LEU A CB  1 
ATOM   411  C CG  . LEU A 1 51 ? -8.178  3.037   3.407   1.00 21.66 ? 51  LEU A CG  1 
ATOM   412  C CD1 . LEU A 1 51 ? -9.614  2.936   3.946   1.00 21.33 ? 51  LEU A CD1 1 
ATOM   413  C CD2 . LEU A 1 51 ? -8.164  2.860   1.869   1.00 22.08 ? 51  LEU A CD2 1 
ATOM   414  N N   . GLU A 1 52 ? -7.074  2.840   6.929   1.00 21.72 ? 52  GLU A N   1 
ATOM   415  C CA  . GLU A 1 52 ? -6.417  1.725   7.569   1.00 21.18 ? 52  GLU A CA  1 
ATOM   416  C C   . GLU A 1 52 ? -7.122  0.504   7.073   1.00 20.19 ? 52  GLU A C   1 
ATOM   417  O O   . GLU A 1 52 ? -8.317  0.344   7.283   1.00 21.85 ? 52  GLU A O   1 
ATOM   418  C CB  . GLU A 1 52 ? -6.536  1.825   9.098   1.00 25.72 ? 52  GLU A CB  1 
ATOM   419  C CG  . GLU A 1 52 ? -6.088  0.550   9.816   1.00 31.12 ? 52  GLU A CG  1 
ATOM   420  C CD  . GLU A 1 52 ? -5.913  0.720   11.343  1.00 36.66 ? 52  GLU A CD  1 
ATOM   421  O OE1 . GLU A 1 52 ? -6.581  1.589   11.953  1.00 35.51 ? 52  GLU A OE1 1 
ATOM   422  O OE2 . GLU A 1 52 ? -5.105  -0.045  11.929  1.00 39.24 ? 52  GLU A OE2 1 
HETATM 423  N N   . 4IN A 1 53 ? -6.398  -0.384  6.428   1.00 18.39 ? 53  4IN A N   1 
HETATM 424  C CA  . 4IN A 1 53 ? -7.098  -1.536  5.902   1.00 22.60 ? 53  4IN A CA  1 
HETATM 425  C CB  . 4IN A 1 53 ? -6.886  -1.491  4.334   1.00 21.88 ? 53  4IN A CB  1 
HETATM 426  C CG  . 4IN A 1 53 ? -7.704  -2.587  3.607   1.00 23.85 ? 53  4IN A CG  1 
HETATM 427  C CD1 . 4IN A 1 53 ? -8.095  -3.790  4.014   1.00 22.79 ? 53  4IN A CD1 1 
HETATM 428  N NE1 . 4IN A 1 53 ? -8.805  -4.369  3.054   1.00 20.24 ? 53  4IN A NE1 1 
HETATM 429  C CE2 . 4IN A 1 53 ? -8.922  -3.611  1.983   1.00 21.73 ? 53  4IN A CE2 1 
HETATM 430  C CZ2 . 4IN A 1 53 ? -9.618  -3.862  0.700   1.00 21.89 ? 53  4IN A CZ2 1 
HETATM 431  C CH2 . 4IN A 1 53 ? -9.563  -2.795  -0.328  1.00 21.46 ? 53  4IN A CH2 1 
HETATM 432  C CZ3 . 4IN A 1 53 ? -8.877  -1.583  -0.083  1.00 22.06 ? 53  4IN A CZ3 1 
HETATM 433  C CE3 . 4IN A 1 53 ? -8.210  -1.371  1.194   1.00 24.41 ? 53  4IN A CE3 1 
HETATM 434  N N16 . 4IN A 1 53 ? -7.558  -0.217  1.459   1.00 32.36 ? 53  4IN A N16 1 
HETATM 435  C CD2 . 4IN A 1 53 ? -8.254  -2.415  2.199   1.00 22.63 ? 53  4IN A CD2 1 
HETATM 436  C C   . 4IN A 1 53 ? -6.506  -2.762  6.585   1.00 22.08 ? 53  4IN A C   1 
HETATM 437  O O   . 4IN A 1 53 ? -5.405  -3.191  6.268   1.00 24.75 ? 53  4IN A O   1 
ATOM   438  N N   . ARG A 1 54 ? -7.237  -3.309  7.543   1.00 20.94 ? 54  ARG A N   1 
ATOM   439  C CA  . ARG A 1 54 ? -6.767  -4.480  8.275   1.00 22.46 ? 54  ARG A CA  1 
ATOM   440  C C   . ARG A 1 54 ? -7.110  -5.760  7.552   1.00 21.11 ? 54  ARG A C   1 
ATOM   441  O O   . ARG A 1 54 ? -8.119  -5.810  6.869   1.00 17.98 ? 54  ARG A O   1 
ATOM   442  C CB  . ARG A 1 54 ? -7.417  -4.525  9.657   1.00 22.83 ? 54  ARG A CB  1 
ATOM   443  C CG  . ARG A 1 54 ? -7.344  -3.188  10.369  1.00 23.44 ? 54  ARG A CG  1 
ATOM   444  C CD  . ARG A 1 54 ? -8.160  -3.194  11.643  1.00 32.41 ? 54  ARG A CD  1 
ATOM   445  N NE  . ARG A 1 54 ? -8.155  -1.883  12.292  1.00 36.20 ? 54  ARG A NE  1 
ATOM   446  C CZ  . ARG A 1 54 ? -8.958  -1.533  13.294  1.00 39.35 ? 54  ARG A CZ  1 
ATOM   447  N NH1 . ARG A 1 54 ? -9.839  -2.405  13.779  1.00 38.71 ? 54  ARG A NH1 1 
ATOM   448  N NH2 . ARG A 1 54 ? -8.886  -0.301  13.799  1.00 38.40 ? 54  ARG A NH2 1 
ATOM   449  N N   . GLN A 1 55 ? -6.262  -6.776  7.723   1.00 21.66 ? 55  GLN A N   1 
ATOM   450  C CA  . GLN A 1 55 ? -6.481  -8.094  7.151   1.00 22.80 ? 55  GLN A CA  1 
ATOM   451  C C   . GLN A 1 55 ? -6.747  -8.000  5.657   1.00 26.96 ? 55  GLN A C   1 
ATOM   452  O O   . GLN A 1 55 ? -7.668  -8.644  5.110   1.00 28.02 ? 55  GLN A O   1 
ATOM   453  C CB  . GLN A 1 55 ? -7.661  -8.767  7.842   1.00 26.93 ? 55  GLN A CB  1 
ATOM   454  C CG  . GLN A 1 55 ? -7.438  -9.129  9.308   1.00 32.89 ? 55  GLN A CG  1 
ATOM   455  C CD  . GLN A 1 55 ? -6.407  -10.248 9.497   1.00 38.93 ? 55  GLN A CD  1 
ATOM   456  O OE1 . GLN A 1 55 ? -6.108  -10.999 8.564   1.00 40.56 ? 55  GLN A OE1 1 
ATOM   457  N NE2 . GLN A 1 55 ? -5.873  -10.373 10.715  1.00 40.72 ? 55  GLN A NE2 1 
ATOM   458  N N   . PHE A 1 56 ? -5.918  -7.200  5.006   1.00 25.18 ? 56  PHE A N   1 
ATOM   459  C CA  . PHE A 1 56 ? -6.024  -6.988  3.594   1.00 25.85 ? 56  PHE A CA  1 
ATOM   460  C C   . PHE A 1 56 ? -6.031  -8.282  2.803   1.00 25.66 ? 56  PHE A C   1 
ATOM   461  O O   . PHE A 1 56 ? -6.830  -8.442  1.884   1.00 28.76 ? 56  PHE A O   1 
ATOM   462  C CB  . PHE A 1 56 ? -4.875  -6.107  3.104   1.00 25.00 ? 56  PHE A CB  1 
ATOM   463  C CG  . PHE A 1 56 ? -4.937  -5.835  1.644   1.00 26.16 ? 56  PHE A CG  1 
ATOM   464  C CD1 . PHE A 1 56 ? -5.795  -4.853  1.153   1.00 24.93 ? 56  PHE A CD1 1 
ATOM   465  C CD2 . PHE A 1 56 ? -4.217  -6.626  0.748   1.00 26.43 ? 56  PHE A CD2 1 
ATOM   466  C CE1 . PHE A 1 56 ? -5.946  -4.660  -0.219  1.00 27.14 ? 56  PHE A CE1 1 
ATOM   467  C CE2 . PHE A 1 56 ? -4.353  -6.447  -0.641  1.00 25.57 ? 56  PHE A CE2 1 
ATOM   468  C CZ  . PHE A 1 56 ? -5.218  -5.466  -1.123  1.00 26.37 ? 56  PHE A CZ  1 
ATOM   469  N N   . GLU A 1 57 ? -5.157  -9.218  3.139   1.00 28.84 ? 57  GLU A N   1 
ATOM   470  C CA  . GLU A 1 57 ? -5.105  -10.460 2.361   1.00 30.67 ? 57  GLU A CA  1 
ATOM   471  C C   . GLU A 1 57 ? -6.423  -11.237 2.464   1.00 32.51 ? 57  GLU A C   1 
ATOM   472  O O   . GLU A 1 57 ? -6.907  -11.814 1.480   1.00 31.49 ? 57  GLU A O   1 
ATOM   473  C CB  . GLU A 1 57 ? -3.889  -11.312 2.795   1.00 31.84 ? 57  GLU A CB  1 
ATOM   474  C CG  . GLU A 1 57 ? -3.703  -12.665 2.068   1.00 35.23 ? 57  GLU A CG  1 
ATOM   475  C CD  . GLU A 1 57 ? -3.779  -12.607 0.522   1.00 34.84 ? 57  GLU A CD  1 
ATOM   476  O OE1 . GLU A 1 57 ? -3.137  -11.744 -0.115  1.00 35.55 ? 57  GLU A OE1 1 
ATOM   477  O OE2 . GLU A 1 57 ? -4.489  -13.450 -0.051  1.00 36.92 ? 57  GLU A OE2 1 
ATOM   478  N N   . GLN A 1 58 ? -7.033  -11.226 3.645   1.00 31.04 ? 58  GLN A N   1 
ATOM   479  C CA  . GLN A 1 58 ? -8.300  -11.901 3.812   1.00 30.71 ? 58  GLN A CA  1 
ATOM   480  C C   . GLN A 1 58 ? -9.384  -11.264 2.936   1.00 31.57 ? 58  GLN A C   1 
ATOM   481  O O   . GLN A 1 58 ? -10.159 -11.985 2.300   1.00 32.06 ? 58  GLN A O   1 
ATOM   482  C CB  . GLN A 1 58 ? -8.732  -11.882 5.284   1.00 31.68 ? 58  GLN A CB  1 
ATOM   483  C CG  . GLN A 1 58 ? -7.998  -12.895 6.149   1.00 33.28 ? 58  GLN A CG  1 
ATOM   484  C CD  . GLN A 1 58 ? -8.653  -13.112 7.502   1.00 35.35 ? 58  GLN A CD  1 
ATOM   485  O OE1 . GLN A 1 58 ? -8.203  -12.578 8.515   1.00 37.19 ? 58  GLN A OE1 1 
ATOM   486  N NE2 . GLN A 1 58 ? -9.730  -13.890 7.522   1.00 34.76 ? 58  GLN A NE2 1 
ATOM   487  N N   . SER A 1 59 ? -9.432  -9.927  2.877   1.00 27.69 ? 59  SER A N   1 
ATOM   488  C CA  . SER A 1 59 ? -10.467 -9.267  2.068   1.00 25.99 ? 59  SER A CA  1 
ATOM   489  C C   . SER A 1 59 ? -10.215 -9.522  0.592   1.00 24.71 ? 59  SER A C   1 
ATOM   490  O O   . SER A 1 59 ? -11.138 -9.497  -0.217  1.00 23.04 ? 59  SER A O   1 
ATOM   491  C CB  . SER A 1 59 ? -10.507 -7.756  2.328   1.00 21.73 ? 59  SER A CB  1 
ATOM   492  O OG  . SER A 1 59 ? -9.265  -7.152  2.055   1.00 23.79 ? 59  SER A OG  1 
ATOM   493  N N   . LYS A 1 60 ? -8.950  -9.769  0.283   1.00 27.50 ? 60  LYS A N   1 
ATOM   494  C CA  . LYS A 1 60 ? -8.485  -10.040 -1.062  1.00 31.81 ? 60  LYS A CA  1 
ATOM   495  C C   . LYS A 1 60 ? -9.022  -11.411 -1.505  1.00 33.79 ? 60  LYS A C   1 
ATOM   496  O O   . LYS A 1 60 ? -9.568  -11.547 -2.596  1.00 33.38 ? 60  LYS A O   1 
ATOM   497  C CB  . LYS A 1 60 ? -6.955  -9.999  -1.065  1.00 30.62 ? 60  LYS A CB  1 
ATOM   498  C CG  . LYS A 1 60 ? -6.344  -9.409  -2.302  1.00 36.46 ? 60  LYS A CG  1 
ATOM   499  C CD  . LYS A 1 60 ? -6.346  -10.407 -3.455  1.00 38.66 ? 60  LYS A CD  1 
ATOM   500  C CE  . LYS A 1 60 ? -5.404  -11.568 -3.177  0.00 37.84 ? 60  LYS A CE  1 
ATOM   501  N NZ  . LYS A 1 60 ? -3.999  -11.110 -2.991  0.00 38.04 ? 60  LYS A NZ  1 
ATOM   502  N N   . GLN A 1 61 ? -8.882  -12.419 -0.652  1.00 35.44 ? 61  GLN A N   1 
ATOM   503  C CA  . GLN A 1 61 ? -9.403  -13.737 -0.985  1.00 38.13 ? 61  GLN A CA  1 
ATOM   504  C C   . GLN A 1 61 ? -10.939 -13.697 -1.106  1.00 38.19 ? 61  GLN A C   1 
ATOM   505  O O   . GLN A 1 61 ? -11.503 -14.260 -2.039  1.00 40.13 ? 61  GLN A O   1 
ATOM   506  C CB  . GLN A 1 61 ? -9.000  -14.763 0.089   1.00 37.15 ? 61  GLN A CB  1 
ATOM   507  C CG  . GLN A 1 61 ? -7.515  -14.790 0.410   1.00 38.32 ? 61  GLN A CG  1 
ATOM   508  C CD  . GLN A 1 61 ? -7.168  -15.811 1.476   0.00 38.03 ? 61  GLN A CD  1 
ATOM   509  O OE1 . GLN A 1 61 ? -7.664  -15.744 2.601   0.00 38.15 ? 61  GLN A OE1 1 
ATOM   510  N NE2 . GLN A 1 61 ? -6.310  -16.763 1.127   0.00 38.15 ? 61  GLN A NE2 1 
ATOM   511  N N   . LEU A 1 62 ? -11.602 -13.011 -0.172  1.00 39.35 ? 62  LEU A N   1 
ATOM   512  C CA  . LEU A 1 62 ? -13.068 -12.927 -0.146  1.00 38.78 ? 62  LEU A CA  1 
ATOM   513  C C   . LEU A 1 62 ? -13.721 -12.030 -1.180  1.00 39.55 ? 62  LEU A C   1 
ATOM   514  O O   . LEU A 1 62 ? -14.948 -11.884 -1.191  1.00 41.08 ? 62  LEU A O   1 
ATOM   515  C CB  . LEU A 1 62 ? -13.549 -12.489 1.241   1.00 40.95 ? 62  LEU A CB  1 
ATOM   516  C CG  . LEU A 1 62 ? -13.787 -13.593 2.274   1.00 42.75 ? 62  LEU A CG  1 
ATOM   517  C CD1 . LEU A 1 62 ? -15.063 -14.350 1.937   0.00 42.00 ? 62  LEU A CD1 1 
ATOM   518  C CD2 . LEU A 1 62 ? -12.592 -14.536 2.298   1.00 42.26 ? 62  LEU A CD2 1 
ATOM   519  N N   . THR A 1 63 ? -12.929 -11.399 -2.037  1.00 36.01 ? 63  THR A N   1 
ATOM   520  C CA  . THR A 1 63 ? -13.515 -10.547 -3.055  1.00 31.60 ? 63  THR A CA  1 
ATOM   521  C C   . THR A 1 63 ? -12.957 -10.932 -4.409  1.00 30.91 ? 63  THR A C   1 
ATOM   522  O O   . THR A 1 63 ? -13.033 -10.161 -5.342  1.00 26.89 ? 63  THR A O   1 
ATOM   523  C CB  . THR A 1 63 ? -13.192 -9.061  -2.818  1.00 30.73 ? 63  THR A CB  1 
ATOM   524  O OG1 . THR A 1 63 ? -11.774 -8.875  -2.803  1.00 26.78 ? 63  THR A OG1 1 
ATOM   525  C CG2 . THR A 1 63 ? -13.785 -8.589  -1.513  1.00 30.73 ? 63  THR A CG2 1 
ATOM   526  N N   . GLU A 1 64 ? -12.395 -12.129 -4.500  1.00 36.00 ? 64  GLU A N   1 
ATOM   527  C CA  . GLU A 1 64 ? -11.784 -12.588 -5.741  1.00 36.96 ? 64  GLU A CA  1 
ATOM   528  C C   . GLU A 1 64 ? -10.905 -11.454 -6.285  1.00 37.84 ? 64  GLU A C   1 
ATOM   529  O O   . GLU A 1 64 ? -11.059 -11.022 -7.433  1.00 37.75 ? 64  GLU A O   1 
ATOM   530  C CB  . GLU A 1 64 ? -12.858 -12.974 -6.760  1.00 39.31 ? 64  GLU A CB  1 
ATOM   531  C CG  . GLU A 1 64 ? -13.539 -14.309 -6.449  1.00 41.23 ? 64  GLU A CG  1 
ATOM   532  C CD  . GLU A 1 64 ? -12.539 -15.449 -6.301  1.00 42.25 ? 64  GLU A CD  1 
ATOM   533  O OE1 . GLU A 1 64 ? -11.777 -15.720 -7.247  1.00 45.01 ? 64  GLU A OE1 1 
ATOM   534  O OE2 . GLU A 1 64 ? -12.500 -16.088 -5.235  1.00 44.33 ? 64  GLU A OE2 1 
ATOM   535  N N   . ASN A 1 65 ? -10.002 -10.981 -5.422  1.00 33.88 ? 65  ASN A N   1 
ATOM   536  C CA  . ASN A 1 65 ? -9.059  -9.912  -5.711  1.00 30.95 ? 65  ASN A CA  1 
ATOM   537  C C   . ASN A 1 65 ? -9.662  -8.555  -6.047  1.00 28.48 ? 65  ASN A C   1 
ATOM   538  O O   . ASN A 1 65 ? -8.972  -7.646  -6.452  1.00 31.71 ? 65  ASN A O   1 
ATOM   539  C CB  . ASN A 1 65 ? -8.079  -10.356 -6.802  1.00 32.17 ? 65  ASN A CB  1 
ATOM   540  C CG  . ASN A 1 65 ? -7.134  -11.488 -6.326  1.00 34.59 ? 65  ASN A CG  1 
ATOM   541  O OD1 . ASN A 1 65 ? -6.106  -11.771 -6.955  1.00 32.40 ? 65  ASN A OD1 1 
ATOM   542  N ND2 . ASN A 1 65 ? -7.490  -12.131 -5.216  1.00 33.50 ? 65  ASN A ND2 1 
ATOM   543  N N   . GLY A 1 66 ? -10.961 -8.404  -5.876  1.00 27.00 ? 66  GLY A N   1 
ATOM   544  C CA  . GLY A 1 66 ? -11.569 -7.125  -6.150  1.00 21.72 ? 66  GLY A CA  1 
ATOM   545  C C   . GLY A 1 66 ? -11.001 -6.019  -5.265  1.00 23.75 ? 66  GLY A C   1 
ATOM   546  O O   . GLY A 1 66 ? -10.899 -4.871  -5.704  1.00 21.98 ? 66  GLY A O   1 
ATOM   547  N N   . ALA A 1 67 ? -10.645 -6.355  -4.024  1.00 20.04 ? 67  ALA A N   1 
ATOM   548  C CA  . ALA A 1 67 ? -10.053 -5.387  -3.077  1.00 22.01 ? 67  ALA A CA  1 
ATOM   549  C C   . ALA A 1 67 ? -8.819  -4.716  -3.672  1.00 24.05 ? 67  ALA A C   1 
ATOM   550  O O   . ALA A 1 67 ? -8.474  -3.601  -3.300  1.00 24.08 ? 67  ALA A O   1 
ATOM   551  C CB  . ALA A 1 67 ? -9.639  -6.104  -1.789  1.00 19.95 ? 67  ALA A CB  1 
ATOM   552  N N   . GLU A 1 68 ? -8.117  -5.425  -4.562  1.00 25.25 ? 68  GLU A N   1 
ATOM   553  C CA  . GLU A 1 68 ? -6.914  -4.862  -5.178  1.00 25.86 ? 68  GLU A CA  1 
ATOM   554  C C   . GLU A 1 68 ? -7.284  -3.690  -6.094  1.00 23.33 ? 68  GLU A C   1 
ATOM   555  O O   . GLU A 1 68 ? -6.574  -2.683  -6.156  1.00 21.60 ? 68  GLU A O   1 
ATOM   556  C CB  . GLU A 1 68 ? -6.152  -5.951  -5.953  1.00 26.26 ? 68  GLU A CB  1 
ATOM   557  C CG  . GLU A 1 68 ? -4.745  -5.552  -6.411  1.00 28.95 ? 68  GLU A CG  1 
ATOM   558  C CD  . GLU A 1 68 ? -3.799  -5.127  -5.274  1.00 31.85 ? 68  GLU A CD  1 
ATOM   559  O OE1 . GLU A 1 68 ? -3.807  -5.744  -4.184  1.00 31.74 ? 68  GLU A OE1 1 
ATOM   560  O OE2 . GLU A 1 68 ? -3.026  -4.178  -5.493  1.00 32.35 ? 68  GLU A OE2 1 
ATOM   561  N N   . SER A 1 69 ? -8.412  -3.816  -6.785  1.00 22.07 ? 69  SER A N   1 
ATOM   562  C CA  . SER A 1 69 ? -8.862  -2.748  -7.687  1.00 23.94 ? 69  SER A CA  1 
ATOM   563  C C   . SER A 1 69 ? -9.370  -1.565  -6.895  1.00 19.63 ? 69  SER A C   1 
ATOM   564  O O   . SER A 1 69 ? -9.153  -0.417  -7.275  1.00 20.48 ? 69  SER A O   1 
ATOM   565  C CB  . SER A 1 69 ? -9.977  -3.243  -8.595  1.00 24.09 ? 69  SER A CB  1 
ATOM   566  O OG  . SER A 1 69 ? -9.473  -4.285  -9.392  1.00 31.20 ? 69  SER A OG  1 
ATOM   567  N N   . VAL A 1 70 ? -10.066 -1.841  -5.801  1.00 18.88 ? 70  VAL A N   1 
ATOM   568  C CA  . VAL A 1 70 ? -10.540 -0.746  -4.969  1.00 18.95 ? 70  VAL A CA  1 
ATOM   569  C C   . VAL A 1 70 ? -9.296  -0.042  -4.417  1.00 20.06 ? 70  VAL A C   1 
ATOM   570  O O   . VAL A 1 70 ? -9.243  1.181   -4.385  1.00 21.88 ? 70  VAL A O   1 
ATOM   571  C CB  . VAL A 1 70 ? -11.466 -1.246  -3.813  1.00 19.61 ? 70  VAL A CB  1 
ATOM   572  C CG1 . VAL A 1 70 ? -11.588 -0.147  -2.689  1.00 17.12 ? 70  VAL A CG1 1 
ATOM   573  C CG2 . VAL A 1 70 ? -12.857 -1.580  -4.381  1.00 12.59 ? 70  VAL A CG2 1 
ATOM   574  N N   . LEU A 1 71 ? -8.283  -0.804  -4.018  1.00 19.03 ? 71  LEU A N   1 
ATOM   575  C CA  . LEU A 1 71 ? -7.063  -0.190  -3.492  1.00 22.16 ? 71  LEU A CA  1 
ATOM   576  C C   . LEU A 1 71 ? -6.330  0.650   -4.562  1.00 22.30 ? 71  LEU A C   1 
ATOM   577  O O   . LEU A 1 71 ? -5.742  1.677   -4.252  1.00 18.78 ? 71  LEU A O   1 
ATOM   578  C CB  . LEU A 1 71 ? -6.123  -1.272  -2.918  1.00 18.64 ? 71  LEU A CB  1 
ATOM   579  C CG  . LEU A 1 71 ? -4.691  -0.867  -2.534  1.00 21.56 ? 71  LEU A CG  1 
ATOM   580  C CD1 . LEU A 1 71 ? -4.750  0.179   -1.417  1.00 23.63 ? 71  LEU A CD1 1 
ATOM   581  C CD2 . LEU A 1 71 ? -3.878  -2.082  -2.053  1.00 21.15 ? 71  LEU A CD2 1 
ATOM   582  N N   . GLN A 1 72 ? -6.345  0.192   -5.811  1.00 24.97 ? 72  GLN A N   1 
ATOM   583  C CA  . GLN A 1 72 ? -5.708  0.912   -6.915  1.00 25.60 ? 72  GLN A CA  1 
ATOM   584  C C   . GLN A 1 72 ? -6.314  2.307   -7.089  1.00 25.12 ? 72  GLN A C   1 
ATOM   585  O O   . GLN A 1 72 ? -5.606  3.276   -7.395  1.00 26.47 ? 72  GLN A O   1 
ATOM   586  C CB  . GLN A 1 72 ? -5.863  0.132   -8.228  1.00 29.41 ? 72  GLN A CB  1 
ATOM   587  C CG  . GLN A 1 72 ? -4.606  -0.523  -8.727  1.00 35.16 ? 72  GLN A CG  1 
ATOM   588  C CD  . GLN A 1 72 ? -3.486  0.470   -9.032  1.00 39.27 ? 72  GLN A CD  1 
ATOM   589  O OE1 . GLN A 1 72 ? -3.575  1.283   -9.970  1.00 40.96 ? 72  GLN A OE1 1 
ATOM   590  N NE2 . GLN A 1 72 ? -2.416  0.406   -8.238  1.00 41.12 ? 72  GLN A NE2 1 
ATOM   591  N N   . VAL A 1 73 ? -7.621  2.418   -6.877  1.00 25.25 ? 73  VAL A N   1 
ATOM   592  C CA  . VAL A 1 73 ? -8.281  3.714   -7.022  1.00 22.62 ? 73  VAL A CA  1 
ATOM   593  C C   . VAL A 1 73 ? -7.706  4.692   -6.015  1.00 22.65 ? 73  VAL A C   1 
ATOM   594  O O   . VAL A 1 73 ? -7.432  5.840   -6.363  1.00 20.17 ? 73  VAL A O   1 
ATOM   595  C CB  . VAL A 1 73 ? -9.818  3.623   -6.828  1.00 23.68 ? 73  VAL A CB  1 
ATOM   596  C CG1 . VAL A 1 73 ? -10.423 5.025   -6.787  1.00 22.49 ? 73  VAL A CG1 1 
ATOM   597  C CG2 . VAL A 1 73 ? -10.438 2.824   -7.969  1.00 23.70 ? 73  VAL A CG2 1 
ATOM   598  N N   . PHE A 1 74 ? -7.517  4.242   -4.771  1.00 19.31 ? 74  PHE A N   1 
ATOM   599  C CA  . PHE A 1 74 ? -6.917  5.119   -3.779  1.00 20.26 ? 74  PHE A CA  1 
ATOM   600  C C   . PHE A 1 74 ? -5.459  5.437   -4.158  1.00 20.55 ? 74  PHE A C   1 
ATOM   601  O O   . PHE A 1 74 ? -4.989  6.560   -4.002  1.00 19.61 ? 74  PHE A O   1 
ATOM   602  C CB  . PHE A 1 74 ? -6.957  4.465   -2.395  1.00 20.60 ? 74  PHE A CB  1 
ATOM   603  C CG  . PHE A 1 74 ? -8.297  4.494   -1.746  1.00 20.62 ? 74  PHE A CG  1 
ATOM   604  C CD1 . PHE A 1 74 ? -8.746  5.634   -1.088  1.00 19.65 ? 74  PHE A CD1 1 
ATOM   605  C CD2 . PHE A 1 74 ? -9.112  3.364   -1.770  1.00 22.64 ? 74  PHE A CD2 1 
ATOM   606  C CE1 . PHE A 1 74 ? -9.977  5.642   -0.465  1.00 20.16 ? 74  PHE A CE1 1 
ATOM   607  C CE2 . PHE A 1 74 ? -10.343 3.367   -1.153  1.00 23.80 ? 74  PHE A CE2 1 
ATOM   608  C CZ  . PHE A 1 74 ? -10.778 4.506   -0.499  1.00 21.45 ? 74  PHE A CZ  1 
ATOM   609  N N   . ARG A 1 75 ? -4.741  4.458   -4.684  1.00 22.38 ? 75  ARG A N   1 
ATOM   610  C CA  . ARG A 1 75 ? -3.352  4.712   -5.032  1.00 24.32 ? 75  ARG A CA  1 
ATOM   611  C C   . ARG A 1 75 ? -3.259  5.680   -6.218  1.00 27.15 ? 75  ARG A C   1 
ATOM   612  O O   . ARG A 1 75 ? -2.332  6.493   -6.315  1.00 23.91 ? 75  ARG A O   1 
ATOM   613  C CB  . ARG A 1 75 ? -2.625  3.395   -5.325  1.00 22.13 ? 75  ARG A CB  1 
ATOM   614  C CG  . ARG A 1 75 ? -2.488  2.489   -4.092  1.00 21.41 ? 75  ARG A CG  1 
ATOM   615  C CD  . ARG A 1 75 ? -1.579  1.298   -4.350  1.00 23.45 ? 75  ARG A CD  1 
ATOM   616  N NE  . ARG A 1 75 ? -0.169  1.684   -4.438  1.00 25.39 ? 75  ARG A NE  1 
ATOM   617  C CZ  . ARG A 1 75 ? 0.801   0.870   -4.838  1.00 24.14 ? 75  ARG A CZ  1 
ATOM   618  N NH1 . ARG A 1 75 ? 0.518   -0.368  -5.194  1.00 26.43 ? 75  ARG A NH1 1 
ATOM   619  N NH2 . ARG A 1 75 ? 2.059   1.285   -4.865  1.00 24.26 ? 75  ARG A NH2 1 
ATOM   620  N N   . GLU A 1 76 ? -4.238  5.596   -7.110  1.00 28.13 ? 76  GLU A N   1 
ATOM   621  C CA  . GLU A 1 76 ? -4.281  6.481   -8.255  1.00 26.68 ? 76  GLU A CA  1 
ATOM   622  C C   . GLU A 1 76 ? -4.571  7.914   -7.794  1.00 25.85 ? 76  GLU A C   1 
ATOM   623  O O   . GLU A 1 76 ? -3.916  8.859   -8.241  1.00 26.44 ? 76  GLU A O   1 
ATOM   624  C CB  . GLU A 1 76 ? -5.294  5.929   -9.284  1.00 29.11 ? 76  GLU A CB  1 
ATOM   625  C CG  . GLU A 1 76 ? -4.570  4.974   -10.243 1.00 34.80 ? 76  GLU A CG  1 
ATOM   626  C CD  . GLU A 1 76 ? -5.389  3.838   -10.850 1.00 38.96 ? 76  GLU A CD  1 
ATOM   627  O OE1 . GLU A 1 76 ? -4.754  3.001   -11.532 1.00 41.90 ? 76  GLU A OE1 1 
ATOM   628  O OE2 . GLU A 1 76 ? -6.626  3.752   -10.668 1.00 42.66 ? 76  GLU A OE2 1 
ATOM   629  N N   . ALA A 1 77 ? -5.506  8.101   -6.870  1.00 21.15 ? 77  ALA A N   1 
ATOM   630  C CA  . ALA A 1 77 ? -5.743  9.459   -6.407  1.00 21.00 ? 77  ALA A CA  1 
ATOM   631  C C   . ALA A 1 77 ? -4.456  9.965   -5.742  1.00 20.74 ? 77  ALA A C   1 
ATOM   632  O O   . ALA A 1 77 ? -4.068  11.128  -5.864  1.00 20.67 ? 77  ALA A O   1 
ATOM   633  C CB  . ALA A 1 77 ? -6.900  9.493   -5.426  1.00 19.96 ? 77  ALA A CB  1 
ATOM   634  N N   . LYS A 1 78 ? -3.766  9.065   -5.066  1.00 25.53 ? 78  LYS A N   1 
ATOM   635  C CA  . LYS A 1 78 ? -2.530  9.419   -4.372  1.00 26.64 ? 78  LYS A CA  1 
ATOM   636  C C   . LYS A 1 78 ? -1.432  9.784   -5.383  1.00 24.96 ? 78  LYS A C   1 
ATOM   637  O O   . LYS A 1 78 ? -0.706  10.747  -5.208  1.00 19.97 ? 78  LYS A O   1 
ATOM   638  C CB  . LYS A 1 78 ? -2.093  8.247   -3.479  1.00 27.55 ? 78  LYS A CB  1 
ATOM   639  C CG  . LYS A 1 78 ? -0.971  8.617   -2.552  1.00 32.93 ? 78  LYS A CG  1 
ATOM   640  C CD  . LYS A 1 78 ? -1.043  7.826   -1.267  1.00 34.24 ? 78  LYS A CD  1 
ATOM   641  C CE  . LYS A 1 78 ? 0.303   7.738   -0.616  1.00 32.81 ? 78  LYS A CE  1 
ATOM   642  N NZ  . LYS A 1 78 ? 1.230   6.974   -1.481  1.00 35.66 ? 78  LYS A NZ  1 
ATOM   643  N N   . ALA A 1 79 ? -1.325  9.002   -6.447  1.00 22.70 ? 79  ALA A N   1 
ATOM   644  C CA  . ALA A 1 79 ? -0.353  9.283   -7.473  1.00 25.55 ? 79  ALA A CA  1 
ATOM   645  C C   . ALA A 1 79 ? -0.651  10.677  -8.051  1.00 28.31 ? 79  ALA A C   1 
ATOM   646  O O   . ALA A 1 79 ? 0.273   11.425  -8.355  1.00 34.73 ? 79  ALA A O   1 
ATOM   647  C CB  . ALA A 1 79 ? -0.430  8.205   -8.591  1.00 23.55 ? 79  ALA A CB  1 
ATOM   648  N N   . GLU A 1 80 ? -1.930  11.032  -8.172  1.00 28.58 ? 80  GLU A N   1 
ATOM   649  C CA  . GLU A 1 80 ? -2.334  12.331  -8.702  1.00 27.42 ? 80  GLU A CA  1 
ATOM   650  C C   . GLU A 1 80 ? -2.249  13.474  -7.702  1.00 28.55 ? 80  GLU A C   1 
ATOM   651  O O   . GLU A 1 80 ? -2.738  14.575  -7.962  1.00 27.54 ? 80  GLU A O   1 
ATOM   652  C CB  . GLU A 1 80 ? -3.749  12.266  -9.250  1.00 30.31 ? 80  GLU A CB  1 
ATOM   653  C CG  . GLU A 1 80 ? -3.891  11.314  -10.430 1.00 31.73 ? 80  GLU A CG  1 
ATOM   654  C CD  . GLU A 1 80 ? -3.745  12.007  -11.758 1.00 32.71 ? 80  GLU A CD  1 
ATOM   655  O OE1 . GLU A 1 80 ? -3.626  11.299  -12.781 1.00 36.92 ? 80  GLU A OE1 1 
ATOM   656  O OE2 . GLU A 1 80 ? -3.765  13.258  -11.789 1.00 34.94 ? 80  GLU A OE2 1 
ATOM   657  N N   . GLY A 1 81 ? -1.665  13.200  -6.545  1.00 29.38 ? 81  GLY A N   1 
ATOM   658  C CA  . GLY A 1 81 ? -1.480  14.231  -5.546  1.00 26.14 ? 81  GLY A CA  1 
ATOM   659  C C   . GLY A 1 81 ? -2.362  14.281  -4.332  1.00 25.46 ? 81  GLY A C   1 
ATOM   660  O O   . GLY A 1 81 ? -2.152  15.123  -3.472  1.00 29.70 ? 81  GLY A O   1 
ATOM   661  N N   . ALA A 1 82 ? -3.338  13.397  -4.222  1.00 26.30 ? 82  ALA A N   1 
ATOM   662  C CA  . ALA A 1 82 ? -4.222  13.449  -3.062  1.00 28.04 ? 82  ALA A CA  1 
ATOM   663  C C   . ALA A 1 82 ? -3.486  13.054  -1.760  1.00 27.28 ? 82  ALA A C   1 
ATOM   664  O O   . ALA A 1 82 ? -2.698  12.113  -1.746  1.00 27.29 ? 82  ALA A O   1 
ATOM   665  C CB  . ALA A 1 82 ? -5.438  12.545  -3.292  1.00 26.84 ? 82  ALA A CB  1 
ATOM   666  N N   . ASP A 1 83 ? -3.748  13.778  -0.674  1.00 27.14 ? 83  ASP A N   1 
ATOM   667  C CA  . ASP A 1 83 ? -3.101  13.484  0.590   1.00 26.60 ? 83  ASP A CA  1 
ATOM   668  C C   . ASP A 1 83 ? -3.804  12.328  1.307   1.00 27.58 ? 83  ASP A C   1 
ATOM   669  O O   . ASP A 1 83 ? -4.644  12.507  2.201   1.00 25.87 ? 83  ASP A O   1 
ATOM   670  C CB  . ASP A 1 83 ? -3.074  14.734  1.465   1.00 30.05 ? 83  ASP A CB  1 
ATOM   671  C CG  . ASP A 1 83 ? -2.229  14.553  2.730   1.00 29.92 ? 83  ASP A CG  1 
ATOM   672  O OD1 . ASP A 1 83 ? -1.735  13.438  2.977   1.00 30.16 ? 83  ASP A OD1 1 
ATOM   673  O OD2 . ASP A 1 83 ? -2.064  15.535  3.476   1.00 32.79 ? 83  ASP A OD2 1 
ATOM   674  N N   . ILE A 1 84 ? -3.436  11.126  0.891   1.00 28.72 ? 84  ILE A N   1 
ATOM   675  C CA  . ILE A 1 84 ? -3.982  9.900   1.444   1.00 28.17 ? 84  ILE A CA  1 
ATOM   676  C C   . ILE A 1 84 ? -2.879  9.004   1.940   1.00 27.59 ? 84  ILE A C   1 
ATOM   677  O O   . ILE A 1 84 ? -1.849  8.844   1.272   1.00 27.39 ? 84  ILE A O   1 
ATOM   678  C CB  . ILE A 1 84 ? -4.747  9.084   0.387   1.00 28.55 ? 84  ILE A CB  1 
ATOM   679  C CG1 . ILE A 1 84 ? -5.853  9.937   -0.244  1.00 29.12 ? 84  ILE A CG1 1 
ATOM   680  C CG2 . ILE A 1 84 ? -5.303  7.823   1.043   1.00 26.83 ? 84  ILE A CG2 1 
ATOM   681  C CD1 . ILE A 1 84 ? -6.483  9.319   -1.488  1.00 31.33 ? 84  ILE A CD1 1 
ATOM   682  N N   . THR A 1 85 ? -3.111  8.402   3.103   1.00 26.74 ? 85  THR A N   1 
ATOM   683  C CA  . THR A 1 85 ? -2.166  7.475   3.695   1.00 21.68 ? 85  THR A CA  1 
ATOM   684  C C   . THR A 1 85 ? -2.944  6.192   3.832   1.00 22.32 ? 85  THR A C   1 
ATOM   685  O O   . THR A 1 85 ? -4.033  6.205   4.379   1.00 21.26 ? 85  THR A O   1 
ATOM   686  C CB  . THR A 1 85 ? -1.714  7.929   5.109   1.00 26.30 ? 85  THR A CB  1 
ATOM   687  O OG1 . THR A 1 85 ? -0.982  9.157   5.011   1.00 26.19 ? 85  THR A OG1 1 
ATOM   688  C CG2 . THR A 1 85 ? -0.842  6.833   5.769   1.00 24.86 ? 85  THR A CG2 1 
ATOM   689  N N   . ILE A 1 86 ? -2.400  5.097   3.300   1.00 20.78 ? 86  ILE A N   1 
ATOM   690  C CA  . ILE A 1 86 ? -3.043  3.809   3.360   1.00 23.51 ? 86  ILE A CA  1 
ATOM   691  C C   . ILE A 1 86 ? -2.211  2.912   4.249   1.00 25.10 ? 86  ILE A C   1 
ATOM   692  O O   . ILE A 1 86 ? -1.003  2.796   4.092   1.00 28.19 ? 86  ILE A O   1 
ATOM   693  C CB  . ILE A 1 86 ? -3.188  3.187   1.942   1.00 23.22 ? 86  ILE A CB  1 
ATOM   694  C CG1 . ILE A 1 86 ? -3.991  4.129   1.061   1.00 23.29 ? 86  ILE A CG1 1 
ATOM   695  C CG2 . ILE A 1 86 ? -3.964  1.913   2.014   1.00 23.72 ? 86  ILE A CG2 1 
ATOM   696  C CD1 . ILE A 1 86 ? -3.716  3.982   -0.396  1.00 28.88 ? 86  ILE A CD1 1 
ATOM   697  N N   . ILE A 1 87 ? -2.856  2.302   5.225   1.00 28.41 ? 87  ILE A N   1 
ATOM   698  C CA  . ILE A 1 87 ? -2.154  1.418   6.155   1.00 28.14 ? 87  ILE A CA  1 
ATOM   699  C C   . ILE A 1 87 ? -2.680  0.045   5.897   1.00 26.45 ? 87  ILE A C   1 
ATOM   700  O O   . ILE A 1 87 ? -3.851  -0.215  6.125   1.00 26.12 ? 87  ILE A O   1 
ATOM   701  C CB  . ILE A 1 87 ? -2.455  1.790   7.600   1.00 28.96 ? 87  ILE A CB  1 
ATOM   702  C CG1 . ILE A 1 87 ? -1.888  3.166   7.877   1.00 27.08 ? 87  ILE A CG1 1 
ATOM   703  C CG2 . ILE A 1 87 ? -1.905  0.722   8.562   1.00 28.46 ? 87  ILE A CG2 1 
ATOM   704  C CD1 . ILE A 1 87 ? -2.457  3.757   9.099   1.00 30.71 ? 87  ILE A CD1 1 
ATOM   705  N N   . LEU A 1 88 ? -1.806  -0.821  5.406   1.00 28.87 ? 88  LEU A N   1 
ATOM   706  C CA  . LEU A 1 88 ? -2.195  -2.168  5.081   1.00 32.37 ? 88  LEU A CA  1 
ATOM   707  C C   . LEU A 1 88 ? -1.779  -3.188  6.113   1.00 34.95 ? 88  LEU A C   1 
ATOM   708  O O   . LEU A 1 88 ? -0.669  -3.698  6.064   1.00 35.47 ? 88  LEU A O   1 
ATOM   709  C CB  . LEU A 1 88 ? -1.626  -2.569  3.723   1.00 30.55 ? 88  LEU A CB  1 
ATOM   710  C CG  . LEU A 1 88 ? -2.105  -1.709  2.555   1.00 29.54 ? 88  LEU A CG  1 
ATOM   711  C CD1 . LEU A 1 88 ? -1.274  -2.009  1.306   1.00 29.45 ? 88  LEU A CD1 1 
ATOM   712  C CD2 . LEU A 1 88 ? -3.575  -1.971  2.328   1.00 27.04 ? 88  LEU A CD2 1 
ATOM   713  N N   . SER A 1 89 ? -2.677  -3.466  7.053   1.00 38.40 ? 89  SER A N   1 
ATOM   714  C CA  . SER A 1 89 ? -2.431  -4.483  8.063   1.00 42.26 ? 89  SER A CA  1 
ATOM   715  C C   . SER A 1 89 ? -3.069  -5.789  7.589   1.00 42.25 ? 89  SER A C   1 
ATOM   716  O O   . SER A 1 89 ? -3.373  -6.582  8.499   1.00 44.85 ? 89  SER A O   1 
ATOM   717  C CB  . SER A 1 89 ? -3.058  -4.087  9.407   1.00 44.72 ? 89  SER A CB  1 
ATOM   718  O OG  . SER A 1 89 ? -2.347  -3.041  10.042  1.00 50.19 ? 89  SER A OG  1 
ATOM   719  O OXT . SER A 1 89 ? -3.269  -6.013  6.354   1.00 38.26 ? 89  SER A OXT 1 
ATOM   720  N N   . LYS B 1 1  ? 12.570  -2.311  13.177  1.00 40.66 ? 1   LYS B N   1 
ATOM   721  C CA  . LYS B 1 1  ? 11.126  -2.675  13.314  1.00 41.48 ? 1   LYS B CA  1 
ATOM   722  C C   . LYS B 1 1  ? 10.391  -1.806  12.309  1.00 39.92 ? 1   LYS B C   1 
ATOM   723  O O   . LYS B 1 1  ? 9.365   -2.189  11.748  1.00 39.25 ? 1   LYS B O   1 
ATOM   724  C CB  . LYS B 1 1  ? 10.621  -2.364  14.748  1.00 40.46 ? 1   LYS B CB  1 
ATOM   725  C CG  . LYS B 1 1  ? 9.162   -2.735  14.995  1.00 41.03 ? 1   LYS B CG  1 
ATOM   726  C CD  . LYS B 1 1  ? 8.869   -3.048  16.455  1.00 41.65 ? 1   LYS B CD  1 
ATOM   727  C CE  . LYS B 1 1  ? 8.948   -1.816  17.330  1.00 42.59 ? 1   LYS B CE  1 
ATOM   728  N NZ  . LYS B 1 1  ? 7.921   -0.783  16.985  1.00 42.61 ? 1   LYS B NZ  1 
ATOM   729  N N   . LYS B 1 2  ? 10.959  -0.633  12.091  1.00 41.36 ? 2   LYS B N   1 
ATOM   730  C CA  . LYS B 1 2  ? 10.405  0.357   11.201  1.00 43.31 ? 2   LYS B CA  1 
ATOM   731  C C   . LYS B 1 2  ? 11.405  0.767   10.116  1.00 41.84 ? 2   LYS B C   1 
ATOM   732  O O   . LYS B 1 2  ? 12.519  1.163   10.408  1.00 45.30 ? 2   LYS B O   1 
ATOM   733  C CB  . LYS B 1 2  ? 10.003  1.578   12.049  1.00 46.85 ? 2   LYS B CB  1 
ATOM   734  C CG  . LYS B 1 2  ? 9.564   2.823   11.281  1.00 49.81 ? 2   LYS B CG  1 
ATOM   735  C CD  . LYS B 1 2  ? 8.231   2.609   10.590  1.00 52.38 ? 2   LYS B CD  1 
ATOM   736  C CE  . LYS B 1 2  ? 7.804   3.875   9.884   1.00 54.14 ? 2   LYS B CE  1 
ATOM   737  N NZ  . LYS B 1 2  ? 7.794   5.025   10.826  1.00 54.79 ? 2   LYS B NZ  1 
ATOM   738  N N   . ALA B 1 3  ? 11.008  0.657   8.862   1.00 40.29 ? 3   ALA B N   1 
ATOM   739  C CA  . ALA B 1 3  ? 11.875  1.083   7.768   1.00 38.89 ? 3   ALA B CA  1 
ATOM   740  C C   . ALA B 1 3  ? 11.091  2.055   6.883   1.00 38.07 ? 3   ALA B C   1 
ATOM   741  O O   . ALA B 1 3  ? 10.050  1.708   6.331   1.00 36.32 ? 3   ALA B O   1 
ATOM   742  C CB  . ALA B 1 3  ? 12.337  -0.106  6.955   1.00 37.88 ? 3   ALA B CB  1 
ATOM   743  N N   . VAL B 1 4  ? 11.583  3.284   6.784   1.00 39.09 ? 4   VAL B N   1 
ATOM   744  C CA  . VAL B 1 4  ? 10.946  4.308   5.965   1.00 39.11 ? 4   VAL B CA  1 
ATOM   745  C C   . VAL B 1 4  ? 11.751  4.532   4.693   1.00 38.24 ? 4   VAL B C   1 
ATOM   746  O O   . VAL B 1 4  ? 12.882  4.981   4.751   1.00 36.27 ? 4   VAL B O   1 
ATOM   747  C CB  . VAL B 1 4  ? 10.877  5.654   6.683   1.00 40.15 ? 4   VAL B CB  1 
ATOM   748  C CG1 . VAL B 1 4  ? 10.142  6.655   5.798   1.00 41.02 ? 4   VAL B CG1 1 
ATOM   749  C CG2 . VAL B 1 4  ? 10.198  5.496   8.044   1.00 40.12 ? 4   VAL B CG2 1 
ATOM   750  N N   . ILE B 1 5  ? 11.158  4.202   3.553   1.00 38.84 ? 5   ILE B N   1 
ATOM   751  C CA  . ILE B 1 5  ? 11.810  4.391   2.268   1.00 41.79 ? 5   ILE B CA  1 
ATOM   752  C C   . ILE B 1 5  ? 11.079  5.488   1.517   1.00 43.98 ? 5   ILE B C   1 
ATOM   753  O O   . ILE B 1 5  ? 9.938   5.321   1.087   1.00 44.23 ? 5   ILE B O   1 
ATOM   754  C CB  . ILE B 1 5  ? 11.852  3.079   1.439   1.00 41.76 ? 5   ILE B CB  1 
ATOM   755  C CG1 . ILE B 1 5  ? 11.832  3.399   -0.051  1.00 40.64 ? 5   ILE B CG1 1 
ATOM   756  C CG2 . ILE B 1 5  ? 10.742  2.153   1.860   1.00 43.30 ? 5   ILE B CG2 1 
ATOM   757  C CD1 . ILE B 1 5  ? 12.952  4.334   -0.513  1.00 44.24 ? 5   ILE B CD1 1 
ATOM   758  N N   . ASN B 1 6  ? 11.760  6.621   1.383   1.00 47.12 ? 6   ASN B N   1 
ATOM   759  C CA  . ASN B 1 6  ? 11.202  7.798   0.740   1.00 50.72 ? 6   ASN B CA  1 
ATOM   760  C C   . ASN B 1 6  ? 11.532  7.936   -0.742  1.00 51.39 ? 6   ASN B C   1 
ATOM   761  O O   . ASN B 1 6  ? 12.661  8.244   -1.108  1.00 52.75 ? 6   ASN B O   1 
ATOM   762  C CB  . ASN B 1 6  ? 11.686  9.044   1.476   1.00 53.08 ? 6   ASN B CB  1 
ATOM   763  C CG  . ASN B 1 6  ? 10.817  10.248  1.204   1.00 54.48 ? 6   ASN B CG  1 
ATOM   764  O OD1 . ASN B 1 6  ? 10.441  10.514  0.058   1.00 54.76 ? 6   ASN B OD1 1 
ATOM   765  N ND2 . ASN B 1 6  ? 10.492  10.988  2.259   1.00 53.74 ? 6   ASN B ND2 1 
ATOM   766  N N   . GLY B 1 7  ? 10.535  7.724   -1.590  1.00 51.93 ? 7   GLY B N   1 
ATOM   767  C CA  . GLY B 1 7  ? 10.746  7.853   -3.015  1.00 54.28 ? 7   GLY B CA  1 
ATOM   768  C C   . GLY B 1 7  ? 11.190  9.257   -3.397  1.00 55.91 ? 7   GLY B C   1 
ATOM   769  O O   . GLY B 1 7  ? 11.854  9.439   -4.417  1.00 56.68 ? 7   GLY B O   1 
ATOM   770  N N   . GLU B 1 8  ? 10.837  10.248  -2.580  1.00 56.95 ? 8   GLU B N   1 
ATOM   771  C CA  . GLU B 1 8  ? 11.202  11.641  -2.855  1.00 58.59 ? 8   GLU B CA  1 
ATOM   772  C C   . GLU B 1 8  ? 12.711  11.863  -2.888  1.00 58.89 ? 8   GLU B C   1 
ATOM   773  O O   . GLU B 1 8  ? 13.172  13.011  -2.839  1.00 59.40 ? 8   GLU B O   1 
ATOM   774  C CB  . GLU B 1 8  ? 10.592  12.590  -1.810  1.00 57.93 ? 8   GLU B CB  1 
ATOM   775  C CG  . GLU B 1 8  ? 9.087   12.720  -1.855  0.00 58.65 ? 8   GLU B CG  1 
ATOM   776  C CD  . GLU B 1 8  ? 8.566   13.784  -0.908  0.00 58.78 ? 8   GLU B CD  1 
ATOM   777  O OE1 . GLU B 1 8  ? 8.794   13.660  0.313   0.00 58.94 ? 8   GLU B OE1 1 
ATOM   778  O OE2 . GLU B 1 8  ? 7.928   14.745  -1.388  0.00 58.94 ? 8   GLU B OE2 1 
ATOM   779  N N   . GLN B 1 9  ? 13.473  10.771  -2.960  1.00 58.22 ? 9   GLN B N   1 
ATOM   780  C CA  . GLN B 1 9  ? 14.932  10.846  -2.988  1.00 57.52 ? 9   GLN B CA  1 
ATOM   781  C C   . GLN B 1 9  ? 15.552  9.582   -3.574  1.00 56.02 ? 9   GLN B C   1 
ATOM   782  O O   . GLN B 1 9  ? 16.649  9.198   -3.195  1.00 57.50 ? 9   GLN B O   1 
ATOM   783  C CB  . GLN B 1 9  ? 15.480  11.064  -1.569  1.00 58.70 ? 9   GLN B CB  1 
ATOM   784  C CG  . GLN B 1 9  ? 14.776  12.164  -0.775  1.00 59.78 ? 9   GLN B CG  1 
ATOM   785  C CD  . GLN B 1 9  ? 15.338  12.328  0.627   1.00 61.03 ? 9   GLN B CD  1 
ATOM   786  O OE1 . GLN B 1 9  ? 16.500  12.705  0.804   1.00 60.51 ? 9   GLN B OE1 1 
ATOM   787  N NE2 . GLN B 1 9  ? 14.515  12.042  1.634   1.00 61.85 ? 9   GLN B NE2 1 
ATOM   788  N N   . ILE B 1 10 ? 14.846  8.942   -4.498  1.00 54.96 ? 10  ILE B N   1 
ATOM   789  C CA  . ILE B 1 10 ? 15.321  7.714   -5.130  1.00 53.96 ? 10  ILE B CA  1 
ATOM   790  C C   . ILE B 1 10 ? 15.289  7.865   -6.646  1.00 53.87 ? 10  ILE B C   1 
ATOM   791  O O   . ILE B 1 10 ? 14.278  8.297   -7.204  1.00 52.89 ? 10  ILE B O   1 
ATOM   792  C CB  . ILE B 1 10 ? 14.434  6.508   -4.745  1.00 52.88 ? 10  ILE B CB  1 
ATOM   793  C CG1 . ILE B 1 10 ? 14.392  6.356   -3.227  1.00 51.78 ? 10  ILE B CG1 1 
ATOM   794  C CG2 . ILE B 1 10 ? 14.958  5.240   -5.409  1.00 52.70 ? 10  ILE B CG2 1 
ATOM   795  C CD1 . ILE B 1 10 ? 15.724  6.121   -2.612  1.00 50.39 ? 10  ILE B CD1 1 
ATOM   796  N N   . ARG B 1 11 ? 16.377  7.481   -7.314  1.00 54.61 ? 11  ARG B N   1 
ATOM   797  C CA  . ARG B 1 11 ? 16.458  7.623   -8.762  1.00 55.25 ? 11  ARG B CA  1 
ATOM   798  C C   . ARG B 1 11 ? 16.427  6.342   -9.579  1.00 56.16 ? 11  ARG B C   1 
ATOM   799  O O   . ARG B 1 11 ? 16.168  6.381   -10.784 1.00 58.07 ? 11  ARG B O   1 
ATOM   800  C CB  . ARG B 1 11 ? 17.696  8.437   -9.129  1.00 55.75 ? 11  ARG B CB  1 
ATOM   801  C CG  . ARG B 1 11 ? 17.733  9.816   -8.481  1.00 55.84 ? 11  ARG B CG  1 
ATOM   802  C CD  . ARG B 1 11 ? 16.536  10.660  -8.893  0.00 56.52 ? 11  ARG B CD  1 
ATOM   803  N NE  . ARG B 1 11 ? 16.537  11.972  -8.250  0.00 56.95 ? 11  ARG B NE  1 
ATOM   804  C CZ  . ARG B 1 11 ? 16.464  12.163  -6.937  0.00 57.21 ? 11  ARG B CZ  1 
ATOM   805  N NH1 . ARG B 1 11 ? 16.381  11.126  -6.114  0.00 57.36 ? 11  ARG B NH1 1 
ATOM   806  N NH2 . ARG B 1 11 ? 16.472  13.394  -6.444  0.00 57.36 ? 11  ARG B NH2 1 
ATOM   807  N N   . SER B 1 12 ? 16.691  5.205   -8.953  1.00 54.36 ? 12  SER B N   1 
ATOM   808  C CA  . SER B 1 12 ? 16.649  3.950   -9.699  1.00 52.74 ? 12  SER B CA  1 
ATOM   809  C C   . SER B 1 12 ? 16.526  2.760   -8.769  1.00 50.32 ? 12  SER B C   1 
ATOM   810  O O   . SER B 1 12 ? 16.653  2.896   -7.550  1.00 45.80 ? 12  SER B O   1 
ATOM   811  C CB  . SER B 1 12 ? 17.899  3.790   -10.569 1.00 52.47 ? 12  SER B CB  1 
ATOM   812  O OG  . SER B 1 12 ? 19.053  3.654   -9.763  1.00 52.50 ? 12  SER B OG  1 
ATOM   813  N N   . ILE B 1 13 ? 16.271  1.597   -9.365  1.00 49.05 ? 13  ILE B N   1 
ATOM   814  C CA  . ILE B 1 13 ? 16.130  0.362   -8.616  1.00 48.80 ? 13  ILE B CA  1 
ATOM   815  C C   . ILE B 1 13 ? 17.312  0.179   -7.656  1.00 48.39 ? 13  ILE B C   1 
ATOM   816  O O   . ILE B 1 13 ? 17.113  -0.201  -6.500  1.00 47.62 ? 13  ILE B O   1 
ATOM   817  C CB  . ILE B 1 13 ? 16.041  -0.860  -9.556  1.00 50.21 ? 13  ILE B CB  1 
ATOM   818  C CG1 . ILE B 1 13 ? 14.933  -0.656  -10.600 1.00 52.51 ? 13  ILE B CG1 1 
ATOM   819  C CG2 . ILE B 1 13 ? 15.710  -2.109  -8.747  1.00 51.20 ? 13  ILE B CG2 1 
ATOM   820  C CD1 . ILE B 1 13 ? 15.437  -0.310  -12.020 1.00 54.31 ? 13  ILE B CD1 1 
ATOM   821  N N   . SER B 1 14 ? 18.528  0.473   -8.127  1.00 46.19 ? 14  SER B N   1 
ATOM   822  C CA  . SER B 1 14 ? 19.728  0.329   -7.310  1.00 45.44 ? 14  SER B CA  1 
ATOM   823  C C   . SER B 1 14 ? 19.711  1.263   -6.103  1.00 42.94 ? 14  SER B C   1 
ATOM   824  O O   . SER B 1 14 ? 20.208  0.919   -5.024  1.00 42.57 ? 14  SER B O   1 
ATOM   825  C CB  . SER B 1 14 ? 21.003  0.579   -8.148  1.00 46.59 ? 14  SER B CB  1 
ATOM   826  O OG  . SER B 1 14 ? 21.267  1.964   -8.369  1.00 46.82 ? 14  SER B OG  1 
ATOM   827  N N   . ASP B 1 15 ? 19.132  2.442   -6.285  1.00 40.31 ? 15  ASP B N   1 
ATOM   828  C CA  . ASP B 1 15 ? 19.048  3.424   -5.210  1.00 39.25 ? 15  ASP B CA  1 
ATOM   829  C C   . ASP B 1 15 ? 18.068  2.968   -4.118  1.00 35.93 ? 15  ASP B C   1 
ATOM   830  O O   . ASP B 1 15 ? 18.238  3.284   -2.937  1.00 31.81 ? 15  ASP B O   1 
ATOM   831  C CB  . ASP B 1 15 ? 18.586  4.774   -5.771  1.00 41.35 ? 15  ASP B CB  1 
ATOM   832  C CG  . ASP B 1 15 ? 19.568  5.366   -6.758  1.00 44.59 ? 15  ASP B CG  1 
ATOM   833  O OD1 . ASP B 1 15 ? 19.571  4.974   -7.964  1.00 42.00 ? 15  ASP B OD1 1 
ATOM   834  O OD2 . ASP B 1 15 ? 20.351  6.229   -6.309  1.00 45.29 ? 15  ASP B OD2 1 
ATOM   835  N N   . LEU B 1 16 ? 17.040  2.246   -4.553  1.00 35.02 ? 16  LEU B N   1 
ATOM   836  C CA  . LEU B 1 16 ? 16.000  1.720   -3.684  1.00 36.55 ? 16  LEU B CA  1 
ATOM   837  C C   . LEU B 1 16 ? 16.645  0.653   -2.803  1.00 38.16 ? 16  LEU B C   1 
ATOM   838  O O   . LEU B 1 16 ? 16.550  0.706   -1.551  1.00 35.99 ? 16  LEU B O   1 
ATOM   839  C CB  . LEU B 1 16 ? 14.900  1.081   -4.531  1.00 39.00 ? 16  LEU B CB  1 
ATOM   840  C CG  . LEU B 1 16 ? 13.443  1.159   -4.067  1.00 39.26 ? 16  LEU B CG  1 
ATOM   841  C CD1 . LEU B 1 16 ? 12.621  0.201   -4.904  1.00 40.62 ? 16  LEU B CD1 1 
ATOM   842  C CD2 . LEU B 1 16 ? 13.316  0.809   -2.616  1.00 38.92 ? 16  LEU B CD2 1 
ATOM   843  N N   . HIS B 1 17 ? 17.319  -0.296  -3.469  1.00 35.69 ? 17  HIS B N   1 
ATOM   844  C CA  . HIS B 1 17 ? 17.991  -1.390  -2.775  1.00 35.15 ? 17  HIS B CA  1 
ATOM   845  C C   . HIS B 1 17 ? 18.963  -0.876  -1.731  1.00 36.02 ? 17  HIS B C   1 
ATOM   846  O O   . HIS B 1 17 ? 18.977  -1.394  -0.617  1.00 32.67 ? 17  HIS B O   1 
ATOM   847  C CB  . HIS B 1 17 ? 18.687  -2.325  -3.763  1.00 34.46 ? 17  HIS B CB  1 
ATOM   848  C CG  . HIS B 1 17 ? 17.764  -3.320  -4.396  1.00 33.56 ? 17  HIS B CG  1 
ATOM   849  N ND1 . HIS B 1 17 ? 17.170  -4.337  -3.683  1.00 33.69 ? 17  HIS B ND1 1 
ATOM   850  C CD2 . HIS B 1 17 ? 17.331  -3.455  -5.674  1.00 35.20 ? 17  HIS B CD2 1 
ATOM   851  C CE1 . HIS B 1 17 ? 16.410  -5.059  -4.490  1.00 32.94 ? 17  HIS B CE1 1 
ATOM   852  N NE2 . HIS B 1 17 ? 16.491  -4.545  -5.706  1.00 34.22 ? 17  HIS B NE2 1 
ATOM   853  N N   . GLN B 1 18 ? 19.749  0.154   -2.069  1.00 34.56 ? 18  GLN B N   1 
ATOM   854  C CA  . GLN B 1 18 ? 20.687  0.709   -1.101  1.00 34.68 ? 18  GLN B CA  1 
ATOM   855  C C   . GLN B 1 18 ? 19.956  1.336   0.082   1.00 34.54 ? 18  GLN B C   1 
ATOM   856  O O   . GLN B 1 18 ? 20.431  1.265   1.215   1.00 37.54 ? 18  GLN B O   1 
ATOM   857  C CB  . GLN B 1 18 ? 21.622  1.748   -1.740  1.00 34.31 ? 18  GLN B CB  1 
ATOM   858  C CG  . GLN B 1 18 ? 22.575  1.159   -2.806  1.00 38.76 ? 18  GLN B CG  1 
ATOM   859  C CD  . GLN B 1 18 ? 23.874  1.979   -3.015  1.00 40.58 ? 18  GLN B CD  1 
ATOM   860  O OE1 . GLN B 1 18 ? 24.800  1.513   -3.678  1.00 35.50 ? 18  GLN B OE1 1 
ATOM   861  N NE2 . GLN B 1 18 ? 23.937  3.195   -2.436  1.00 40.97 ? 18  GLN B NE2 1 
ATOM   862  N N   . THR B 1 19 ? 18.800  1.949   -0.165  1.00 34.17 ? 19  THR B N   1 
ATOM   863  C CA  . THR B 1 19 ? 18.037  2.563   0.923   1.00 34.65 ? 19  THR B CA  1 
ATOM   864  C C   . THR B 1 19 ? 17.449  1.478   1.831   1.00 34.03 ? 19  THR B C   1 
ATOM   865  O O   . THR B 1 19 ? 17.434  1.618   3.056   1.00 34.67 ? 19  THR B O   1 
ATOM   866  C CB  . THR B 1 19 ? 16.902  3.432   0.359   1.00 36.43 ? 19  THR B CB  1 
ATOM   867  O OG1 . THR B 1 19 ? 17.472  4.567   -0.297  1.00 36.75 ? 19  THR B OG1 1 
ATOM   868  C CG2 . THR B 1 19 ? 15.964  3.899   1.463   1.00 36.42 ? 19  THR B CG2 1 
ATOM   869  N N   . LEU B 1 20 ? 16.960  0.411   1.205   1.00 30.96 ? 20  LEU B N   1 
ATOM   870  C CA  . LEU B 1 20 ? 16.390  -0.738  1.892   1.00 32.33 ? 20  LEU B CA  1 
ATOM   871  C C   . LEU B 1 20 ? 17.466  -1.332  2.822   1.00 34.11 ? 20  LEU B C   1 
ATOM   872  O O   . LEU B 1 20 ? 17.228  -1.567  4.014   1.00 35.33 ? 20  LEU B O   1 
ATOM   873  C CB  . LEU B 1 20 ? 15.963  -1.766  0.852   1.00 30.67 ? 20  LEU B CB  1 
ATOM   874  C CG  . LEU B 1 20 ? 14.485  -2.089  0.597   1.00 33.25 ? 20  LEU B CG  1 
ATOM   875  C CD1 . LEU B 1 20 ? 13.593  -0.902  0.808   1.00 30.79 ? 20  LEU B CD1 1 
ATOM   876  C CD2 . LEU B 1 20 ? 14.365  -2.643  -0.811  1.00 29.63 ? 20  LEU B CD2 1 
ATOM   877  N N   . LYS B 1 21 ? 18.656  -1.543  2.265   1.00 33.21 ? 21  LYS B N   1 
ATOM   878  C CA  . LYS B 1 21 ? 19.796  -2.069  2.998   1.00 34.30 ? 21  LYS B CA  1 
ATOM   879  C C   . LYS B 1 21 ? 20.074  -1.263  4.271   1.00 35.03 ? 21  LYS B C   1 
ATOM   880  O O   . LYS B 1 21 ? 20.261  -1.825  5.344   1.00 34.67 ? 21  LYS B O   1 
ATOM   881  C CB  . LYS B 1 21 ? 21.035  -2.045  2.096   1.00 36.85 ? 21  LYS B CB  1 
ATOM   882  C CG  . LYS B 1 21 ? 22.336  -2.400  2.796   1.00 37.51 ? 21  LYS B CG  1 
ATOM   883  C CD  . LYS B 1 21 ? 23.425  -2.572  1.778   1.00 40.16 ? 21  LYS B CD  1 
ATOM   884  C CE  . LYS B 1 21 ? 24.740  -3.041  2.385   1.00 40.45 ? 21  LYS B CE  1 
ATOM   885  N NZ  . LYS B 1 21 ? 25.721  -3.239  1.280   1.00 38.05 ? 21  LYS B NZ  1 
ATOM   886  N N   . LYS B 1 22 ? 20.122  0.054   4.152   1.00 35.97 ? 22  LYS B N   1 
ATOM   887  C CA  . LYS B 1 22 ? 20.370  0.869   5.316   1.00 39.10 ? 22  LYS B CA  1 
ATOM   888  C C   . LYS B 1 22 ? 19.164  0.866   6.241   1.00 40.48 ? 22  LYS B C   1 
ATOM   889  O O   . LYS B 1 22 ? 19.317  0.685   7.444   1.00 42.03 ? 22  LYS B O   1 
ATOM   890  C CB  . LYS B 1 22 ? 20.683  2.308   4.934   1.00 40.24 ? 22  LYS B CB  1 
ATOM   891  C CG  . LYS B 1 22 ? 20.993  3.177   6.143   1.00 42.14 ? 22  LYS B CG  1 
ATOM   892  C CD  . LYS B 1 22 ? 21.339  4.622   5.754   1.00 45.28 ? 22  LYS B CD  1 
ATOM   893  C CE  . LYS B 1 22 ? 21.935  5.405   6.948   1.00 46.04 ? 22  LYS B CE  1 
ATOM   894  N NZ  . LYS B 1 22 ? 21.033  5.444   8.146   1.00 46.73 ? 22  LYS B NZ  1 
ATOM   895  N N   . GLU B 1 23 ? 17.970  1.043   5.677   1.00 39.19 ? 23  GLU B N   1 
ATOM   896  C CA  . GLU B 1 23 ? 16.748  1.101   6.479   1.00 39.32 ? 23  GLU B CA  1 
ATOM   897  C C   . GLU B 1 23 ? 16.325  -0.186  7.154   1.00 39.09 ? 23  GLU B C   1 
ATOM   898  O O   . GLU B 1 23 ? 15.881  -0.163  8.299   1.00 37.76 ? 23  GLU B O   1 
ATOM   899  C CB  . GLU B 1 23 ? 15.591  1.652   5.640   1.00 40.62 ? 23  GLU B CB  1 
ATOM   900  C CG  . GLU B 1 23 ? 15.771  3.115   5.336   1.00 39.43 ? 23  GLU B CG  1 
ATOM   901  C CD  . GLU B 1 23 ? 15.973  3.908   6.606   1.00 43.04 ? 23  GLU B CD  1 
ATOM   902  O OE1 . GLU B 1 23 ? 15.033  3.968   7.447   1.00 44.92 ? 23  GLU B OE1 1 
ATOM   903  O OE2 . GLU B 1 23 ? 17.078  4.459   6.770   1.00 42.64 ? 23  GLU B OE2 1 
ATOM   904  N N   . LEU B 1 24 ? 16.447  -1.307  6.459   1.00 37.86 ? 24  LEU B N   1 
ATOM   905  C CA  . LEU B 1 24 ? 16.079  -2.568  7.070   1.00 36.46 ? 24  LEU B CA  1 
ATOM   906  C C   . LEU B 1 24 ? 17.251  -3.147  7.845   1.00 35.73 ? 24  LEU B C   1 
ATOM   907  O O   . LEU B 1 24 ? 17.095  -4.107  8.593   1.00 36.96 ? 24  LEU B O   1 
ATOM   908  C CB  . LEU B 1 24 ? 15.608  -3.541  6.005   1.00 35.24 ? 24  LEU B CB  1 
ATOM   909  C CG  . LEU B 1 24 ? 14.244  -3.123  5.487   1.00 36.63 ? 24  LEU B CG  1 
ATOM   910  C CD1 . LEU B 1 24 ? 13.810  -4.060  4.383   1.00 34.61 ? 24  LEU B CD1 1 
ATOM   911  C CD2 . LEU B 1 24 ? 13.243  -3.136  6.660   1.00 37.10 ? 24  LEU B CD2 1 
ATOM   912  N N   . ALA B 1 25 ? 18.425  -2.553  7.668   1.00 35.55 ? 25  ALA B N   1 
ATOM   913  C CA  . ALA B 1 25 ? 19.627  -3.007  8.365   1.00 35.78 ? 25  ALA B CA  1 
ATOM   914  C C   . ALA B 1 25 ? 20.056  -4.354  7.836   1.00 33.13 ? 25  ALA B C   1 
ATOM   915  O O   . ALA B 1 25 ? 20.474  -5.210  8.593   1.00 35.19 ? 25  ALA B O   1 
ATOM   916  C CB  . ALA B 1 25 ? 19.366  -3.087  9.902   1.00 33.51 ? 25  ALA B CB  1 
ATOM   917  N N   . LEU B 1 26 ? 19.934  -4.524  6.526   1.00 33.82 ? 26  LEU B N   1 
ATOM   918  C CA  . LEU B 1 26 ? 20.285  -5.760  5.822   1.00 34.61 ? 26  LEU B CA  1 
ATOM   919  C C   . LEU B 1 26 ? 21.771  -6.107  5.840   1.00 33.65 ? 26  LEU B C   1 
ATOM   920  O O   . LEU B 1 26 ? 22.613  -5.288  6.193   1.00 36.98 ? 26  LEU B O   1 
ATOM   921  C CB  . LEU B 1 26 ? 19.790  -5.696  4.362   1.00 29.51 ? 26  LEU B CB  1 
ATOM   922  C CG  . LEU B 1 26 ? 18.300  -5.374  4.135   1.00 28.87 ? 26  LEU B CG  1 
ATOM   923  C CD1 . LEU B 1 26 ? 17.883  -5.692  2.661   1.00 25.06 ? 26  LEU B CD1 1 
ATOM   924  C CD2 . LEU B 1 26 ? 17.457  -6.223  5.107   1.00 28.86 ? 26  LEU B CD2 1 
ATOM   925  N N   . ALA B 1 27 ? 22.076  -7.344  5.467   1.00 38.11 ? 27  ALA B N   1 
ATOM   926  C CA  . ALA B 1 27 ? 23.455  -7.836  5.431   1.00 39.81 ? 27  ALA B CA  1 
ATOM   927  C C   . ALA B 1 27 ? 24.362  -6.948  4.574   1.00 40.42 ? 27  ALA B C   1 
ATOM   928  O O   . ALA B 1 27 ? 23.987  -6.531  3.472   1.00 40.87 ? 27  ALA B O   1 
ATOM   929  C CB  . ALA B 1 27 ? 23.475  -9.266  4.915   1.00 36.43 ? 27  ALA B CB  1 
ATOM   930  N N   . GLU B 1 28 ? 25.557  -6.680  5.098   1.00 41.55 ? 28  GLU B N   1 
ATOM   931  C CA  . GLU B 1 28 ? 26.569  -5.856  4.449   1.00 43.17 ? 28  GLU B CA  1 
ATOM   932  C C   . GLU B 1 28 ? 26.914  -6.342  3.040   1.00 42.25 ? 28  GLU B C   1 
ATOM   933  O O   . GLU B 1 28 ? 27.493  -5.608  2.247   1.00 43.25 ? 28  GLU B O   1 
ATOM   934  C CB  . GLU B 1 28 ? 27.836  -5.844  5.311   1.00 47.33 ? 28  GLU B CB  1 
ATOM   935  C CG  . GLU B 1 28 ? 28.937  -4.898  4.834   1.00 50.90 ? 28  GLU B CG  1 
ATOM   936  C CD  . GLU B 1 28 ? 30.310  -5.276  5.390   1.00 52.72 ? 28  GLU B CD  1 
ATOM   937  O OE1 . GLU B 1 28 ? 31.299  -4.583  5.080   1.00 54.23 ? 28  GLU B OE1 1 
ATOM   938  O OE2 . GLU B 1 28 ? 30.406  -6.272  6.137   1.00 54.89 ? 28  GLU B OE2 1 
ATOM   939  N N   . TYR B 1 29 ? 26.563  -7.585  2.742   1.00 40.00 ? 29  TYR B N   1 
ATOM   940  C CA  . TYR B 1 29 ? 26.826  -8.178  1.444   1.00 36.79 ? 29  TYR B CA  1 
ATOM   941  C C   . TYR B 1 29 ? 25.554  -8.334  0.647   1.00 35.82 ? 29  TYR B C   1 
ATOM   942  O O   . TYR B 1 29 ? 25.509  -9.061  -0.352  1.00 34.86 ? 29  TYR B O   1 
ATOM   943  C CB  . TYR B 1 29 ? 27.481  -9.542  1.631   1.00 37.83 ? 29  TYR B CB  1 
ATOM   944  C CG  . TYR B 1 29 ? 28.940  -9.448  2.010   1.00 37.04 ? 29  TYR B CG  1 
ATOM   945  C CD1 . TYR B 1 29 ? 29.927  -9.461  1.030   1.00 36.85 ? 29  TYR B CD1 1 
ATOM   946  C CD2 . TYR B 1 29 ? 29.326  -9.295  3.331   1.00 35.92 ? 29  TYR B CD2 1 
ATOM   947  C CE1 . TYR B 1 29 ? 31.249  -9.324  1.351   1.00 37.69 ? 29  TYR B CE1 1 
ATOM   948  C CE2 . TYR B 1 29 ? 30.655  -9.154  3.666   1.00 38.37 ? 29  TYR B CE2 1 
ATOM   949  C CZ  . TYR B 1 29 ? 31.617  -9.174  2.675   1.00 37.80 ? 29  TYR B CZ  1 
ATOM   950  O OH  . TYR B 1 29 ? 32.961  -9.111  3.002   1.00 39.27 ? 29  TYR B OH  1 
ATOM   951  N N   . TYR B 1 30 ? 24.510  -7.642  1.087   1.00 34.88 ? 30  TYR B N   1 
ATOM   952  C CA  . TYR B 1 30 ? 23.216  -7.711  0.414   1.00 33.41 ? 30  TYR B CA  1 
ATOM   953  C C   . TYR B 1 30 ? 23.330  -7.627  -1.112  1.00 32.05 ? 30  TYR B C   1 
ATOM   954  O O   . TYR B 1 30 ? 23.892  -6.686  -1.659  1.00 33.04 ? 30  TYR B O   1 
ATOM   955  C CB  . TYR B 1 30 ? 22.312  -6.612  0.974   1.00 32.49 ? 30  TYR B CB  1 
ATOM   956  C CG  . TYR B 1 30 ? 20.978  -6.483  0.290   1.00 30.41 ? 30  TYR B CG  1 
ATOM   957  C CD1 . TYR B 1 30 ? 20.053  -7.536  0.288   1.00 29.44 ? 30  TYR B CD1 1 
ATOM   958  C CD2 . TYR B 1 30 ? 20.626  -5.288  -0.325  1.00 27.95 ? 30  TYR B CD2 1 
ATOM   959  C CE1 . TYR B 1 30 ? 18.795  -7.380  -0.315  1.00 29.31 ? 30  TYR B CE1 1 
ATOM   960  C CE2 . TYR B 1 30 ? 19.397  -5.123  -0.924  1.00 31.01 ? 30  TYR B CE2 1 
ATOM   961  C CZ  . TYR B 1 30 ? 18.476  -6.161  -0.923  1.00 30.66 ? 30  TYR B CZ  1 
ATOM   962  O OH  . TYR B 1 30 ? 17.266  -5.939  -1.536  1.00 28.73 ? 30  TYR B OH  1 
ATOM   963  N N   . GLY B 1 31 ? 22.780  -8.625  -1.786  1.00 33.89 ? 31  GLY B N   1 
ATOM   964  C CA  . GLY B 1 31 ? 22.847  -8.700  -3.240  1.00 35.54 ? 31  GLY B CA  1 
ATOM   965  C C   . GLY B 1 31 ? 22.265  -7.547  -4.035  1.00 36.71 ? 31  GLY B C   1 
ATOM   966  O O   . GLY B 1 31 ? 22.660  -7.325  -5.170  1.00 35.78 ? 31  GLY B O   1 
ATOM   967  N N   . GLU B 1 32 ? 21.315  -6.823  -3.453  1.00 37.57 ? 32  GLU B N   1 
ATOM   968  C CA  . GLU B 1 32 ? 20.694  -5.690  -4.135  1.00 37.90 ? 32  GLU B CA  1 
ATOM   969  C C   . GLU B 1 32 ? 19.922  -6.118  -5.393  1.00 37.76 ? 32  GLU B C   1 
ATOM   970  O O   . GLU B 1 32 ? 20.109  -5.575  -6.470  1.00 38.60 ? 32  GLU B O   1 
ATOM   971  C CB  . GLU B 1 32 ? 21.757  -4.623  -4.483  1.00 36.21 ? 32  GLU B CB  1 
ATOM   972  C CG  . GLU B 1 32 ? 22.484  -4.034  -3.265  1.00 34.95 ? 32  GLU B CG  1 
ATOM   973  C CD  . GLU B 1 32 ? 23.545  -2.981  -3.620  1.00 36.96 ? 32  GLU B CD  1 
ATOM   974  O OE1 . GLU B 1 32 ? 24.265  -2.527  -2.707  1.00 34.68 ? 32  GLU B OE1 1 
ATOM   975  O OE2 . GLU B 1 32 ? 23.663  -2.599  -4.811  1.00 39.04 ? 32  GLU B OE2 1 
ATOM   976  N N   . ASN B 1 33 ? 19.056  -7.108  -5.239  1.00 39.47 ? 33  ASN B N   1 
ATOM   977  C CA  . ASN B 1 33 ? 18.212  -7.587  -6.326  1.00 40.26 ? 33  ASN B CA  1 
ATOM   978  C C   . ASN B 1 33 ? 16.981  -8.225  -5.694  1.00 39.87 ? 33  ASN B C   1 
ATOM   979  O O   . ASN B 1 33 ? 16.926  -8.371  -4.478  1.00 39.45 ? 33  ASN B O   1 
ATOM   980  C CB  . ASN B 1 33 ? 18.964  -8.589  -7.207  1.00 40.42 ? 33  ASN B CB  1 
ATOM   981  C CG  . ASN B 1 33 ? 19.592  -9.699  -6.417  1.00 42.61 ? 33  ASN B CG  1 
ATOM   982  O OD1 . ASN B 1 33 ? 18.907  -10.612 -5.945  1.00 43.99 ? 33  ASN B OD1 1 
ATOM   983  N ND2 . ASN B 1 33 ? 20.910  -9.628  -6.251  1.00 44.78 ? 33  ASN B ND2 1 
ATOM   984  N N   . LEU B 1 34 ? 16.001  -8.588  -6.514  1.00 40.46 ? 34  LEU B N   1 
ATOM   985  C CA  . LEU B 1 34 ? 14.754  -9.185  -6.024  1.00 43.64 ? 34  LEU B CA  1 
ATOM   986  C C   . LEU B 1 34 ? 14.912  -10.489 -5.242  1.00 44.41 ? 34  LEU B C   1 
ATOM   987  O O   . LEU B 1 34 ? 14.385  -10.627 -4.134  1.00 44.49 ? 34  LEU B O   1 
ATOM   988  C CB  . LEU B 1 34 ? 13.792  -9.383  -7.194  1.00 43.52 ? 34  LEU B CB  1 
ATOM   989  C CG  . LEU B 1 34 ? 12.629  -8.391  -7.267  1.00 43.86 ? 34  LEU B CG  1 
ATOM   990  C CD1 . LEU B 1 34 ? 13.053  -7.006  -6.792  1.00 42.96 ? 34  LEU B CD1 1 
ATOM   991  C CD2 . LEU B 1 34 ? 12.126  -8.350  -8.696  1.00 43.02 ? 34  LEU B CD2 1 
ATOM   992  N N   . ASP B 1 35 ? 15.636  -11.444 -5.812  1.00 46.43 ? 35  ASP B N   1 
ATOM   993  C CA  . ASP B 1 35 ? 15.870  -12.716 -5.129  1.00 48.12 ? 35  ASP B CA  1 
ATOM   994  C C   . ASP B 1 35 ? 16.585  -12.445 -3.811  1.00 47.41 ? 35  ASP B C   1 
ATOM   995  O O   . ASP B 1 35 ? 16.269  -13.042 -2.782  1.00 47.61 ? 35  ASP B O   1 
ATOM   996  C CB  . ASP B 1 35 ? 16.725  -13.615 -6.006  1.00 51.86 ? 35  ASP B CB  1 
ATOM   997  C CG  . ASP B 1 35 ? 16.139  -13.776 -7.377  1.00 54.70 ? 35  ASP B CG  1 
ATOM   998  O OD1 . ASP B 1 35 ? 15.147  -14.524 -7.506  1.00 57.82 ? 35  ASP B OD1 1 
ATOM   999  O OD2 . ASP B 1 35 ? 16.644  -13.135 -8.321  1.00 56.27 ? 35  ASP B OD2 1 
ATOM   1000 N N   . ALA B 1 36 ? 17.553  -11.534 -3.848  1.00 44.25 ? 36  ALA B N   1 
ATOM   1001 C CA  . ALA B 1 36 ? 18.294  -11.185 -2.650  1.00 40.89 ? 36  ALA B CA  1 
ATOM   1002 C C   . ALA B 1 36 ? 17.326  -10.628 -1.620  1.00 38.89 ? 36  ALA B C   1 
ATOM   1003 O O   . ALA B 1 36 ? 17.350  -11.021 -0.459  1.00 39.66 ? 36  ALA B O   1 
ATOM   1004 C CB  . ALA B 1 36 ? 19.382  -10.147 -2.971  1.00 40.03 ? 36  ALA B CB  1 
ATOM   1005 N N   . LEU B 1 37 ? 16.470  -9.708  -2.033  1.00 36.25 ? 37  LEU B N   1 
ATOM   1006 C CA  . LEU B 1 37 ? 15.540  -9.139  -1.069  1.00 36.87 ? 37  LEU B CA  1 
ATOM   1007 C C   . LEU B 1 37 ? 14.659  -10.230 -0.488  1.00 36.01 ? 37  LEU B C   1 
ATOM   1008 O O   . LEU B 1 37 ? 14.349  -10.222 0.704   1.00 35.18 ? 37  LEU B O   1 
ATOM   1009 C CB  . LEU B 1 37 ? 14.638  -8.074  -1.719  1.00 33.74 ? 37  LEU B CB  1 
ATOM   1010 C CG  . LEU B 1 37 ? 13.518  -7.497  -0.840  1.00 31.42 ? 37  LEU B CG  1 
ATOM   1011 C CD1 . LEU B 1 37 ? 14.145  -6.733  0.316   1.00 29.97 ? 37  LEU B CD1 1 
ATOM   1012 C CD2 . LEU B 1 37 ? 12.606  -6.566  -1.661  1.00 31.50 ? 37  LEU B CD2 1 
HETATM 1013 N N   . 4IN B 1 38 ? 14.304  -11.196 -1.320  1.00 38.71 ? 38  4IN B N   1 
HETATM 1014 C CA  . 4IN B 1 38 ? 13.377  -12.213 -0.876  1.00 41.69 ? 38  4IN B CA  1 
HETATM 1015 C CB  . 4IN B 1 38 ? 12.878  -13.065 -2.103  1.00 44.90 ? 38  4IN B CB  1 
HETATM 1016 C CG  . 4IN B 1 38 ? 11.739  -13.859 -1.569  1.00 51.27 ? 38  4IN B CG  1 
HETATM 1017 C CD1 . 4IN B 1 38 ? 11.665  -14.816 -0.617  1.00 52.41 ? 38  4IN B CD1 1 
HETATM 1018 N NE1 . 4IN B 1 38 ? 10.426  -15.184 -0.467  1.00 53.25 ? 38  4IN B NE1 1 
HETATM 1019 C CE2 . 4IN B 1 38 ? 9.592   -14.525 -1.285  1.00 52.87 ? 38  4IN B CE2 1 
HETATM 1020 C CZ2 . 4IN B 1 38 ? 8.140   -14.630 -1.420  1.00 54.32 ? 38  4IN B CZ2 1 
HETATM 1021 C CH2 . 4IN B 1 38 ? 7.482   -13.769 -2.416  1.00 53.82 ? 38  4IN B CH2 1 
HETATM 1022 C CZ3 . 4IN B 1 38 ? 8.255   -12.849 -3.243  1.00 53.50 ? 38  4IN B CZ3 1 
HETATM 1023 C CE3 . 4IN B 1 38 ? 9.706   -12.765 -3.085  1.00 54.00 ? 38  4IN B CE3 1 
HETATM 1024 N N16 . 4IN B 1 38 ? 10.493  -11.881 -3.879  1.00 55.08 ? 38  4IN B N16 1 
HETATM 1025 C CD2 . 4IN B 1 38 ? 10.336  -13.634 -2.069  1.00 52.90 ? 38  4IN B CD2 1 
HETATM 1026 C C   . 4IN B 1 38 ? 14.103  -13.079 0.174   1.00 40.61 ? 38  4IN B C   1 
HETATM 1027 O O   . 4IN B 1 38 ? 13.495  -13.526 1.141   1.00 41.62 ? 38  4IN B O   1 
ATOM   1028 N N   . ASP B 1 39 ? 15.400  -13.309 0.002   1.00 39.00 ? 39  ASP B N   1 
ATOM   1029 C CA  . ASP B 1 39 ? 16.130  -14.100 0.988   1.00 36.80 ? 39  ASP B CA  1 
ATOM   1030 C C   . ASP B 1 39 ? 16.315  -13.306 2.282   1.00 35.79 ? 39  ASP B C   1 
ATOM   1031 O O   . ASP B 1 39 ? 16.418  -13.888 3.369   1.00 35.93 ? 39  ASP B O   1 
ATOM   1032 C CB  . ASP B 1 39 ? 17.493  -14.558 0.446   1.00 39.53 ? 39  ASP B CB  1 
ATOM   1033 C CG  . ASP B 1 39 ? 17.367  -15.630 -0.632  1.00 41.88 ? 39  ASP B CG  1 
ATOM   1034 O OD1 . ASP B 1 39 ? 16.357  -16.361 -0.619  1.00 44.96 ? 39  ASP B OD1 1 
ATOM   1035 O OD2 . ASP B 1 39 ? 18.279  -15.757 -1.483  1.00 41.76 ? 39  ASP B OD2 1 
ATOM   1036 N N   . ALA B 1 40 ? 16.355  -11.983 2.177   1.00 30.36 ? 40  ALA B N   1 
ATOM   1037 C CA  . ALA B 1 40 ? 16.497  -11.148 3.362   1.00 28.82 ? 40  ALA B CA  1 
ATOM   1038 C C   . ALA B 1 40 ? 15.215  -11.234 4.213   1.00 30.07 ? 40  ALA B C   1 
ATOM   1039 O O   . ALA B 1 40 ? 15.252  -11.154 5.441   1.00 31.26 ? 40  ALA B O   1 
ATOM   1040 C CB  . ALA B 1 40 ? 16.757  -9.709  2.957   1.00 28.01 ? 40  ALA B CB  1 
ATOM   1041 N N   . LEU B 1 41 ? 14.077  -11.376 3.548   1.00 31.44 ? 41  LEU B N   1 
ATOM   1042 C CA  . LEU B 1 41 ? 12.807  -11.476 4.245   1.00 31.25 ? 41  LEU B CA  1 
ATOM   1043 C C   . LEU B 1 41 ? 12.644  -12.873 4.882   1.00 34.65 ? 41  LEU B C   1 
ATOM   1044 O O   . LEU B 1 41 ? 12.476  -13.000 6.105   1.00 29.95 ? 41  LEU B O   1 
ATOM   1045 C CB  . LEU B 1 41 ? 11.674  -11.186 3.266   1.00 31.40 ? 41  LEU B CB  1 
ATOM   1046 C CG  . LEU B 1 41 ? 11.125  -9.747  3.179   1.00 33.48 ? 41  LEU B CG  1 
ATOM   1047 C CD1 . LEU B 1 41 ? 12.181  -8.713  3.516   1.00 30.31 ? 41  LEU B CD1 1 
ATOM   1048 C CD2 . LEU B 1 41 ? 10.557  -9.528  1.784   1.00 32.97 ? 41  LEU B CD2 1 
ATOM   1049 N N   . THR B 1 42 ? 12.727  -13.915 4.053   1.00 35.71 ? 42  THR B N   1 
ATOM   1050 C CA  . THR B 1 42 ? 12.591  -15.284 4.530   1.00 39.81 ? 42  THR B CA  1 
ATOM   1051 C C   . THR B 1 42 ? 13.800  -15.813 5.292   1.00 39.37 ? 42  THR B C   1 
ATOM   1052 O O   . THR B 1 42 ? 13.785  -16.948 5.745   1.00 43.26 ? 42  THR B O   1 
ATOM   1053 C CB  . THR B 1 42 ? 12.289  -16.258 3.378   1.00 40.59 ? 42  THR B CB  1 
ATOM   1054 O OG1 . THR B 1 42 ? 13.411  -16.321 2.491   1.00 45.33 ? 42  THR B OG1 1 
ATOM   1055 C CG2 . THR B 1 42 ? 11.081  -15.797 2.607   1.00 43.18 ? 42  THR B CG2 1 
ATOM   1056 N N   . GLY B 1 43 ? 14.838  -15.003 5.462   1.00 40.99 ? 43  GLY B N   1 
ATOM   1057 C CA  . GLY B 1 43 ? 15.999  -15.489 6.193   1.00 37.95 ? 43  GLY B CA  1 
ATOM   1058 C C   . GLY B 1 43 ? 16.953  -14.470 6.795   1.00 36.46 ? 43  GLY B C   1 
ATOM   1059 O O   . GLY B 1 43 ? 18.154  -14.738 6.878   1.00 36.23 ? 43  GLY B O   1 
HETATM 1060 N N   . 4IN B 1 44 ? 16.440  -13.315 7.218   1.00 33.87 ? 44  4IN B N   1 
HETATM 1061 C CA  . 4IN B 1 44 ? 17.274  -12.271 7.818   1.00 33.97 ? 44  4IN B CA  1 
HETATM 1062 C CB  . 4IN B 1 44 ? 18.168  -11.477 6.688   1.00 33.90 ? 44  4IN B CB  1 
HETATM 1063 C CG  . 4IN B 1 44 ? 19.079  -10.368 7.353   1.00 32.03 ? 44  4IN B CG  1 
HETATM 1064 C CD1 . 4IN B 1 44 ? 18.740  -9.089  7.689   1.00 33.93 ? 44  4IN B CD1 1 
HETATM 1065 N NE1 . 4IN B 1 44 ? 19.770  -8.450  8.239   1.00 32.94 ? 44  4IN B NE1 1 
HETATM 1066 C CE2 . 4IN B 1 44 ? 20.846  -9.232  8.310   1.00 33.37 ? 44  4IN B CE2 1 
HETATM 1067 C CZ2 . 4IN B 1 44 ? 22.157  -8.931  8.836   1.00 34.60 ? 44  4IN B CZ2 1 
HETATM 1068 C CH2 . 4IN B 1 44 ? 23.163  -9.996  8.788   1.00 34.00 ? 44  4IN B CH2 1 
HETATM 1069 C CZ3 . 4IN B 1 44 ? 22.864  -11.295 8.235   1.00 33.19 ? 44  4IN B CZ3 1 
HETATM 1070 C CE3 . 4IN B 1 44 ? 21.549  -11.592 7.707   1.00 33.26 ? 44  4IN B CE3 1 
HETATM 1071 N N16 . 4IN B 1 44 ? 21.249  -12.840 7.170   1.00 29.91 ? 44  4IN B N16 1 
HETATM 1072 C CD2 . 4IN B 1 44 ? 20.537  -10.525 7.759   1.00 33.19 ? 44  4IN B CD2 1 
HETATM 1073 C C   . 4IN B 1 44 ? 16.444  -11.250 8.604   1.00 35.83 ? 44  4IN B C   1 
HETATM 1074 O O   . 4IN B 1 44 ? 16.652  -11.063 9.803   1.00 34.17 ? 44  4IN B O   1 
ATOM   1075 N N   . VAL B 1 45 ? 15.523  -10.574 7.918   1.00 35.79 ? 45  VAL B N   1 
ATOM   1076 C CA  . VAL B 1 45 ? 14.684  -9.564  8.558   1.00 37.91 ? 45  VAL B CA  1 
ATOM   1077 C C   . VAL B 1 45 ? 14.059  -10.033 9.882   1.00 40.04 ? 45  VAL B C   1 
ATOM   1078 O O   . VAL B 1 45 ? 13.510  -11.141 9.968   1.00 33.56 ? 45  VAL B O   1 
ATOM   1079 C CB  . VAL B 1 45 ? 13.539  -9.099  7.603   1.00 38.86 ? 45  VAL B CB  1 
ATOM   1080 C CG1 . VAL B 1 45 ? 12.544  -8.268  8.363   1.00 39.89 ? 45  VAL B CG1 1 
ATOM   1081 C CG2 . VAL B 1 45 ? 14.111  -8.271  6.453   1.00 39.65 ? 45  VAL B CG2 1 
ATOM   1082 N N   . GLU B 1 46 ? 14.148  -9.185  10.913  1.00 40.71 ? 46  GLU B N   1 
ATOM   1083 C CA  . GLU B 1 46 ? 13.564  -9.518  12.206  1.00 44.36 ? 46  GLU B CA  1 
ATOM   1084 C C   . GLU B 1 46 ? 12.174  -8.870  12.356  1.00 46.63 ? 46  GLU B C   1 
ATOM   1085 O O   . GLU B 1 46 ? 12.025  -7.642  12.378  1.00 46.62 ? 46  GLU B O   1 
ATOM   1086 C CB  . GLU B 1 46 ? 14.491  -9.073  13.342  0.00 44.36 ? 46  GLU B CB  1 
ATOM   1087 C CG  . GLU B 1 46 ? 14.089  -9.617  14.705  0.00 44.72 ? 46  GLU B CG  1 
ATOM   1088 C CD  . GLU B 1 46 ? 15.244  -9.646  15.689  0.00 44.85 ? 46  GLU B CD  1 
ATOM   1089 O OE1 . GLU B 1 46 ? 15.025  -10.046 16.852  0.00 44.94 ? 46  GLU B OE1 1 
ATOM   1090 O OE2 . GLU B 1 46 ? 16.370  -9.275  15.298  0.00 44.94 ? 46  GLU B OE2 1 
ATOM   1091 N N   . TYR B 1 47 ? 11.156  -9.716  12.450  1.00 47.71 ? 47  TYR B N   1 
ATOM   1092 C CA  . TYR B 1 47 ? 9.782   -9.259  12.584  1.00 49.75 ? 47  TYR B CA  1 
ATOM   1093 C C   . TYR B 1 47 ? 9.367   -8.889  14.023  1.00 50.41 ? 47  TYR B C   1 
ATOM   1094 O O   . TYR B 1 47 ? 10.052  -9.224  14.983  1.00 50.18 ? 47  TYR B O   1 
ATOM   1095 C CB  . TYR B 1 47 ? 8.863   -10.334 11.997  1.00 47.36 ? 47  TYR B CB  1 
ATOM   1096 C CG  . TYR B 1 47 ? 9.127   -10.564 10.512  1.00 47.87 ? 47  TYR B CG  1 
ATOM   1097 C CD1 . TYR B 1 47 ? 8.934   -9.539  9.583   1.00 45.60 ? 47  TYR B CD1 1 
ATOM   1098 C CD2 . TYR B 1 47 ? 9.596   -11.792 10.040  1.00 47.12 ? 47  TYR B CD2 1 
ATOM   1099 C CE1 . TYR B 1 47 ? 9.200   -9.728  8.231   1.00 45.50 ? 47  TYR B CE1 1 
ATOM   1100 C CE2 . TYR B 1 47 ? 9.869   -11.993 8.678   1.00 46.17 ? 47  TYR B CE2 1 
ATOM   1101 C CZ  . TYR B 1 47 ? 9.668   -10.957 7.777   1.00 45.68 ? 47  TYR B CZ  1 
ATOM   1102 O OH  . TYR B 1 47 ? 9.934   -11.146 6.430   1.00 42.21 ? 47  TYR B OH  1 
ATOM   1103 N N   . PRO B 1 48 ? 8.240   -8.166  14.182  1.00 52.56 ? 48  PRO B N   1 
ATOM   1104 C CA  . PRO B 1 48 ? 7.381   -7.702  13.088  1.00 49.45 ? 48  PRO B CA  1 
ATOM   1105 C C   . PRO B 1 48 ? 7.979   -6.440  12.484  1.00 46.30 ? 48  PRO B C   1 
ATOM   1106 O O   . PRO B 1 48 ? 8.755   -5.734  13.130  1.00 47.52 ? 48  PRO B O   1 
ATOM   1107 C CB  . PRO B 1 48 ? 6.045   -7.447  13.781  1.00 51.21 ? 48  PRO B CB  1 
ATOM   1108 C CG  . PRO B 1 48 ? 6.114   -8.322  15.018  1.00 52.76 ? 48  PRO B CG  1 
ATOM   1109 C CD  . PRO B 1 48 ? 7.523   -8.061  15.465  1.00 53.36 ? 48  PRO B CD  1 
ATOM   1110 N N   . LEU B 1 49 ? 7.619   -6.156  11.241  1.00 43.57 ? 49  LEU B N   1 
ATOM   1111 C CA  . LEU B 1 49 ? 8.143   -4.981  10.557  1.00 37.63 ? 49  LEU B CA  1 
ATOM   1112 C C   . LEU B 1 49 ? 7.074   -3.992  10.090  1.00 36.79 ? 49  LEU B C   1 
ATOM   1113 O O   . LEU B 1 49 ? 5.966   -4.374  9.693   1.00 34.96 ? 49  LEU B O   1 
ATOM   1114 C CB  . LEU B 1 49 ? 8.962   -5.428  9.346   1.00 35.85 ? 49  LEU B CB  1 
ATOM   1115 C CG  . LEU B 1 49 ? 9.289   -4.364  8.306   1.00 34.66 ? 49  LEU B CG  1 
ATOM   1116 C CD1 . LEU B 1 49 ? 10.396  -3.479  8.839   1.00 36.00 ? 49  LEU B CD1 1 
ATOM   1117 C CD2 . LEU B 1 49 ? 9.705   -5.012  7.016   1.00 36.54 ? 49  LEU B CD2 1 
ATOM   1118 N N   . VAL B 1 50 ? 7.417   -2.712  10.153  1.00 36.70 ? 50  VAL B N   1 
ATOM   1119 C CA  . VAL B 1 50 ? 6.529   -1.667  9.671   1.00 36.57 ? 50  VAL B CA  1 
ATOM   1120 C C   . VAL B 1 50 ? 7.317   -1.059  8.515   1.00 35.53 ? 50  VAL B C   1 
ATOM   1121 O O   . VAL B 1 50 ? 8.329   -0.410  8.751   1.00 36.33 ? 50  VAL B O   1 
ATOM   1122 C CB  . VAL B 1 50 ? 6.271   -0.546  10.728  1.00 36.94 ? 50  VAL B CB  1 
ATOM   1123 C CG1 . VAL B 1 50 ? 5.372   0.541   10.131  1.00 35.87 ? 50  VAL B CG1 1 
ATOM   1124 C CG2 . VAL B 1 50 ? 5.638   -1.124  11.979  1.00 35.09 ? 50  VAL B CG2 1 
ATOM   1125 N N   . LEU B 1 51 ? 6.872   -1.304  7.282   1.00 34.05 ? 51  LEU B N   1 
ATOM   1126 C CA  . LEU B 1 51 ? 7.512   -0.754  6.085   1.00 31.92 ? 51  LEU B CA  1 
ATOM   1127 C C   . LEU B 1 51 ? 6.672   0.427   5.552   1.00 32.92 ? 51  LEU B C   1 
ATOM   1128 O O   . LEU B 1 51 ? 5.521   0.253   5.146   1.00 30.69 ? 51  LEU B O   1 
ATOM   1129 C CB  . LEU B 1 51 ? 7.620   -1.822  4.980   1.00 33.82 ? 51  LEU B CB  1 
ATOM   1130 C CG  . LEU B 1 51 ? 8.482   -1.509  3.730   1.00 34.04 ? 51  LEU B CG  1 
ATOM   1131 C CD1 . LEU B 1 51 ? 7.908   -2.198  2.507   1.00 33.23 ? 51  LEU B CD1 1 
ATOM   1132 C CD2 . LEU B 1 51 ? 8.518   -0.028  3.464   1.00 36.31 ? 51  LEU B CD2 1 
ATOM   1133 N N   . GLU B 1 52 ? 7.278   1.609   5.546   1.00 31.34 ? 52  GLU B N   1 
ATOM   1134 C CA  . GLU B 1 52 ? 6.671   2.846   5.087   1.00 34.49 ? 52  GLU B CA  1 
ATOM   1135 C C   . GLU B 1 52 ? 7.243   3.282   3.728   1.00 36.04 ? 52  GLU B C   1 
ATOM   1136 O O   . GLU B 1 52 ? 8.375   3.777   3.640   1.00 35.28 ? 52  GLU B O   1 
ATOM   1137 C CB  . GLU B 1 52 ? 6.921   3.939   6.115   1.00 37.28 ? 52  GLU B CB  1 
ATOM   1138 C CG  . GLU B 1 52 ? 6.493   5.322   5.658   1.00 42.60 ? 52  GLU B CG  1 
ATOM   1139 C CD  . GLU B 1 52 ? 5.840   6.133   6.769   1.00 43.22 ? 52  GLU B CD  1 
ATOM   1140 O OE1 . GLU B 1 52 ? 6.009   5.777   7.954   1.00 45.18 ? 52  GLU B OE1 1 
ATOM   1141 O OE2 . GLU B 1 52 ? 5.161   7.130   6.455   1.00 46.17 ? 52  GLU B OE2 1 
HETATM 1142 N N   . 4IN B 1 53 ? 6.432   3.114   2.687   1.00 33.97 ? 53  4IN B N   1 
HETATM 1143 C CA  . 4IN B 1 53 ? 6.804   3.427   1.308   1.00 36.84 ? 53  4IN B CA  1 
HETATM 1144 C CB  . 4IN B 1 53 ? 6.213   2.270   0.596   1.00 37.42 ? 53  4IN B CB  1 
HETATM 1145 C CG  . 4IN B 1 53 ? 6.381   2.124   -0.860  1.00 39.76 ? 53  4IN B CG  1 
HETATM 1146 C CD1 . 4IN B 1 53 ? 5.586   2.598   -1.855  1.00 40.66 ? 53  4IN B CD1 1 
HETATM 1147 N NE1 . 4IN B 1 53 ? 6.075   2.221   -3.041  1.00 41.55 ? 53  4IN B NE1 1 
HETATM 1148 C CE2 . 4IN B 1 53 ? 7.202   1.488   -2.894  1.00 41.92 ? 53  4IN B CE2 1 
HETATM 1149 C CZ2 . 4IN B 1 53 ? 8.052   0.881   -3.906  1.00 43.45 ? 53  4IN B CZ2 1 
HETATM 1150 C CH2 . 4IN B 1 53 ? 9.227   0.137   -3.459  1.00 43.14 ? 53  4IN B CH2 1 
HETATM 1151 C CZ3 . 4IN B 1 53 ? 9.528   0.018   -2.046  1.00 43.77 ? 53  4IN B CZ3 1 
HETATM 1152 C CE3 . 4IN B 1 53 ? 8.665   0.635   -1.050  1.00 43.27 ? 53  4IN B CE3 1 
HETATM 1153 N N16 . 4IN B 1 53 ? 8.946   0.529   0.275   1.00 45.23 ? 53  4IN B N16 1 
HETATM 1154 C CD2 . 4IN B 1 53 ? 7.501   1.363   -1.506  1.00 41.13 ? 53  4IN B CD2 1 
HETATM 1155 C C   . 4IN B 1 53 ? 6.151   4.771   0.988   1.00 37.69 ? 53  4IN B C   1 
HETATM 1156 O O   . 4IN B 1 53 ? 4.986   4.837   0.562   1.00 33.50 ? 53  4IN B O   1 
ATOM   1157 N N   . ARG B 1 54 ? 6.888   5.852   1.208   1.00 38.86 ? 54  ARG B N   1 
ATOM   1158 C CA  . ARG B 1 54 ? 6.293   7.150   0.981   1.00 42.79 ? 54  ARG B CA  1 
ATOM   1159 C C   . ARG B 1 54 ? 6.714   7.970   -0.226  1.00 43.42 ? 54  ARG B C   1 
ATOM   1160 O O   . ARG B 1 54 ? 7.882   8.007   -0.600  1.00 42.79 ? 54  ARG B O   1 
ATOM   1161 C CB  . ARG B 1 54 ? 6.405   7.995   2.256   1.00 43.63 ? 54  ARG B CB  1 
ATOM   1162 C CG  . ARG B 1 54 ? 7.615   8.879   2.402   1.00 44.71 ? 54  ARG B CG  1 
ATOM   1163 C CD  . ARG B 1 54 ? 7.629   9.504   3.802   1.00 44.73 ? 54  ARG B CD  1 
ATOM   1164 N NE  . ARG B 1 54 ? 6.302   10.003  4.174   1.00 49.27 ? 54  ARG B NE  1 
ATOM   1165 C CZ  . ARG B 1 54 ? 5.847   11.240  3.953   1.00 49.13 ? 54  ARG B CZ  1 
ATOM   1166 N NH1 . ARG B 1 54 ? 6.606   12.155  3.362   1.00 50.57 ? 54  ARG B NH1 1 
ATOM   1167 N NH2 . ARG B 1 54 ? 4.615   11.561  4.307   1.00 48.87 ? 54  ARG B NH2 1 
ATOM   1168 N N   . GLN B 1 55 ? 5.716   8.613   -0.835  1.00 46.10 ? 55  GLN B N   1 
ATOM   1169 C CA  . GLN B 1 55 ? 5.900   9.490   -1.977  1.00 47.93 ? 55  GLN B CA  1 
ATOM   1170 C C   . GLN B 1 55 ? 6.599   8.809   -3.132  1.00 49.98 ? 55  GLN B C   1 
ATOM   1171 O O   . GLN B 1 55 ? 7.561   9.345   -3.673  1.00 49.80 ? 55  GLN B O   1 
ATOM   1172 C CB  . GLN B 1 55 ? 6.714   10.716  -1.559  1.00 49.35 ? 55  GLN B CB  1 
ATOM   1173 C CG  . GLN B 1 55 ? 6.177   11.485  -0.354  1.00 50.47 ? 55  GLN B CG  1 
ATOM   1174 C CD  . GLN B 1 55 ? 5.180   12.566  -0.733  1.00 51.68 ? 55  GLN B CD  1 
ATOM   1175 O OE1 . GLN B 1 55 ? 5.503   13.491  -1.478  0.00 51.26 ? 55  GLN B OE1 1 
ATOM   1176 N NE2 . GLN B 1 55 ? 3.961   12.455  -0.218  0.00 51.26 ? 55  GLN B NE2 1 
ATOM   1177 N N   . PHE B 1 56 ? 6.134   7.626   -3.511  1.00 51.30 ? 56  PHE B N   1 
ATOM   1178 C CA  . PHE B 1 56 ? 6.755   6.936   -4.627  1.00 53.63 ? 56  PHE B CA  1 
ATOM   1179 C C   . PHE B 1 56 ? 6.167   7.328   -5.972  1.00 57.48 ? 56  PHE B C   1 
ATOM   1180 O O   . PHE B 1 56 ? 5.210   6.728   -6.475  1.00 55.70 ? 56  PHE B O   1 
ATOM   1181 C CB  . PHE B 1 56 ? 6.709   5.427   -4.424  1.00 52.26 ? 56  PHE B CB  1 
ATOM   1182 C CG  . PHE B 1 56 ? 7.955   4.876   -3.803  1.00 49.94 ? 56  PHE B CG  1 
ATOM   1183 C CD1 . PHE B 1 56 ? 9.017   4.471   -4.602  1.00 50.14 ? 56  PHE B CD1 1 
ATOM   1184 C CD2 . PHE B 1 56 ? 8.084   4.799   -2.413  1.00 49.49 ? 56  PHE B CD2 1 
ATOM   1185 C CE1 . PHE B 1 56 ? 10.196  3.990   -4.032  1.00 49.75 ? 56  PHE B CE1 1 
ATOM   1186 C CE2 . PHE B 1 56 ? 9.252   4.324   -1.829  1.00 48.32 ? 56  PHE B CE2 1 
ATOM   1187 C CZ  . PHE B 1 56 ? 10.311  3.916   -2.642  1.00 48.98 ? 56  PHE B CZ  1 
ATOM   1188 N N   . GLU B 1 57 ? 6.764   8.393   -6.504  1.00 61.62 ? 57  GLU B N   1 
ATOM   1189 C CA  . GLU B 1 57 ? 6.466   9.008   -7.789  1.00 65.29 ? 57  GLU B CA  1 
ATOM   1190 C C   . GLU B 1 57 ? 7.723   9.865   -7.987  1.00 68.01 ? 57  GLU B C   1 
ATOM   1191 O O   . GLU B 1 57 ? 8.710   9.421   -8.576  1.00 68.65 ? 57  GLU B O   1 
ATOM   1192 C CB  . GLU B 1 57 ? 5.240   9.928   -7.708  0.00 65.42 ? 57  GLU B CB  1 
ATOM   1193 C CG  . GLU B 1 57 ? 3.994   9.330   -7.070  0.00 65.79 ? 57  GLU B CG  1 
ATOM   1194 C CD  . GLU B 1 57 ? 4.029   9.381   -5.554  0.00 65.93 ? 57  GLU B CD  1 
ATOM   1195 O OE1 . GLU B 1 57 ? 4.250   10.478  -5.000  0.00 66.03 ? 57  GLU B OE1 1 
ATOM   1196 O OE2 . GLU B 1 57 ? 3.829   8.327   -4.915  0.00 66.03 ? 57  GLU B OE2 1 
ATOM   1197 N N   . GLN B 1 58 ? 7.665   11.082  -7.443  0.00 70.01 ? 58  GLN B N   1 
ATOM   1198 C CA  . GLN B 1 58 ? 8.743   12.075  -7.473  0.00 72.11 ? 58  GLN B CA  1 
ATOM   1199 C C   . GLN B 1 58 ? 9.741   12.041  -8.622  0.00 73.32 ? 58  GLN B C   1 
ATOM   1200 O O   . GLN B 1 58 ? 9.604   11.264  -9.562  0.00 73.54 ? 58  GLN B O   1 
ATOM   1201 C CB  . GLN B 1 58 ? 9.508   12.034  -6.150  0.00 72.31 ? 58  GLN B CB  1 
ATOM   1202 C CG  . GLN B 1 58 ? 8.719   12.580  -4.979  0.00 72.70 ? 58  GLN B CG  1 
ATOM   1203 C CD  . GLN B 1 58 ? 8.462   14.071  -5.096  0.00 72.86 ? 58  GLN B CD  1 
ATOM   1204 O OE1 . GLN B 1 58 ? 9.443   14.843  -5.135  0.00 72.97 ? 58  GLN B OE1 1 
ATOM   1205 N NE2 . GLN B 1 58 ? 7.280   14.470  -5.151  0.00 72.97 ? 58  GLN B NE2 1 
ATOM   1206 N N   . SER B 1 59 ? 10.748  12.911  -8.526  0.00 74.89 ? 59  SER B N   1 
ATOM   1207 C CA  . SER B 1 59 ? 11.797  13.028  -9.536  0.00 76.35 ? 59  SER B CA  1 
ATOM   1208 C C   . SER B 1 59 ? 11.197  12.914  -10.929 0.00 77.27 ? 59  SER B C   1 
ATOM   1209 O O   . SER B 1 59 ? 10.916  13.919  -11.584 0.00 77.45 ? 59  SER B O   1 
ATOM   1210 C CB  . SER B 1 59 ? 12.851  11.937  -9.332  0.00 76.38 ? 59  SER B CB  1 
ATOM   1211 O OG  . SER B 1 59 ? 13.896  12.056  -10.281 0.00 76.54 ? 59  SER B OG  1 
ATOM   1212 N N   . LYS B 1 60 ? 11.009  11.679  -11.374 0.00 78.43 ? 60  LYS B N   1 
ATOM   1213 C CA  . LYS B 1 60 ? 10.422  11.408  -12.675 0.00 79.46 ? 60  LYS B CA  1 
ATOM   1214 C C   . LYS B 1 60 ? 9.019   10.855  -12.436 0.00 79.94 ? 60  LYS B C   1 
ATOM   1215 O O   . LYS B 1 60 ? 8.745   9.697   -12.752 0.00 80.08 ? 60  LYS B O   1 
ATOM   1216 C CB  . LYS B 1 60 ? 11.262  10.371  -13.425 0.00 79.73 ? 60  LYS B CB  1 
ATOM   1217 C CG  . LYS B 1 60 ? 12.761  10.635  -13.404 0.00 80.06 ? 60  LYS B CG  1 
ATOM   1218 C CD  . LYS B 1 60 ? 13.117  11.954  -14.069 0.00 80.28 ? 60  LYS B CD  1 
ATOM   1219 C CE  . LYS B 1 60 ? 14.618  12.194  -14.035 0.00 80.43 ? 60  LYS B CE  1 
ATOM   1220 N NZ  . LYS B 1 60 ? 14.994  13.477  -14.691 0.00 80.53 ? 60  LYS B NZ  1 
ATOM   1221 N N   . GLN B 1 61 ? 8.136   11.677  -11.869 0.00 80.50 ? 61  GLN B N   1 
ATOM   1222 C CA  . GLN B 1 61 ? 6.770   11.235  -11.594 0.00 80.94 ? 61  GLN B CA  1 
ATOM   1223 C C   . GLN B 1 61 ? 6.085   10.712  -12.845 0.00 81.01 ? 61  GLN B C   1 
ATOM   1224 O O   . GLN B 1 61 ? 4.953   10.231  -12.788 0.00 81.09 ? 61  GLN B O   1 
ATOM   1225 C CB  . GLN B 1 61 ? 5.936   12.362  -10.978 0.00 81.21 ? 61  GLN B CB  1 
ATOM   1226 C CG  . GLN B 1 61 ? 6.297   12.676  -9.534  0.00 81.53 ? 61  GLN B CG  1 
ATOM   1227 C CD  . GLN B 1 61 ? 5.278   13.566  -8.844  0.00 81.67 ? 61  GLN B CD  1 
ATOM   1228 O OE1 . GLN B 1 61 ? 5.092   14.725  -9.214  0.00 81.77 ? 61  GLN B OE1 1 
ATOM   1229 N NE2 . GLN B 1 61 ? 4.610   13.022  -7.833  0.00 81.77 ? 61  GLN B NE2 1 
ATOM   1230 N N   . LEU B 1 62 ? 6.774   10.813  -13.977 0.00 81.00 ? 62  LEU B N   1 
ATOM   1231 C CA  . LEU B 1 62 ? 6.248   10.303  -15.235 0.00 80.89 ? 62  LEU B CA  1 
ATOM   1232 C C   . LEU B 1 62 ? 6.383   8.791   -15.115 0.00 80.62 ? 62  LEU B C   1 
ATOM   1233 O O   . LEU B 1 62 ? 6.509   8.078   -16.111 0.00 80.66 ? 62  LEU B O   1 
ATOM   1234 C CB  . LEU B 1 62 ? 7.085   10.810  -16.411 0.00 81.14 ? 62  LEU B CB  1 
ATOM   1235 C CG  . LEU B 1 62 ? 7.136   12.326  -16.627 0.00 81.28 ? 62  LEU B CG  1 
ATOM   1236 C CD1 . LEU B 1 62 ? 8.113   12.651  -17.745 0.00 81.37 ? 62  LEU B CD1 1 
ATOM   1237 C CD2 . LEU B 1 62 ? 5.747   12.842  -16.960 0.00 81.37 ? 62  LEU B CD2 1 
ATOM   1238 N N   . THR B 1 63 ? 6.366   8.330   -13.866 0.00 80.15 ? 63  THR B N   1 
ATOM   1239 C CA  . THR B 1 63 ? 6.495   6.924   -13.513 0.00 79.63 ? 63  THR B CA  1 
ATOM   1240 C C   . THR B 1 63 ? 7.964   6.518   -13.510 0.00 79.03 ? 63  THR B C   1 
ATOM   1241 O O   . THR B 1 63 ? 8.446   5.910   -14.464 0.00 79.09 ? 63  THR B O   1 
ATOM   1242 C CB  . THR B 1 63 ? 5.721   6.013   -14.493 0.00 79.76 ? 63  THR B CB  1 
ATOM   1243 O OG1 . THR B 1 63 ? 4.344   6.408   -14.526 0.00 79.83 ? 63  THR B OG1 1 
ATOM   1244 C CG2 . THR B 1 63 ? 5.811   4.558   -14.053 0.00 79.83 ? 63  THR B CG2 1 
ATOM   1245 N N   . GLU B 1 64 ? 8.677   6.874   -12.442 1.00 78.35 ? 64  GLU B N   1 
ATOM   1246 C CA  . GLU B 1 64 ? 10.090  6.520   -12.327 1.00 76.88 ? 64  GLU B CA  1 
ATOM   1247 C C   . GLU B 1 64 ? 10.202  4.994   -12.347 1.00 75.61 ? 64  GLU B C   1 
ATOM   1248 O O   . GLU B 1 64 ? 10.294  4.346   -11.295 1.00 76.28 ? 64  GLU B O   1 
ATOM   1249 C CB  . GLU B 1 64 ? 10.688  7.080   -11.032 1.00 76.81 ? 64  GLU B CB  1 
ATOM   1250 C CG  . GLU B 1 64 ? 12.171  6.779   -10.873 0.00 77.15 ? 64  GLU B CG  1 
ATOM   1251 C CD  . GLU B 1 64 ? 12.745  7.319   -9.579  0.00 77.23 ? 64  GLU B CD  1 
ATOM   1252 O OE1 . GLU B 1 64 ? 12.697  8.550   -9.373  0.00 77.32 ? 64  GLU B OE1 1 
ATOM   1253 O OE2 . GLU B 1 64 ? 13.245  6.509   -8.769  0.00 77.32 ? 64  GLU B OE2 1 
ATOM   1254 N N   . ASN B 1 65 ? 10.179  4.443   -13.559 1.00 72.77 ? 65  ASN B N   1 
ATOM   1255 C CA  . ASN B 1 65 ? 10.258  3.007   -13.807 1.00 69.85 ? 65  ASN B CA  1 
ATOM   1256 C C   . ASN B 1 65 ? 10.931  2.159   -12.740 1.00 67.92 ? 65  ASN B C   1 
ATOM   1257 O O   . ASN B 1 65 ? 12.007  2.497   -12.244 1.00 68.89 ? 65  ASN B O   1 
ATOM   1258 C CB  . ASN B 1 65 ? 10.943  2.757   -15.151 1.00 70.29 ? 65  ASN B CB  1 
ATOM   1259 C CG  . ASN B 1 65 ? 9.967   2.777   -16.317 1.00 71.04 ? 65  ASN B CG  1 
ATOM   1260 O OD1 . ASN B 1 65 ? 10.366  2.662   -17.475 0.00 70.86 ? 65  ASN B OD1 1 
ATOM   1261 N ND2 . ASN B 1 65 ? 8.682   2.914   -16.012 0.00 70.86 ? 65  ASN B ND2 1 
ATOM   1262 N N   . GLY B 1 66 ? 10.274  1.051   -12.396 1.00 65.35 ? 66  GLY B N   1 
ATOM   1263 C CA  . GLY B 1 66 ? 10.802  0.121   -11.410 1.00 62.15 ? 66  GLY B CA  1 
ATOM   1264 C C   . GLY B 1 66 ? 10.716  0.559   -9.959  1.00 58.66 ? 66  GLY B C   1 
ATOM   1265 O O   . GLY B 1 66 ? 11.379  1.520   -9.557  1.00 61.42 ? 66  GLY B O   1 
ATOM   1266 N N   . ALA B 1 67 ? 9.911   -0.156  -9.174  1.00 52.09 ? 67  ALA B N   1 
ATOM   1267 C CA  . ALA B 1 67 ? 9.713   0.131   -7.753  1.00 47.49 ? 67  ALA B CA  1 
ATOM   1268 C C   . ALA B 1 67 ? 8.544   -0.709  -7.243  1.00 45.58 ? 67  ALA B C   1 
ATOM   1269 O O   . ALA B 1 67 ? 8.544   -1.175  -6.099  1.00 42.01 ? 67  ALA B O   1 
ATOM   1270 C CB  . ALA B 1 67 ? 9.418   1.616   -7.538  1.00 45.40 ? 67  ALA B CB  1 
ATOM   1271 N N   . GLU B 1 68 ? 7.552   -0.905  -8.106  1.00 42.13 ? 68  GLU B N   1 
ATOM   1272 C CA  . GLU B 1 68 ? 6.385   -1.685  -7.748  1.00 41.71 ? 68  GLU B CA  1 
ATOM   1273 C C   . GLU B 1 68 ? 6.794   -3.150  -7.606  1.00 42.86 ? 68  GLU B C   1 
ATOM   1274 O O   . GLU B 1 68 ? 6.185   -3.899  -6.834  1.00 44.45 ? 68  GLU B O   1 
ATOM   1275 C CB  . GLU B 1 68 ? 5.300   -1.503  -8.808  1.00 39.18 ? 68  GLU B CB  1 
ATOM   1276 C CG  . GLU B 1 68 ? 3.915   -1.995  -8.430  1.00 40.16 ? 68  GLU B CG  1 
ATOM   1277 C CD  . GLU B 1 68 ? 3.364   -1.401  -7.126  1.00 39.60 ? 68  GLU B CD  1 
ATOM   1278 O OE1 . GLU B 1 68 ? 3.649   -0.233  -6.801  1.00 39.63 ? 68  GLU B OE1 1 
ATOM   1279 O OE2 . GLU B 1 68 ? 2.619   -2.114  -6.430  1.00 40.20 ? 68  GLU B OE2 1 
ATOM   1280 N N   . SER B 1 69 ? 7.844   -3.557  -8.321  1.00 42.72 ? 69  SER B N   1 
ATOM   1281 C CA  . SER B 1 69 ? 8.323   -4.945  -8.231  1.00 41.77 ? 69  SER B CA  1 
ATOM   1282 C C   . SER B 1 69 ? 8.950   -5.178  -6.859  1.00 38.79 ? 69  SER B C   1 
ATOM   1283 O O   . SER B 1 69 ? 8.828   -6.250  -6.304  1.00 41.58 ? 69  SER B O   1 
ATOM   1284 C CB  . SER B 1 69 ? 9.353   -5.244  -9.321  1.00 42.62 ? 69  SER B CB  1 
ATOM   1285 O OG  . SER B 1 69 ? 10.496  -4.414  -9.178  1.00 47.22 ? 69  SER B OG  1 
ATOM   1286 N N   . VAL B 1 70 ? 9.615   -4.164  -6.321  1.00 34.98 ? 70  VAL B N   1 
ATOM   1287 C CA  . VAL B 1 70 ? 10.237  -4.253  -5.006  1.00 33.78 ? 70  VAL B CA  1 
ATOM   1288 C C   . VAL B 1 70 ? 9.154   -4.241  -3.926  1.00 34.65 ? 70  VAL B C   1 
ATOM   1289 O O   . VAL B 1 70 ? 9.294   -4.901  -2.892  1.00 36.18 ? 70  VAL B O   1 
ATOM   1290 C CB  . VAL B 1 70 ? 11.177  -3.059  -4.741  1.00 33.11 ? 70  VAL B CB  1 
ATOM   1291 C CG1 . VAL B 1 70 ? 11.573  -3.006  -3.286  1.00 30.81 ? 70  VAL B CG1 1 
ATOM   1292 C CG2 . VAL B 1 70 ? 12.409  -3.155  -5.611  1.00 33.63 ? 70  VAL B CG2 1 
ATOM   1293 N N   . LEU B 1 71 ? 8.081   -3.478  -4.150  1.00 33.25 ? 71  LEU B N   1 
ATOM   1294 C CA  . LEU B 1 71 ? 7.000   -3.414  -3.170  1.00 28.09 ? 71  LEU B CA  1 
ATOM   1295 C C   . LEU B 1 71 ? 6.296   -4.762  -3.166  1.00 28.24 ? 71  LEU B C   1 
ATOM   1296 O O   . LEU B 1 71 ? 5.847   -5.220  -2.125  1.00 26.82 ? 71  LEU B O   1 
ATOM   1297 C CB  . LEU B 1 71 ? 6.001   -2.297  -3.516  1.00 25.83 ? 71  LEU B CB  1 
ATOM   1298 C CG  . LEU B 1 71 ? 4.725   -2.050  -2.673  1.00 24.62 ? 71  LEU B CG  1 
ATOM   1299 C CD1 . LEU B 1 71 ? 5.086   -1.824  -1.173  1.00 21.07 ? 71  LEU B CD1 1 
ATOM   1300 C CD2 . LEU B 1 71 ? 4.018   -0.806  -3.200  1.00 23.73 ? 71  LEU B CD2 1 
ATOM   1301 N N   . GLN B 1 72 ? 6.214   -5.394  -4.335  1.00 29.64 ? 72  GLN B N   1 
ATOM   1302 C CA  . GLN B 1 72 ? 5.550   -6.686  -4.458  1.00 31.98 ? 72  GLN B CA  1 
ATOM   1303 C C   . GLN B 1 72 ? 6.155   -7.741  -3.546  1.00 35.75 ? 72  GLN B C   1 
ATOM   1304 O O   . GLN B 1 72 ? 5.432   -8.502  -2.883  1.00 37.78 ? 72  GLN B O   1 
ATOM   1305 C CB  . GLN B 1 72 ? 5.595   -7.181  -5.907  1.00 36.11 ? 72  GLN B CB  1 
ATOM   1306 C CG  . GLN B 1 72 ? 4.735   -6.376  -6.866  0.00 34.89 ? 72  GLN B CG  1 
ATOM   1307 C CD  . GLN B 1 72 ? 3.268   -6.393  -6.487  0.00 35.25 ? 72  GLN B CD  1 
ATOM   1308 O OE1 . GLN B 1 72 ? 2.642   -7.452  -6.426  0.00 35.11 ? 72  GLN B OE1 1 
ATOM   1309 N NE2 . GLN B 1 72 ? 2.709   -5.216  -6.228  0.00 35.11 ? 72  GLN B NE2 1 
ATOM   1310 N N   . VAL B 1 73 ? 7.482   -7.784  -3.501  1.00 34.95 ? 73  VAL B N   1 
ATOM   1311 C CA  . VAL B 1 73 ? 8.169   -8.746  -2.663  1.00 33.54 ? 73  VAL B CA  1 
ATOM   1312 C C   . VAL B 1 73 ? 7.752   -8.562  -1.199  1.00 32.80 ? 73  VAL B C   1 
ATOM   1313 O O   . VAL B 1 73 ? 7.578   -9.534  -0.453  1.00 33.77 ? 73  VAL B O   1 
ATOM   1314 C CB  . VAL B 1 73 ? 9.691   -8.585  -2.817  1.00 33.87 ? 73  VAL B CB  1 
ATOM   1315 C CG1 . VAL B 1 73 ? 10.422  -9.619  -1.989  1.00 32.74 ? 73  VAL B CG1 1 
ATOM   1316 C CG2 . VAL B 1 73 ? 10.061  -8.722  -4.290  1.00 34.04 ? 73  VAL B CG2 1 
ATOM   1317 N N   . PHE B 1 74 ? 7.592   -7.325  -0.770  1.00 31.01 ? 74  PHE B N   1 
ATOM   1318 C CA  . PHE B 1 74 ? 7.156   -7.131  0.593   1.00 32.77 ? 74  PHE B CA  1 
ATOM   1319 C C   . PHE B 1 74 ? 5.706   -7.581  0.757   1.00 34.85 ? 74  PHE B C   1 
ATOM   1320 O O   . PHE B 1 74 ? 5.360   -8.194  1.757   1.00 38.67 ? 74  PHE B O   1 
ATOM   1321 C CB  . PHE B 1 74 ? 7.302   -5.681  0.996   1.00 31.80 ? 74  PHE B CB  1 
ATOM   1322 C CG  . PHE B 1 74 ? 8.701   -5.302  1.334   1.00 31.27 ? 74  PHE B CG  1 
ATOM   1323 C CD1 . PHE B 1 74 ? 9.268   -5.711  2.529   1.00 29.27 ? 74  PHE B CD1 1 
ATOM   1324 C CD2 . PHE B 1 74 ? 9.457   -4.524  0.460   1.00 28.97 ? 74  PHE B CD2 1 
ATOM   1325 C CE1 . PHE B 1 74 ? 10.569  -5.346  2.846   1.00 29.24 ? 74  PHE B CE1 1 
ATOM   1326 C CE2 . PHE B 1 74 ? 10.754  -4.165  0.777   1.00 28.28 ? 74  PHE B CE2 1 
ATOM   1327 C CZ  . PHE B 1 74 ? 11.306  -4.573  1.968   1.00 28.49 ? 74  PHE B CZ  1 
ATOM   1328 N N   . ARG B 1 75 ? 4.865   -7.330  -0.232  1.00 35.24 ? 75  ARG B N   1 
ATOM   1329 C CA  . ARG B 1 75 ? 3.478   -7.725  -0.096  1.00 40.80 ? 75  ARG B CA  1 
ATOM   1330 C C   . ARG B 1 75 ? 3.219   -9.242  -0.051  1.00 42.46 ? 75  ARG B C   1 
ATOM   1331 O O   . ARG B 1 75 ? 2.291   -9.687  0.618   1.00 44.27 ? 75  ARG B O   1 
ATOM   1332 C CB  . ARG B 1 75 ? 2.642   -7.033  -1.178  1.00 40.52 ? 75  ARG B CB  1 
ATOM   1333 C CG  . ARG B 1 75 ? 2.774   -5.502  -1.109  1.00 40.60 ? 75  ARG B CG  1 
ATOM   1334 C CD  . ARG B 1 75 ? 1.739   -4.805  -1.977  1.00 42.26 ? 75  ARG B CD  1 
ATOM   1335 N NE  . ARG B 1 75 ? 0.385   -4.974  -1.457  1.00 41.34 ? 75  ARG B NE  1 
ATOM   1336 C CZ  . ARG B 1 75 ? -0.723  -4.817  -2.178  1.00 41.81 ? 75  ARG B CZ  1 
ATOM   1337 N NH1 . ARG B 1 75 ? -0.655  -4.480  -3.462  1.00 39.69 ? 75  ARG B NH1 1 
ATOM   1338 N NH2 . ARG B 1 75 ? -1.906  -5.016  -1.615  1.00 42.28 ? 75  ARG B NH2 1 
ATOM   1339 N N   . GLU B 1 76 ? 4.035   -10.048 -0.724  1.00 45.08 ? 76  GLU B N   1 
ATOM   1340 C CA  . GLU B 1 76 ? 3.833   -11.497 -0.678  1.00 43.90 ? 76  GLU B CA  1 
ATOM   1341 C C   . GLU B 1 76 ? 4.356   -12.064 0.658   1.00 44.31 ? 76  GLU B C   1 
ATOM   1342 O O   . GLU B 1 76 ? 3.775   -12.987 1.226   1.00 43.23 ? 76  GLU B O   1 
ATOM   1343 C CB  . GLU B 1 76 ? 4.505   -12.132 -1.874  1.00 44.50 ? 76  GLU B CB  1 
ATOM   1344 C CG  . GLU B 1 76 ? 4.185   -11.383 -3.158  1.00 45.72 ? 76  GLU B CG  1 
ATOM   1345 C CD  . GLU B 1 76 ? 4.853   -11.980 -4.384  1.00 48.00 ? 76  GLU B CD  1 
ATOM   1346 O OE1 . GLU B 1 76 ? 5.132   -11.217 -5.339  1.00 46.32 ? 76  GLU B OE1 1 
ATOM   1347 O OE2 . GLU B 1 76 ? 5.092   -13.216 -4.395  1.00 50.36 ? 76  GLU B OE2 1 
ATOM   1348 N N   . ALA B 1 77 ? 5.441   -11.511 1.179   1.00 43.50 ? 77  ALA B N   1 
ATOM   1349 C CA  . ALA B 1 77 ? 5.913   -11.971 2.486   1.00 45.29 ? 77  ALA B CA  1 
ATOM   1350 C C   . ALA B 1 77 ? 4.762   -11.745 3.497   1.00 45.74 ? 77  ALA B C   1 
ATOM   1351 O O   . ALA B 1 77 ? 4.557   -12.541 4.430   1.00 46.00 ? 77  ALA B O   1 
ATOM   1352 C CB  . ALA B 1 77 ? 7.144   -11.188 2.911   1.00 42.58 ? 77  ALA B CB  1 
ATOM   1353 N N   . LYS B 1 78 ? 4.016   -10.655 3.292   1.00 46.80 ? 78  LYS B N   1 
ATOM   1354 C CA  . LYS B 1 78 ? 2.866   -10.301 4.140   1.00 47.47 ? 78  LYS B CA  1 
ATOM   1355 C C   . LYS B 1 78 ? 1.686   -11.236 3.846   1.00 45.85 ? 78  LYS B C   1 
ATOM   1356 O O   . LYS B 1 78 ? 0.970   -11.680 4.756   1.00 45.41 ? 78  LYS B O   1 
ATOM   1357 C CB  . LYS B 1 78 ? 2.450   -8.853  3.877   1.00 48.30 ? 78  LYS B CB  1 
ATOM   1358 C CG  . LYS B 1 78 ? 1.222   -8.390  4.661   1.00 51.13 ? 78  LYS B CG  1 
ATOM   1359 C CD  . LYS B 1 78 ? 1.053   -6.869  4.568   1.00 52.10 ? 78  LYS B CD  1 
ATOM   1360 C CE  . LYS B 1 78 ? -0.242  -6.404  5.209   1.00 51.38 ? 78  LYS B CE  1 
ATOM   1361 N NZ  . LYS B 1 78 ? -1.401  -6.694  4.316   1.00 53.50 ? 78  LYS B NZ  1 
ATOM   1362 N N   . ALA B 1 79 ? 1.501   -11.529 2.564   1.00 43.75 ? 79  ALA B N   1 
ATOM   1363 C CA  . ALA B 1 79 ? 0.442   -12.416 2.125   1.00 44.12 ? 79  ALA B CA  1 
ATOM   1364 C C   . ALA B 1 79 ? 0.604   -13.780 2.793   1.00 45.04 ? 79  ALA B C   1 
ATOM   1365 O O   . ALA B 1 79 ? -0.353  -14.560 2.861   1.00 45.22 ? 79  ALA B O   1 
ATOM   1366 C CB  . ALA B 1 79 ? 0.483   -12.567 0.599   1.00 43.13 ? 79  ALA B CB  1 
ATOM   1367 N N   . GLU B 1 80 ? 1.811   -14.080 3.284   1.00 43.56 ? 80  GLU B N   1 
ATOM   1368 C CA  . GLU B 1 80 ? 2.015   -15.366 3.926   1.00 38.41 ? 80  GLU B CA  1 
ATOM   1369 C C   . GLU B 1 80 ? 2.504   -15.356 5.368   1.00 37.48 ? 80  GLU B C   1 
ATOM   1370 O O   . GLU B 1 80 ? 3.375   -16.141 5.761   1.00 33.88 ? 80  GLU B O   1 
ATOM   1371 C CB  . GLU B 1 80 ? 2.906   -16.255 3.063   1.00 38.36 ? 80  GLU B CB  1 
ATOM   1372 C CG  . GLU B 1 80 ? 2.521   -17.707 3.195   1.00 42.24 ? 80  GLU B CG  1 
ATOM   1373 C CD  . GLU B 1 80 ? 2.651   -18.479 1.895   1.00 44.54 ? 80  GLU B CD  1 
ATOM   1374 O OE1 . GLU B 1 80 ? 3.794   -18.687 1.438   0.00 44.00 ? 80  GLU B OE1 1 
ATOM   1375 O OE2 . GLU B 1 80 ? 1.603   -18.870 1.324   1.00 45.04 ? 80  GLU B OE2 1 
ATOM   1376 N N   . GLY B 1 81 ? 1.937   -14.464 6.167   1.00 34.06 ? 81  GLY B N   1 
ATOM   1377 C CA  . GLY B 1 81 ? 2.288   -14.463 7.567   1.00 37.15 ? 81  GLY B CA  1 
ATOM   1378 C C   . GLY B 1 81 ? 3.294   -13.479 8.092   1.00 40.83 ? 81  GLY B C   1 
ATOM   1379 O O   . GLY B 1 81 ? 3.268   -13.181 9.290   1.00 42.00 ? 81  GLY B O   1 
ATOM   1380 N N   . ALA B 1 82 ? 4.180   -12.965 7.240   1.00 40.39 ? 82  ALA B N   1 
ATOM   1381 C CA  . ALA B 1 82 ? 5.158   -12.028 7.747   1.00 39.24 ? 82  ALA B CA  1 
ATOM   1382 C C   . ALA B 1 82 ? 4.386   -10.905 8.404   1.00 40.05 ? 82  ALA B C   1 
ATOM   1383 O O   . ALA B 1 82 ? 3.496   -10.307 7.791   1.00 39.35 ? 82  ALA B O   1 
ATOM   1384 C CB  . ALA B 1 82 ? 6.040   -11.489 6.617   1.00 39.35 ? 82  ALA B CB  1 
ATOM   1385 N N   . ASP B 1 83 ? 4.697   -10.639 9.665   1.00 41.07 ? 83  ASP B N   1 
ATOM   1386 C CA  . ASP B 1 83 ? 4.007   -9.565  10.348  1.00 43.11 ? 83  ASP B CA  1 
ATOM   1387 C C   . ASP B 1 83 ? 4.557   -8.273  9.758   1.00 40.40 ? 83  ASP B C   1 
ATOM   1388 O O   . ASP B 1 83 ? 5.319   -7.544  10.397  1.00 39.58 ? 83  ASP B O   1 
ATOM   1389 C CB  . ASP B 1 83 ? 4.235   -9.616  11.869  1.00 44.44 ? 83  ASP B CB  1 
ATOM   1390 C CG  . ASP B 1 83 ? 3.374   -8.593  12.616  1.00 46.36 ? 83  ASP B CG  1 
ATOM   1391 O OD1 . ASP B 1 83 ? 2.668   -7.801  11.945  1.00 44.23 ? 83  ASP B OD1 1 
ATOM   1392 O OD2 . ASP B 1 83 ? 3.407   -8.572  13.868  1.00 47.19 ? 83  ASP B OD2 1 
ATOM   1393 N N   . ILE B 1 84 ? 4.177   -8.018  8.509   1.00 40.34 ? 84  ILE B N   1 
ATOM   1394 C CA  . ILE B 1 84 ? 4.609   -6.812  7.809   1.00 37.47 ? 84  ILE B CA  1 
ATOM   1395 C C   . ILE B 1 84 ? 3.425   -5.902  7.599   1.00 34.62 ? 84  ILE B C   1 
ATOM   1396 O O   . ILE B 1 84 ? 2.469   -6.265  6.944   1.00 34.21 ? 84  ILE B O   1 
ATOM   1397 C CB  . ILE B 1 84 ? 5.211   -7.096  6.397   1.00 35.51 ? 84  ILE B CB  1 
ATOM   1398 C CG1 . ILE B 1 84 ? 6.513   -7.880  6.503   1.00 33.70 ? 84  ILE B CG1 1 
ATOM   1399 C CG2 . ILE B 1 84 ? 5.493   -5.768  5.674   1.00 33.67 ? 84  ILE B CG2 1 
ATOM   1400 C CD1 . ILE B 1 84 ? 7.108   -8.210  5.144   1.00 32.15 ? 84  ILE B CD1 1 
ATOM   1401 N N   . THR B 1 85 ? 3.508   -4.714  8.163   1.00 35.45 ? 85  THR B N   1 
ATOM   1402 C CA  . THR B 1 85 ? 2.467   -3.721  7.997   1.00 34.66 ? 85  THR B CA  1 
ATOM   1403 C C   . THR B 1 85 ? 3.002   -2.727  6.966   1.00 33.54 ? 85  THR B C   1 
ATOM   1404 O O   . THR B 1 85 ? 4.059   -2.128  7.173   1.00 28.43 ? 85  THR B O   1 
ATOM   1405 C CB  . THR B 1 85 ? 2.185   -3.041  9.336   1.00 34.06 ? 85  THR B CB  1 
ATOM   1406 O OG1 . THR B 1 85 ? 1.275   -3.867  10.058  1.00 40.53 ? 85  THR B OG1 1 
ATOM   1407 C CG2 . THR B 1 85 ? 1.592   -1.647  9.162   1.00 35.85 ? 85  THR B CG2 1 
ATOM   1408 N N   . ILE B 1 86 ? 2.298   -2.590  5.838   1.00 32.96 ? 86  ILE B N   1 
ATOM   1409 C CA  . ILE B 1 86 ? 2.742   -1.666  4.807   1.00 30.32 ? 86  ILE B CA  1 
ATOM   1410 C C   . ILE B 1 86 ? 2.012   -0.341  4.865   1.00 29.33 ? 86  ILE B C   1 
ATOM   1411 O O   . ILE B 1 86 ? 0.789   -0.304  4.787   1.00 29.39 ? 86  ILE B O   1 
ATOM   1412 C CB  . ILE B 1 86 ? 2.562   -2.250  3.384   1.00 33.04 ? 86  ILE B CB  1 
ATOM   1413 C CG1 . ILE B 1 86 ? 3.278   -3.587  3.281   1.00 33.51 ? 86  ILE B CG1 1 
ATOM   1414 C CG2 . ILE B 1 86 ? 3.218   -1.305  2.338   1.00 29.78 ? 86  ILE B CG2 1 
ATOM   1415 C CD1 . ILE B 1 86 ? 4.739   -3.457  3.550   1.00 36.51 ? 86  ILE B CD1 1 
ATOM   1416 N N   . ILE B 1 87 ? 2.769   0.750   4.995   1.00 29.09 ? 87  ILE B N   1 
ATOM   1417 C CA  . ILE B 1 87 ? 2.190   2.089   5.041   1.00 30.00 ? 87  ILE B CA  1 
ATOM   1418 C C   . ILE B 1 87 ? 2.469   2.773   3.701   1.00 30.77 ? 87  ILE B C   1 
ATOM   1419 O O   . ILE B 1 87 ? 3.620   3.053   3.377   1.00 33.19 ? 87  ILE B O   1 
ATOM   1420 C CB  . ILE B 1 87 ? 2.843   3.010   6.128   1.00 28.97 ? 87  ILE B CB  1 
ATOM   1421 C CG1 . ILE B 1 87 ? 2.923   2.320   7.499   1.00 30.56 ? 87  ILE B CG1 1 
ATOM   1422 C CG2 . ILE B 1 87 ? 2.056   4.279   6.251   1.00 27.43 ? 87  ILE B CG2 1 
ATOM   1423 C CD1 . ILE B 1 87 ? 1.621   2.183   8.240   1.00 32.88 ? 87  ILE B CD1 1 
ATOM   1424 N N   . LEU B 1 88 ? 1.430   3.043   2.925   1.00 30.15 ? 88  LEU B N   1 
ATOM   1425 C CA  . LEU B 1 88 ? 1.589   3.726   1.645   1.00 30.20 ? 88  LEU B CA  1 
ATOM   1426 C C   . LEU B 1 88 ? 1.353   5.214   1.878   1.00 31.48 ? 88  LEU B C   1 
ATOM   1427 O O   . LEU B 1 88 ? 0.226   5.633   2.108   1.00 31.87 ? 88  LEU B O   1 
ATOM   1428 C CB  . LEU B 1 88 ? 0.579   3.175   0.653   1.00 31.29 ? 88  LEU B CB  1 
ATOM   1429 C CG  . LEU B 1 88 ? 0.787   1.723   0.247   1.00 31.87 ? 88  LEU B CG  1 
ATOM   1430 C CD1 . LEU B 1 88 ? -0.096  1.460   -0.958  1.00 33.71 ? 88  LEU B CD1 1 
ATOM   1431 C CD2 . LEU B 1 88 ? 2.250   1.451   -0.131  1.00 34.63 ? 88  LEU B CD2 1 
ATOM   1432 N N   . SER B 1 89 ? 2.399   6.021   1.813   1.00 33.06 ? 89  SER B N   1 
ATOM   1433 C CA  . SER B 1 89 ? 2.232   7.438   2.099   1.00 37.15 ? 89  SER B CA  1 
ATOM   1434 C C   . SER B 1 89 ? 3.005   8.415   1.215   1.00 39.22 ? 89  SER B C   1 
ATOM   1435 O O   . SER B 1 89 ? 3.573   7.999   0.180   1.00 40.09 ? 89  SER B O   1 
ATOM   1436 C CB  . SER B 1 89 ? 2.593   7.692   3.564   1.00 35.91 ? 89  SER B CB  1 
ATOM   1437 O OG  . SER B 1 89 ? 3.944   7.333   3.804   1.00 38.37 ? 89  SER B OG  1 
ATOM   1438 O OXT . SER B 1 89 ? 3.009   9.611   1.575   1.00 42.13 ? 89  SER B OXT 1 
HETATM 1439 O O   . HOH C 2 .  ? -21.728 8.102   -7.078  1.00 27.15 ? 90  HOH A O   1 
HETATM 1440 O O   . HOH C 2 .  ? -2.310  -0.997  -6.108  1.00 32.23 ? 91  HOH A O   1 
HETATM 1441 O O   . HOH C 2 .  ? -19.428 10.473  -2.269  1.00 18.34 ? 92  HOH A O   1 
HETATM 1442 O O   . HOH C 2 .  ? -17.428 -9.946  -4.517  1.00 34.86 ? 93  HOH A O   1 
HETATM 1443 O O   . HOH C 2 .  ? -25.180 4.081   -1.936  1.00 22.74 ? 94  HOH A O   1 
HETATM 1444 O O   . HOH C 2 .  ? -12.875 15.115  -3.001  1.00 32.57 ? 95  HOH A O   1 
HETATM 1445 O O   . HOH C 2 .  ? -29.831 5.611   -1.266  1.00 58.64 ? 96  HOH A O   1 
HETATM 1446 O O   . HOH C 2 .  ? -19.487 9.105   -6.691  1.00 26.28 ? 97  HOH A O   1 
HETATM 1447 O O   . HOH C 2 .  ? 0.151   12.126  -2.755  1.00 37.36 ? 98  HOH A O   1 
HETATM 1448 O O   . HOH C 2 .  ? -5.114  -10.721 5.987   1.00 39.64 ? 99  HOH A O   1 
HETATM 1449 O O   . HOH C 2 .  ? -2.806  11.355  4.665   1.00 39.77 ? 100 HOH A O   1 
HETATM 1450 O O   . HOH C 2 .  ? -14.913 -3.193  8.133   1.00 32.55 ? 101 HOH A O   1 
HETATM 1451 O O   . HOH C 2 .  ? -5.266  16.362  -1.012  1.00 31.03 ? 102 HOH A O   1 
HETATM 1452 O O   . HOH C 2 .  ? -27.471 2.521   1.726   1.00 55.17 ? 103 HOH A O   1 
HETATM 1453 O O   . HOH C 2 .  ? -8.886  -0.272  -10.107 1.00 29.93 ? 104 HOH A O   1 
HETATM 1454 O O   . HOH C 2 .  ? -8.574  -11.797 11.376  1.00 49.15 ? 105 HOH A O   1 
HETATM 1455 O O   . HOH C 2 .  ? -13.746 10.953  7.337   1.00 50.77 ? 106 HOH A O   1 
HETATM 1456 O O   . HOH C 2 .  ? -11.967 10.460  11.621  1.00 38.27 ? 107 HOH A O   1 
HETATM 1457 O O   . HOH C 2 .  ? -22.720 8.202   4.012   1.00 32.10 ? 108 HOH A O   1 
HETATM 1458 O O   . HOH C 2 .  ? -16.619 12.662  3.014   1.00 47.18 ? 109 HOH A O   1 
HETATM 1459 O O   . HOH C 2 .  ? -18.035 0.589   8.872   1.00 49.06 ? 110 HOH A O   1 
HETATM 1460 O O   . HOH C 2 .  ? -14.220 -13.042 10.037  1.00 46.24 ? 111 HOH A O   1 
HETATM 1461 O O   . HOH C 2 .  ? -20.473 7.937   8.386   1.00 38.28 ? 112 HOH A O   1 
HETATM 1462 O O   . HOH C 2 .  ? -30.977 4.356   -3.608  1.00 50.52 ? 113 HOH A O   1 
HETATM 1463 O O   . HOH C 2 .  ? 0.956   4.142   -3.417  1.00 36.60 ? 114 HOH A O   1 
HETATM 1464 O O   . HOH C 2 .  ? -0.620  3.086   -9.148  1.00 44.05 ? 115 HOH A O   1 
HETATM 1465 O O   . HOH C 2 .  ? -20.206 10.184  -4.636  1.00 32.28 ? 116 HOH A O   1 
HETATM 1466 O O   . HOH C 2 .  ? -14.101 13.504  3.402   1.00 41.80 ? 117 HOH A O   1 
HETATM 1467 O O   . HOH C 2 .  ? -21.631 5.688   -11.311 1.00 59.38 ? 118 HOH A O   1 
HETATM 1468 O O   . HOH C 2 .  ? -17.569 5.648   11.250  1.00 51.46 ? 119 HOH A O   1 
HETATM 1469 O O   . HOH C 2 .  ? -6.873  18.072  -2.601  1.00 48.04 ? 120 HOH A O   1 
HETATM 1470 O O   . HOH C 2 .  ? 1.447   2.918   -7.683  1.00 51.89 ? 121 HOH A O   1 
HETATM 1471 O O   . HOH C 2 .  ? -12.977 -15.101 -9.308  1.00 29.84 ? 122 HOH A O   1 
HETATM 1472 O O   . HOH C 2 .  ? -16.826 -4.489  7.270   1.00 34.87 ? 123 HOH A O   1 
HETATM 1473 O O   . HOH C 2 .  ? -12.970 -11.471 4.411   1.00 36.37 ? 124 HOH A O   1 
HETATM 1474 O O   . HOH C 2 .  ? -11.989 -12.377 -9.846  1.00 51.04 ? 125 HOH A O   1 
HETATM 1475 O O   . HOH C 2 .  ? -22.437 9.767   6.293   1.00 44.32 ? 126 HOH A O   1 
HETATM 1476 O O   . HOH C 2 .  ? -4.805  -13.861 4.766   1.00 46.22 ? 127 HOH A O   1 
HETATM 1477 O O   . HOH C 2 .  ? -11.278 12.808  -12.867 1.00 40.28 ? 128 HOH A O   1 
HETATM 1478 O O   . HOH C 2 .  ? 0.573   5.943   -5.703  1.00 43.45 ? 129 HOH A O   1 
HETATM 1479 O O   . HOH C 2 .  ? -13.445 4.338   12.315  1.00 43.07 ? 130 HOH A O   1 
HETATM 1480 O O   . HOH C 2 .  ? -20.760 -7.643  -4.680  1.00 44.49 ? 131 HOH A O   1 
HETATM 1481 O O   . HOH C 2 .  ? -15.327 -0.894  9.453   1.00 34.44 ? 132 HOH A O   1 
HETATM 1482 O O   . HOH C 2 .  ? -20.278 8.539   -10.071 1.00 46.37 ? 133 HOH A O   1 
HETATM 1483 O O   . HOH C 2 .  ? -16.391 11.509  -13.865 1.00 43.72 ? 134 HOH A O   1 
HETATM 1484 O O   . HOH C 2 .  ? -4.649  18.191  1.177   1.00 46.39 ? 135 HOH A O   1 
HETATM 1485 O O   . HOH D 2 .  ? 4.200   -3.550  15.140  1.00 32.18 ? 90  HOH B O   1 
HETATM 1486 O O   . HOH D 2 .  ? 20.063  -8.996  4.564   1.00 41.58 ? 91  HOH B O   1 
HETATM 1487 O O   . HOH D 2 .  ? -0.749  -5.854  1.223   1.00 33.18 ? 92  HOH B O   1 
HETATM 1488 O O   . HOH D 2 .  ? 20.368  13.608  -7.667  1.00 29.58 ? 93  HOH B O   1 
HETATM 1489 O O   . HOH D 2 .  ? 32.957  -8.625  5.429   1.00 38.48 ? 94  HOH B O   1 
HETATM 1490 O O   . HOH D 2 .  ? 15.731  -5.144  -8.293  1.00 40.76 ? 95  HOH B O   1 
HETATM 1491 O O   . HOH D 2 .  ? 22.199  -11.168 -0.752  1.00 29.63 ? 96  HOH B O   1 
HETATM 1492 O O   . HOH D 2 .  ? 0.528   10.554  1.950   1.00 41.79 ? 97  HOH B O   1 
HETATM 1493 O O   . HOH D 2 .  ? 23.192  1.277   1.915   1.00 36.59 ? 98  HOH B O   1 
HETATM 1494 O O   . HOH D 2 .  ? 13.448  -12.669 8.385   1.00 31.04 ? 99  HOH B O   1 
HETATM 1495 O O   . HOH D 2 .  ? 17.027  -16.995 3.662   1.00 40.59 ? 100 HOH B O   1 
HETATM 1496 O O   . HOH D 2 .  ? 15.868  -19.269 6.224   1.00 45.02 ? 101 HOH B O   1 
HETATM 1497 O O   . HOH D 2 .  ? 24.814  -4.744  -0.646  1.00 37.66 ? 102 HOH B O   1 
HETATM 1498 O O   . HOH D 2 .  ? 5.621   1.614   -6.120  1.00 36.02 ? 103 HOH B O   1 
HETATM 1499 O O   . HOH D 2 .  ? 16.217  -7.129  -9.831  1.00 51.67 ? 104 HOH B O   1 
HETATM 1500 O O   . HOH D 2 .  ? 1.737   14.104  -7.351  1.00 55.87 ? 105 HOH B O   1 
HETATM 1501 O O   . HOH D 2 .  ? 20.043  -16.569 5.808   1.00 47.55 ? 106 HOH B O   1 
HETATM 1502 O O   . HOH D 2 .  ? 19.124  -18.470 -3.312  1.00 46.26 ? 107 HOH B O   1 
HETATM 1503 O O   . HOH D 2 .  ? 19.851  15.886  -6.062  1.00 50.58 ? 108 HOH B O   1 
HETATM 1504 O O   . HOH D 2 .  ? 13.921  -18.865 7.766   1.00 47.43 ? 109 HOH B O   1 
HETATM 1505 O O   . HOH D 2 .  ? 4.468   -4.776  12.064  1.00 37.13 ? 110 HOH B O   1 
HETATM 1506 O O   . HOH D 2 .  ? -0.143  -3.736  11.915  1.00 37.92 ? 111 HOH B O   1 
HETATM 1507 O O   . HOH D 2 .  ? 14.872  -16.092 -3.564  1.00 39.86 ? 112 HOH B O   1 
HETATM 1508 O O   . HOH D 2 .  ? 5.634   8.094   -19.069 1.00 57.35 ? 113 HOH B O   1 
# 
